data_4PG3
#
_entry.id   4PG3
#
_cell.length_a   297.913
_cell.length_b   59.027
_cell.length_c   141.457
_cell.angle_alpha   90.00
_cell.angle_beta   90.00
_cell.angle_gamma   90.00
#
_symmetry.space_group_name_H-M   'P 21 21 2'
#
loop_
_entity.id
_entity.type
_entity.pdbx_description
1 polymer 'Lysine--tRNA ligase'
2 non-polymer LYSINE
3 non-polymer cladosporin
4 water water
#
_entity_poly.entity_id   1
_entity_poly.type   'polypeptide(L)'
_entity_poly.pdbx_seq_one_letter_code
;EVDPRLYFENRSKFIQDQKDKGINPYPHKFERTISIPEFIEKYKDLGNGEHLEDTILNITGRIMRVSASGQKLRFFDLVG
DGEKIQVLANYSFHNHEKGNFAECYDKIRRGDIVGIVGFPGKSKKGELSIFPKETILLSACLHMLPMKYGLKDTEIRYRQ
RYLDLLINESSRHTFVTRTKIINFLRNFLNERGFFEVETPMMNLIAGGANARPFITHHNDLDLDLYLRIATELPLKMLIV
GGIDKVYEIGKVFRNEGIDNTHNPEFTSCEFYWAYADYNDLIKWSEDFFSQLVYHLFGTYKISYNKDGPENQPIEIDFTP
PYPKVSIVEEIEKVTNTILEQPFDSNETIEKMINIIKEHKIELPNPPTAAKLLDQLASHFIENKYNDKPFFIVEHPQIMS
PLAKYHRTKPGLTERLEMFICGKEVLNAYTELNDPFKQKECFKLQQKDREKGDTEAAQLDSAFCTSLEYGLPPTGGLGLG
IDRITMFLTNKNSIKDVILFPTMRPAN
;
_entity_poly.pdbx_strand_id   A,B,C,D
#
loop_
_chem_comp.id
_chem_comp.type
_chem_comp.name
_chem_comp.formula
KRS non-polymer cladosporin 'C16 H20 O5'
#
# COMPACT_ATOMS: atom_id res chain seq x y z
N PRO A 4 -35.55 62.37 16.62
CA PRO A 4 -35.51 60.90 16.50
C PRO A 4 -35.33 60.45 15.06
N ARG A 5 -36.40 60.49 14.28
CA ARG A 5 -36.30 60.22 12.84
C ARG A 5 -35.57 61.38 12.17
N LEU A 6 -35.73 62.56 12.74
CA LEU A 6 -35.09 63.77 12.25
C LEU A 6 -33.57 63.74 12.48
N TYR A 7 -33.17 63.23 13.64
CA TYR A 7 -31.76 63.12 13.99
C TYR A 7 -31.00 62.33 12.94
N PHE A 8 -31.55 61.17 12.58
CA PHE A 8 -30.92 60.31 11.57
C PHE A 8 -30.85 60.99 10.21
N GLU A 9 -31.92 61.70 9.85
CA GLU A 9 -31.97 62.39 8.57
C GLU A 9 -30.90 63.49 8.50
N ASN A 10 -30.74 64.22 9.60
CA ASN A 10 -29.73 65.27 9.69
C ASN A 10 -28.33 64.71 9.56
N ARG A 11 -28.03 63.69 10.34
CA ARG A 11 -26.72 63.03 10.28
C ARG A 11 -26.49 62.44 8.90
N SER A 12 -27.54 61.88 8.30
CA SER A 12 -27.47 61.36 6.94
C SER A 12 -27.09 62.45 5.96
N LYS A 13 -27.68 63.63 6.15
CA LYS A 13 -27.36 64.80 5.33
C LYS A 13 -25.94 65.26 5.58
N PHE A 14 -25.56 65.35 6.85
CA PHE A 14 -24.21 65.75 7.24
C PHE A 14 -23.14 64.91 6.56
N ILE A 15 -23.37 63.59 6.51
CA ILE A 15 -22.44 62.69 5.83
C ILE A 15 -22.31 63.08 4.36
N GLN A 16 -23.46 63.29 3.72
CA GLN A 16 -23.49 63.68 2.31
C GLN A 16 -22.85 65.04 2.09
N ASP A 17 -23.12 65.99 3.00
CA ASP A 17 -22.54 67.32 2.92
C ASP A 17 -21.02 67.26 3.02
N GLN A 18 -20.52 66.39 3.88
CA GLN A 18 -19.08 66.23 4.05
C GLN A 18 -18.43 65.69 2.78
N LYS A 19 -19.11 64.76 2.12
CA LYS A 19 -18.61 64.17 0.89
C LYS A 19 -18.52 65.21 -0.22
N ASP A 20 -19.52 66.09 -0.28
CA ASP A 20 -19.56 67.16 -1.27
C ASP A 20 -18.35 68.08 -1.08
N LYS A 21 -17.92 68.25 0.16
CA LYS A 21 -16.79 69.11 0.48
C LYS A 21 -15.45 68.39 0.31
N GLY A 22 -15.49 67.18 -0.26
CA GLY A 22 -14.28 66.43 -0.54
C GLY A 22 -13.69 65.72 0.67
N ILE A 23 -14.42 65.73 1.78
CA ILE A 23 -13.96 65.05 2.98
C ILE A 23 -14.49 63.62 3.02
N ASN A 24 -13.63 62.68 3.42
CA ASN A 24 -14.05 61.29 3.54
C ASN A 24 -14.48 60.97 4.96
N PRO A 25 -15.80 60.88 5.18
CA PRO A 25 -16.37 60.56 6.49
C PRO A 25 -16.10 59.11 6.89
N TYR A 26 -15.64 58.32 5.92
CA TYR A 26 -15.33 56.91 6.13
C TYR A 26 -13.98 56.52 5.54
N PRO A 27 -12.89 57.05 6.11
CA PRO A 27 -11.52 56.76 5.66
C PRO A 27 -11.15 55.28 5.75
N HIS A 28 -10.26 54.83 4.86
CA HIS A 28 -9.90 53.42 4.76
C HIS A 28 -9.02 52.93 5.92
N LYS A 29 -7.91 53.62 6.13
CA LYS A 29 -6.95 53.16 7.14
C LYS A 29 -6.43 54.29 8.01
N PHE A 30 -6.49 54.06 9.31
CA PHE A 30 -5.92 54.97 10.30
C PHE A 30 -4.97 54.16 11.17
N GLU A 31 -3.68 54.35 10.97
CA GLU A 31 -2.69 53.56 11.71
C GLU A 31 -2.56 54.08 13.14
N ARG A 32 -3.13 53.34 14.08
CA ARG A 32 -3.03 53.72 15.49
C ARG A 32 -1.82 53.06 16.14
N THR A 33 -1.27 53.72 17.16
CA THR A 33 -0.01 53.29 17.74
C THR A 33 -0.18 52.65 19.13
N ILE A 34 -1.35 52.83 19.73
CA ILE A 34 -1.60 52.29 21.06
C ILE A 34 -3.10 52.16 21.34
N SER A 35 -3.47 51.13 22.09
CA SER A 35 -4.87 50.91 22.46
C SER A 35 -5.21 51.66 23.74
N ILE A 36 -6.49 51.98 23.92
CA ILE A 36 -6.96 52.71 25.09
C ILE A 36 -6.56 52.04 26.41
N PRO A 37 -6.78 50.72 26.54
CA PRO A 37 -6.31 50.02 27.74
C PRO A 37 -4.80 50.12 27.93
N GLU A 38 -4.04 49.99 26.83
CA GLU A 38 -2.59 50.15 26.87
C GLU A 38 -2.20 51.56 27.30
N PHE A 39 -2.95 52.53 26.79
CA PHE A 39 -2.75 53.94 27.10
C PHE A 39 -2.90 54.21 28.59
N ILE A 40 -3.97 53.69 29.16
CA ILE A 40 -4.26 53.86 30.57
C ILE A 40 -3.17 53.23 31.44
N GLU A 41 -2.69 52.06 31.00
CA GLU A 41 -1.69 51.32 31.77
C GLU A 41 -0.34 52.03 31.77
N LYS A 42 -0.03 52.72 30.69
CA LYS A 42 1.28 53.34 30.50
C LYS A 42 1.34 54.76 31.03
N TYR A 43 0.19 55.36 31.32
CA TYR A 43 0.15 56.77 31.70
C TYR A 43 -0.79 57.10 32.87
N LYS A 44 -1.29 56.08 33.56
CA LYS A 44 -2.23 56.33 34.65
C LYS A 44 -1.58 56.99 35.86
N ASP A 45 -0.26 56.88 35.95
CA ASP A 45 0.45 57.38 37.12
C ASP A 45 1.14 58.73 36.90
N LEU A 46 0.78 59.41 35.82
CA LEU A 46 1.28 60.77 35.58
C LEU A 46 0.82 61.71 36.69
N GLY A 47 1.61 62.75 36.94
CA GLY A 47 1.25 63.75 37.93
C GLY A 47 0.18 64.68 37.38
N ASN A 48 -0.67 65.18 38.26
CA ASN A 48 -1.76 66.06 37.84
C ASN A 48 -1.24 67.28 37.07
N GLY A 49 -1.79 67.49 35.88
CA GLY A 49 -1.39 68.60 35.03
C GLY A 49 -0.19 68.28 34.16
N GLU A 50 0.48 67.17 34.46
CA GLU A 50 1.68 66.77 33.72
C GLU A 50 1.38 66.46 32.25
N HIS A 51 2.19 67.02 31.36
CA HIS A 51 2.04 66.78 29.93
C HIS A 51 3.27 66.11 29.35
N LEU A 52 3.07 65.23 28.37
CA LEU A 52 4.16 64.68 27.57
C LEU A 52 4.00 65.16 26.14
N GLU A 53 4.17 66.47 25.96
CA GLU A 53 3.84 67.14 24.71
C GLU A 53 4.71 66.72 23.53
N ASP A 54 5.83 66.04 23.80
CA ASP A 54 6.72 65.59 22.72
C ASP A 54 6.36 64.19 22.24
N THR A 55 5.56 63.48 23.03
CA THR A 55 5.14 62.12 22.71
C THR A 55 3.87 62.10 21.89
N ILE A 56 4.01 62.00 20.56
CA ILE A 56 2.85 62.00 19.68
C ILE A 56 2.24 60.60 19.58
N LEU A 57 0.92 60.53 19.63
CA LEU A 57 0.22 59.25 19.62
C LEU A 57 -0.94 59.24 18.63
N ASN A 58 -1.20 58.07 18.06
CA ASN A 58 -2.40 57.84 17.28
C ASN A 58 -3.31 56.89 18.02
N ILE A 59 -4.48 57.37 18.42
CA ILE A 59 -5.39 56.58 19.24
C ILE A 59 -6.81 56.65 18.70
N THR A 60 -7.52 55.53 18.79
CA THR A 60 -8.92 55.48 18.33
C THR A 60 -9.86 55.13 19.47
N GLY A 61 -11.14 55.39 19.26
CA GLY A 61 -12.17 55.08 20.24
C GLY A 61 -13.51 55.60 19.80
N ARG A 62 -14.52 55.42 20.65
CA ARG A 62 -15.85 55.93 20.36
C ARG A 62 -16.23 57.00 21.37
N ILE A 63 -16.57 58.18 20.87
CA ILE A 63 -17.02 59.27 21.73
C ILE A 63 -18.33 58.92 22.41
N MET A 64 -18.31 58.81 23.73
CA MET A 64 -19.50 58.45 24.49
C MET A 64 -20.02 59.61 25.34
N ARG A 65 -19.35 60.75 25.25
CA ARG A 65 -19.77 61.92 26.00
C ARG A 65 -19.10 63.17 25.47
N VAL A 66 -19.89 64.20 25.17
CA VAL A 66 -19.32 65.47 24.75
C VAL A 66 -19.74 66.54 25.75
N SER A 67 -18.75 67.27 26.25
CA SER A 67 -18.99 68.29 27.27
C SER A 67 -19.38 69.60 26.62
N ALA A 68 -19.92 70.51 27.42
CA ALA A 68 -20.31 71.83 26.93
C ALA A 68 -19.12 72.52 26.25
N SER A 69 -19.30 72.84 24.98
CA SER A 69 -18.27 73.55 24.22
C SER A 69 -17.86 74.83 24.95
N GLY A 70 -16.63 74.85 25.45
CA GLY A 70 -16.11 76.03 26.13
C GLY A 70 -15.35 76.93 25.17
N GLN A 71 -14.90 78.05 25.68
CA GLN A 71 -14.13 78.96 24.87
C GLN A 71 -12.80 78.30 24.57
N LYS A 72 -12.74 77.51 23.51
CA LYS A 72 -11.49 76.85 23.17
C LYS A 72 -11.05 75.78 24.17
N LEU A 73 -11.97 74.94 24.57
CA LEU A 73 -11.68 73.87 25.47
C LEU A 73 -12.79 72.88 25.35
N ARG A 74 -12.49 71.74 24.79
CA ARG A 74 -13.52 70.75 24.54
C ARG A 74 -13.22 69.46 25.21
N PHE A 75 -14.19 68.93 25.89
CA PHE A 75 -14.01 67.67 26.60
C PHE A 75 -14.90 66.56 26.04
N PHE A 76 -14.34 65.35 25.98
CA PHE A 76 -15.06 64.18 25.52
C PHE A 76 -14.66 62.95 26.32
N ASP A 77 -15.56 61.97 26.39
CA ASP A 77 -15.18 60.65 26.87
C ASP A 77 -14.90 59.75 25.67
N LEU A 78 -13.80 59.02 25.72
CA LEU A 78 -13.43 58.11 24.63
C LEU A 78 -13.35 56.69 25.17
N VAL A 79 -14.03 55.75 24.49
CA VAL A 79 -14.07 54.38 24.96
C VAL A 79 -13.64 53.36 23.90
N GLY A 80 -12.88 52.36 24.36
CA GLY A 80 -12.47 51.26 23.51
C GLY A 80 -12.14 50.08 24.40
N ASP A 81 -12.47 48.87 23.94
CA ASP A 81 -12.18 47.66 24.70
C ASP A 81 -12.71 47.71 26.13
N GLY A 82 -13.80 48.44 26.33
CA GLY A 82 -14.46 48.49 27.62
C GLY A 82 -13.82 49.42 28.64
N GLU A 83 -12.92 50.29 28.18
CA GLU A 83 -12.28 51.24 29.07
C GLU A 83 -12.32 52.65 28.48
N LYS A 84 -12.23 53.66 29.34
CA LYS A 84 -12.39 55.04 28.89
C LYS A 84 -11.28 55.96 29.37
N ILE A 85 -10.89 56.89 28.50
CA ILE A 85 -10.01 58.00 28.87
C ILE A 85 -10.67 59.30 28.43
N GLN A 86 -10.14 60.43 28.90
CA GLN A 86 -10.72 61.72 28.56
C GLN A 86 -10.05 62.32 27.33
N VAL A 87 -10.85 62.96 26.49
CA VAL A 87 -10.31 63.72 25.36
C VAL A 87 -10.31 65.19 25.73
N LEU A 88 -9.14 65.78 25.84
CA LEU A 88 -9.06 67.20 26.19
C LEU A 88 -8.51 68.00 25.03
N ALA A 89 -9.42 68.42 24.14
CA ALA A 89 -9.06 69.26 23.02
C ALA A 89 -8.85 70.70 23.49
N ASN A 90 -7.64 71.20 23.30
CA ASN A 90 -7.30 72.55 23.69
C ASN A 90 -6.89 73.38 22.48
N TYR A 91 -7.35 74.62 22.42
CA TYR A 91 -7.06 75.49 21.28
C TYR A 91 -5.57 75.71 21.08
N SER A 92 -4.85 75.89 22.19
CA SER A 92 -3.42 76.11 22.17
C SER A 92 -2.68 75.02 21.40
N PHE A 93 -3.11 73.77 21.60
CA PHE A 93 -2.41 72.62 21.05
C PHE A 93 -2.93 72.22 19.67
N HIS A 94 -4.00 72.86 19.23
CA HIS A 94 -4.64 72.50 17.97
C HIS A 94 -3.76 72.80 16.76
N ASN A 95 -3.70 71.86 15.83
CA ASN A 95 -3.01 72.06 14.56
C ASN A 95 -3.93 72.80 13.60
N HIS A 96 -3.76 74.11 13.52
CA HIS A 96 -4.65 74.95 12.72
C HIS A 96 -4.44 74.78 11.22
N GLU A 97 -3.38 74.09 10.83
CA GLU A 97 -3.13 73.79 9.42
C GLU A 97 -4.23 72.89 8.86
N LYS A 98 -4.77 72.03 9.71
CA LYS A 98 -5.72 71.01 9.28
C LYS A 98 -7.16 71.50 9.22
N GLY A 99 -7.44 72.65 9.85
CA GLY A 99 -8.78 73.21 9.82
C GLY A 99 -9.15 74.04 11.04
N ASN A 100 -10.28 74.72 10.95
CA ASN A 100 -10.74 75.59 12.05
C ASN A 100 -11.12 74.77 13.28
N PHE A 101 -10.58 75.16 14.42
CA PHE A 101 -10.79 74.45 15.68
C PHE A 101 -12.26 74.19 15.98
N ALA A 102 -13.00 75.26 16.28
CA ALA A 102 -14.40 75.15 16.68
C ALA A 102 -15.25 74.44 15.61
N GLU A 103 -14.99 74.73 14.35
CA GLU A 103 -15.74 74.12 13.26
C GLU A 103 -15.55 72.61 13.24
N CYS A 104 -14.31 72.18 13.46
CA CYS A 104 -13.98 70.76 13.43
CA CYS A 104 -13.95 70.76 13.46
C CYS A 104 -14.69 69.99 14.55
N TYR A 105 -14.55 70.44 15.79
CA TYR A 105 -15.11 69.73 16.94
C TYR A 105 -16.61 69.93 17.10
N ASP A 106 -17.18 70.94 16.45
CA ASP A 106 -18.62 71.14 16.50
C ASP A 106 -19.32 70.04 15.71
N LYS A 107 -18.60 69.41 14.79
CA LYS A 107 -19.17 68.33 14.00
C LYS A 107 -19.37 67.07 14.83
N ILE A 108 -18.47 66.84 15.79
CA ILE A 108 -18.44 65.60 16.55
C ILE A 108 -19.71 65.36 17.35
N ARG A 109 -20.31 64.20 17.14
CA ARG A 109 -21.52 63.81 17.86
C ARG A 109 -21.24 62.59 18.73
N ARG A 110 -22.10 62.37 19.71
CA ARG A 110 -21.97 61.22 20.59
C ARG A 110 -22.16 59.94 19.79
N GLY A 111 -21.27 58.97 20.02
CA GLY A 111 -21.34 57.71 19.31
C GLY A 111 -20.33 57.63 18.19
N ASP A 112 -19.87 58.79 17.73
CA ASP A 112 -18.92 58.87 16.63
C ASP A 112 -17.63 58.12 16.95
N ILE A 113 -17.13 57.40 15.95
CA ILE A 113 -15.84 56.74 16.06
C ILE A 113 -14.78 57.63 15.43
N VAL A 114 -13.84 58.10 16.25
CA VAL A 114 -12.82 59.02 15.77
C VAL A 114 -11.40 58.50 15.98
N GLY A 115 -10.49 58.99 15.15
CA GLY A 115 -9.07 58.72 15.31
C GLY A 115 -8.35 60.01 15.67
N ILE A 116 -7.55 59.96 16.73
CA ILE A 116 -6.94 61.16 17.27
C ILE A 116 -5.41 61.14 17.20
N VAL A 117 -4.83 62.24 16.73
CA VAL A 117 -3.40 62.45 16.80
C VAL A 117 -3.10 63.44 17.90
N GLY A 118 -2.46 62.98 18.99
CA GLY A 118 -2.18 63.84 20.11
C GLY A 118 -1.17 63.28 21.09
N PHE A 119 -1.07 63.90 22.26
CA PHE A 119 -0.14 63.48 23.29
C PHE A 119 -0.86 63.19 24.59
N PRO A 120 -0.24 62.38 25.46
CA PRO A 120 -0.85 61.97 26.73
C PRO A 120 -0.60 62.99 27.83
N GLY A 121 -1.51 63.05 28.80
CA GLY A 121 -1.37 63.97 29.91
C GLY A 121 -2.56 63.90 30.84
N LYS A 122 -2.46 64.55 31.99
CA LYS A 122 -3.57 64.65 32.90
C LYS A 122 -4.10 66.08 32.96
N SER A 123 -5.38 66.22 33.26
CA SER A 123 -5.95 67.54 33.52
C SER A 123 -5.48 68.00 34.88
N LYS A 124 -5.66 69.28 35.19
CA LYS A 124 -5.26 69.82 36.47
C LYS A 124 -5.93 69.06 37.61
N LYS A 125 -7.17 68.62 37.35
CA LYS A 125 -7.92 67.83 38.34
C LYS A 125 -7.38 66.41 38.47
N GLY A 126 -6.49 66.02 37.55
CA GLY A 126 -5.84 64.71 37.62
C GLY A 126 -6.49 63.64 36.79
N GLU A 127 -7.35 64.04 35.84
CA GLU A 127 -8.02 63.09 34.97
C GLU A 127 -7.12 62.73 33.79
N LEU A 128 -6.83 61.44 33.64
CA LEU A 128 -6.00 60.98 32.54
C LEU A 128 -6.69 61.30 31.22
N SER A 129 -5.94 61.91 30.31
CA SER A 129 -6.53 62.42 29.08
C SER A 129 -5.60 62.30 27.89
N ILE A 130 -6.19 62.32 26.70
CA ILE A 130 -5.42 62.49 25.49
C ILE A 130 -5.67 63.91 24.97
N PHE A 131 -4.60 64.62 24.64
CA PHE A 131 -4.70 65.97 24.11
C PHE A 131 -4.47 65.93 22.61
N PRO A 132 -5.53 66.11 21.82
CA PRO A 132 -5.40 66.07 20.37
C PRO A 132 -4.78 67.33 19.76
N LYS A 133 -3.96 67.11 18.73
CA LYS A 133 -3.54 68.17 17.83
C LYS A 133 -4.43 68.12 16.60
N GLU A 134 -5.00 66.94 16.36
CA GLU A 134 -5.90 66.71 15.24
C GLU A 134 -6.86 65.57 15.55
N THR A 135 -8.10 65.69 15.08
CA THR A 135 -9.10 64.65 15.29
C THR A 135 -9.85 64.35 14.00
N ILE A 136 -9.75 63.10 13.55
CA ILE A 136 -10.39 62.68 12.32
C ILE A 136 -11.62 61.83 12.61
N LEU A 137 -12.66 62.01 11.80
CA LEU A 137 -13.84 61.17 11.88
C LEU A 137 -13.63 59.88 11.09
N LEU A 138 -13.80 58.74 11.76
CA LEU A 138 -13.53 57.45 11.12
C LEU A 138 -14.82 56.74 10.74
N SER A 139 -15.82 56.82 11.61
CA SER A 139 -17.13 56.24 11.32
C SER A 139 -18.18 56.85 12.24
N ALA A 140 -19.16 57.53 11.65
CA ALA A 140 -20.15 58.28 12.41
C ALA A 140 -21.29 57.42 12.92
N CYS A 141 -21.86 57.83 14.05
CA CYS A 141 -23.07 57.22 14.58
C CYS A 141 -24.29 58.04 14.16
N LEU A 142 -25.11 57.47 13.28
CA LEU A 142 -26.20 58.20 12.65
C LEU A 142 -27.48 58.22 13.50
N HIS A 143 -27.53 57.35 14.51
CA HIS A 143 -28.67 57.31 15.41
C HIS A 143 -28.29 57.85 16.78
N MET A 144 -29.29 58.09 17.61
CA MET A 144 -29.02 58.55 18.96
C MET A 144 -28.90 57.35 19.89
N LEU A 145 -27.72 57.17 20.48
CA LEU A 145 -27.49 56.11 21.44
C LEU A 145 -28.26 56.34 22.73
N PRO A 146 -28.73 55.26 23.36
CA PRO A 146 -29.37 55.40 24.68
C PRO A 146 -28.37 55.89 25.72
N MET A 147 -28.84 56.61 26.72
CA MET A 147 -27.97 57.02 27.81
C MET A 147 -27.68 55.82 28.72
N LYS A 148 -26.65 55.93 29.55
CA LYS A 148 -26.35 54.88 30.52
C LYS A 148 -27.55 54.72 31.45
N TYR A 149 -27.87 53.47 31.78
CA TYR A 149 -29.05 53.14 32.57
C TYR A 149 -30.34 53.35 31.77
N GLY A 150 -30.18 53.66 30.49
CA GLY A 150 -31.32 53.91 29.62
C GLY A 150 -31.79 52.65 28.90
N LEU A 151 -30.90 51.67 28.78
CA LEU A 151 -31.19 50.44 28.03
C LEU A 151 -31.48 49.28 28.97
N THR A 154 -35.23 45.80 28.28
CA THR A 154 -35.96 45.75 27.01
C THR A 154 -35.52 44.58 26.14
N GLU A 155 -36.28 44.31 25.09
CA GLU A 155 -35.91 43.29 24.12
C GLU A 155 -34.85 43.81 23.15
N ILE A 156 -34.48 45.08 23.32
CA ILE A 156 -33.46 45.69 22.48
C ILE A 156 -32.09 45.05 22.74
N ARG A 157 -31.86 44.70 24.00
CA ARG A 157 -30.64 44.02 24.42
C ARG A 157 -30.37 42.75 23.62
N TYR A 158 -31.44 42.03 23.29
CA TYR A 158 -31.32 40.75 22.61
C TYR A 158 -31.35 40.91 21.09
N ARG A 159 -32.11 41.90 20.61
CA ARG A 159 -32.23 42.15 19.19
C ARG A 159 -31.10 43.04 18.69
N GLN A 160 -30.69 43.98 19.53
CA GLN A 160 -29.54 44.83 19.22
C GLN A 160 -28.47 44.69 20.28
N ARG A 161 -27.78 43.56 20.25
CA ARG A 161 -26.77 43.24 21.26
C ARG A 161 -25.61 44.22 21.29
N TYR A 162 -25.31 44.80 20.12
CA TYR A 162 -24.21 45.75 20.04
C TYR A 162 -24.48 47.00 20.88
N LEU A 163 -25.76 47.36 21.03
CA LEU A 163 -26.11 48.50 21.87
C LEU A 163 -25.95 48.15 23.34
N ASP A 164 -26.28 46.91 23.69
CA ASP A 164 -26.10 46.42 25.06
C ASP A 164 -24.62 46.45 25.44
N LEU A 165 -23.77 46.03 24.50
CA LEU A 165 -22.33 45.94 24.75
C LEU A 165 -21.66 47.30 24.87
N LEU A 166 -22.21 48.29 24.18
CA LEU A 166 -21.67 49.66 24.25
C LEU A 166 -22.07 50.37 25.55
N ILE A 167 -23.33 50.22 25.94
CA ILE A 167 -23.88 50.99 27.06
C ILE A 167 -23.78 50.29 28.40
N ASN A 168 -24.21 49.04 28.45
CA ASN A 168 -24.25 48.29 29.72
C ASN A 168 -22.92 47.60 30.00
N GLU A 169 -22.24 48.05 31.05
CA GLU A 169 -20.90 47.57 31.36
C GLU A 169 -20.91 46.08 31.70
N SER A 170 -21.95 45.65 32.41
CA SER A 170 -22.07 44.26 32.84
C SER A 170 -22.18 43.31 31.67
N SER A 171 -22.58 43.85 30.52
CA SER A 171 -22.78 43.04 29.32
C SER A 171 -21.48 42.40 28.84
N ARG A 172 -20.47 43.24 28.61
CA ARG A 172 -19.16 42.77 28.20
C ARG A 172 -18.59 41.78 29.21
N HIS A 173 -18.74 42.08 30.49
CA HIS A 173 -18.22 41.21 31.52
C HIS A 173 -18.84 39.82 31.43
N THR A 174 -20.16 39.78 31.22
CA THR A 174 -20.89 38.52 31.16
C THR A 174 -20.36 37.62 30.05
N PHE A 175 -20.15 38.20 28.88
CA PHE A 175 -19.73 37.40 27.73
C PHE A 175 -18.24 37.10 27.75
N VAL A 176 -17.48 37.94 28.46
CA VAL A 176 -16.07 37.65 28.69
C VAL A 176 -15.93 36.44 29.60
N THR A 177 -16.78 36.39 30.64
CA THR A 177 -16.80 35.26 31.55
C THR A 177 -17.18 33.98 30.81
N ARG A 178 -18.15 34.07 29.89
CA ARG A 178 -18.56 32.93 29.11
C ARG A 178 -17.37 32.31 28.37
N THR A 179 -16.60 33.15 27.70
CA THR A 179 -15.42 32.67 26.98
C THR A 179 -14.38 32.13 27.95
N LYS A 180 -14.17 32.82 29.07
CA LYS A 180 -13.25 32.33 30.10
C LYS A 180 -13.67 30.95 30.57
N ILE A 181 -14.97 30.73 30.70
CA ILE A 181 -15.50 29.44 31.11
C ILE A 181 -15.16 28.34 30.09
N ILE A 182 -15.45 28.60 28.82
CA ILE A 182 -15.20 27.60 27.79
C ILE A 182 -13.71 27.36 27.61
N ASN A 183 -12.92 28.43 27.63
CA ASN A 183 -11.46 28.32 27.63
C ASN A 183 -10.97 27.39 28.73
N PHE A 184 -11.44 27.63 29.94
CA PHE A 184 -11.04 26.83 31.10
C PHE A 184 -11.39 25.38 30.89
N LEU A 185 -12.62 25.14 30.43
CA LEU A 185 -13.09 23.79 30.14
C LEU A 185 -12.16 23.10 29.13
N ARG A 186 -11.83 23.81 28.06
CA ARG A 186 -10.98 23.23 27.02
C ARG A 186 -9.62 22.84 27.58
N ASN A 187 -9.00 23.73 28.35
CA ASN A 187 -7.69 23.44 28.92
C ASN A 187 -7.78 22.32 29.96
N PHE A 188 -8.87 22.29 30.70
CA PHE A 188 -9.10 21.26 31.72
C PHE A 188 -9.10 19.87 31.09
N LEU A 189 -9.83 19.72 29.99
CA LEU A 189 -9.89 18.44 29.29
C LEU A 189 -8.58 18.16 28.55
N ASN A 190 -7.96 19.20 27.99
CA ASN A 190 -6.71 19.02 27.27
C ASN A 190 -5.54 18.61 28.18
N GLU A 191 -5.47 19.23 29.36
CA GLU A 191 -4.41 18.92 30.33
C GLU A 191 -4.47 17.46 30.80
N ARG A 192 -5.61 16.81 30.61
CA ARG A 192 -5.79 15.45 31.09
C ARG A 192 -5.82 14.43 29.95
N GLY A 193 -5.29 14.83 28.79
CA GLY A 193 -5.09 13.92 27.68
C GLY A 193 -6.26 13.75 26.75
N PHE A 194 -7.22 14.67 26.82
CA PHE A 194 -8.41 14.54 25.97
C PHE A 194 -8.19 15.17 24.61
N PHE A 195 -8.86 14.60 23.61
CA PHE A 195 -8.67 14.97 22.23
C PHE A 195 -9.97 15.55 21.67
N GLU A 196 -9.94 16.80 21.22
CA GLU A 196 -11.13 17.50 20.75
CA GLU A 196 -11.17 17.44 20.76
C GLU A 196 -11.40 17.20 19.28
N VAL A 197 -12.64 16.83 18.96
CA VAL A 197 -13.02 16.48 17.61
C VAL A 197 -14.28 17.21 17.17
N GLU A 198 -14.65 17.05 15.91
CA GLU A 198 -15.91 17.58 15.38
C GLU A 198 -16.70 16.46 14.73
N THR A 199 -17.93 16.26 15.18
CA THR A 199 -18.83 15.29 14.57
C THR A 199 -19.86 16.05 13.74
N PRO A 200 -20.64 15.32 12.93
CA PRO A 200 -21.60 15.97 12.01
C PRO A 200 -22.75 16.67 12.72
N MET A 201 -23.12 17.84 12.20
CA MET A 201 -24.32 18.55 12.64
C MET A 201 -25.57 17.93 12.03
N MET A 202 -25.41 17.37 10.83
CA MET A 202 -26.52 16.79 10.09
C MET A 202 -26.37 15.29 9.96
N ASN A 203 -27.44 14.56 10.29
CA ASN A 203 -27.39 13.10 10.30
C ASN A 203 -28.71 12.51 9.82
N LEU A 204 -28.67 11.25 9.40
CA LEU A 204 -29.86 10.55 8.92
C LEU A 204 -30.82 10.28 10.06
N ILE A 205 -30.31 10.33 11.29
CA ILE A 205 -31.13 10.14 12.49
C ILE A 205 -30.71 11.15 13.55
N ALA A 206 -31.37 11.12 14.71
CA ALA A 206 -31.09 12.09 15.75
C ALA A 206 -31.22 11.51 17.16
N GLY A 207 -30.14 10.90 17.62
CA GLY A 207 -29.99 10.55 19.03
C GLY A 207 -28.80 11.35 19.50
N GLY A 208 -28.38 11.16 20.76
CA GLY A 208 -29.07 10.30 21.69
C GLY A 208 -29.54 11.13 22.86
N ALA A 209 -30.84 11.40 22.86
CA ALA A 209 -31.51 12.16 23.93
C ALA A 209 -32.99 12.16 23.59
N ASN A 210 -33.82 12.61 24.53
CA ASN A 210 -35.25 12.65 24.25
C ASN A 210 -35.68 14.07 23.88
N ALA A 211 -35.72 14.35 22.59
CA ALA A 211 -36.10 15.68 22.11
C ALA A 211 -36.43 15.67 20.62
N ARG A 212 -37.47 16.41 20.26
CA ARG A 212 -37.85 16.60 18.87
C ARG A 212 -36.73 17.31 18.11
N PRO A 213 -36.34 16.78 16.95
CA PRO A 213 -35.25 17.34 16.15
C PRO A 213 -35.69 18.41 15.14
N PHE A 214 -34.74 19.23 14.71
CA PHE A 214 -34.93 20.08 13.53
C PHE A 214 -34.70 19.21 12.30
N ILE A 215 -35.52 19.38 11.27
CA ILE A 215 -35.29 18.65 10.04
C ILE A 215 -35.11 19.62 8.88
N THR A 216 -34.13 19.33 8.04
CA THR A 216 -33.84 20.16 6.88
C THR A 216 -33.59 19.26 5.67
N HIS A 217 -33.34 19.85 4.51
CA HIS A 217 -33.25 19.07 3.28
C HIS A 217 -32.02 19.42 2.44
N HIS A 218 -31.32 18.41 1.99
CA HIS A 218 -30.22 18.64 1.12
C HIS A 218 -30.57 18.44 -0.32
N ASN A 219 -30.38 19.48 -1.11
CA ASN A 219 -30.96 19.54 -2.45
C ASN A 219 -30.39 18.54 -3.45
N ASP A 220 -29.07 18.58 -3.67
CA ASP A 220 -28.46 17.74 -4.71
C ASP A 220 -28.45 16.26 -4.35
N LEU A 221 -28.30 15.94 -3.06
CA LEU A 221 -28.44 14.56 -2.61
C LEU A 221 -29.92 14.17 -2.54
N ASP A 222 -30.79 15.18 -2.55
CA ASP A 222 -32.22 14.98 -2.39
C ASP A 222 -32.49 14.14 -1.14
N LEU A 223 -32.04 14.66 0.00
CA LEU A 223 -32.02 13.90 1.24
C LEU A 223 -32.53 14.75 2.39
N ASP A 224 -33.35 14.17 3.26
CA ASP A 224 -33.84 14.87 4.44
C ASP A 224 -32.95 14.59 5.64
N LEU A 225 -32.31 15.62 6.16
CA LEU A 225 -31.35 15.49 7.25
C LEU A 225 -31.92 16.01 8.56
N TYR A 226 -31.48 15.39 9.66
CA TYR A 226 -31.88 15.84 10.99
C TYR A 226 -30.72 16.52 11.72
N LEU A 227 -31.00 17.67 12.33
CA LEU A 227 -29.99 18.36 13.13
C LEU A 227 -29.75 17.63 14.45
N ARG A 228 -28.49 17.49 14.82
CA ARG A 228 -28.13 16.71 16.00
C ARG A 228 -28.73 17.31 17.27
N ILE A 229 -29.24 16.45 18.14
CA ILE A 229 -29.79 16.87 19.42
C ILE A 229 -28.77 16.65 20.53
N ALA A 230 -27.70 15.92 20.17
CA ALA A 230 -26.62 15.59 21.09
C ALA A 230 -25.42 15.10 20.29
N THR A 231 -24.30 14.88 20.95
CA THR A 231 -23.08 14.42 20.28
C THR A 231 -22.67 13.02 20.71
N GLU A 232 -23.44 12.46 21.63
CA GLU A 232 -23.15 11.17 22.26
C GLU A 232 -22.79 10.02 21.31
N LEU A 233 -23.60 9.80 20.28
CA LEU A 233 -23.42 8.61 19.46
C LEU A 233 -22.09 8.58 18.70
N PRO A 234 -21.85 9.59 17.84
CA PRO A 234 -20.62 9.65 17.04
C PRO A 234 -19.35 9.62 17.89
N LEU A 235 -19.39 10.32 19.02
CA LEU A 235 -18.25 10.31 19.94
C LEU A 235 -17.95 8.90 20.47
N LYS A 236 -18.99 8.14 20.74
CA LYS A 236 -18.81 6.79 21.27
C LYS A 236 -18.22 5.88 20.19
N MET A 237 -18.56 6.13 18.94
CA MET A 237 -17.99 5.40 17.82
C MET A 237 -16.48 5.66 17.73
N LEU A 238 -16.07 6.87 18.12
CA LEU A 238 -14.66 7.24 18.13
C LEU A 238 -13.91 6.48 19.23
N ILE A 239 -14.56 6.30 20.38
CA ILE A 239 -14.02 5.46 21.43
C ILE A 239 -13.74 4.06 20.87
N VAL A 240 -14.69 3.54 20.11
CA VAL A 240 -14.50 2.27 19.42
C VAL A 240 -13.31 2.35 18.48
N GLY A 241 -13.12 3.53 17.90
CA GLY A 241 -12.03 3.75 16.96
C GLY A 241 -10.66 3.93 17.61
N GLY A 242 -10.62 3.88 18.93
CA GLY A 242 -9.35 3.95 19.64
C GLY A 242 -8.96 5.33 20.15
N ILE A 243 -9.85 6.31 20.02
CA ILE A 243 -9.61 7.61 20.64
C ILE A 243 -10.15 7.57 22.07
N ASP A 244 -9.33 7.08 22.98
CA ASP A 244 -9.78 6.71 24.33
C ASP A 244 -10.22 7.91 25.19
N LYS A 245 -9.71 9.09 24.89
CA LYS A 245 -10.19 10.32 25.53
C LYS A 245 -10.54 11.35 24.47
N VAL A 246 -11.84 11.58 24.29
CA VAL A 246 -12.29 12.43 23.20
C VAL A 246 -13.46 13.31 23.64
N TYR A 247 -13.62 14.47 23.02
CA TYR A 247 -14.70 15.37 23.39
C TYR A 247 -15.03 16.39 22.32
N GLU A 248 -16.13 17.10 22.54
CA GLU A 248 -16.61 18.08 21.58
C GLU A 248 -17.33 19.21 22.30
N ILE A 249 -16.93 20.45 22.02
CA ILE A 249 -17.67 21.61 22.49
C ILE A 249 -18.31 22.26 21.28
N GLY A 250 -19.64 22.20 21.20
CA GLY A 250 -20.33 22.80 20.07
C GLY A 250 -21.82 22.95 20.26
N LYS A 251 -22.49 23.45 19.22
CA LYS A 251 -23.93 23.63 19.25
C LYS A 251 -24.67 22.32 19.06
N VAL A 252 -25.76 22.16 19.80
CA VAL A 252 -26.73 21.10 19.55
C VAL A 252 -28.10 21.73 19.40
N PHE A 253 -28.99 21.07 18.68
CA PHE A 253 -30.28 21.66 18.36
C PHE A 253 -31.43 20.79 18.82
N ARG A 254 -32.34 21.38 19.58
CA ARG A 254 -33.50 20.66 20.06
C ARG A 254 -34.75 21.47 19.77
N ASN A 255 -35.70 20.85 19.09
CA ASN A 255 -36.87 21.53 18.57
C ASN A 255 -38.04 21.49 19.55
N GLU A 256 -37.88 22.20 20.66
CA GLU A 256 -38.94 22.24 21.67
CA GLU A 256 -38.89 22.23 21.71
C GLU A 256 -39.22 23.66 22.12
N GLY A 257 -39.77 23.80 23.33
CA GLY A 257 -40.20 25.10 23.83
C GLY A 257 -39.09 26.00 24.34
N ILE A 258 -39.31 27.30 24.23
CA ILE A 258 -38.35 28.30 24.70
C ILE A 258 -38.74 28.86 26.06
N ASP A 259 -37.78 28.92 26.98
CA ASP A 259 -37.97 29.66 28.22
C ASP A 259 -36.64 30.09 28.81
N ASN A 260 -36.64 30.42 30.10
CA ASN A 260 -35.45 30.98 30.75
C ASN A 260 -34.25 30.04 30.78
N THR A 261 -34.50 28.74 30.63
CA THR A 261 -33.42 27.76 30.66
C THR A 261 -33.41 26.90 29.39
N HIS A 262 -34.21 27.28 28.41
CA HIS A 262 -34.26 26.55 27.15
C HIS A 262 -34.14 27.48 25.95
N ASN A 263 -33.08 27.28 25.16
CA ASN A 263 -32.92 27.96 23.88
C ASN A 263 -32.68 26.92 22.78
N PRO A 264 -33.49 26.97 21.72
CA PRO A 264 -33.53 26.01 20.61
C PRO A 264 -32.16 25.47 20.21
N GLU A 265 -31.18 26.37 20.07
CA GLU A 265 -29.80 25.96 19.89
C GLU A 265 -28.97 26.42 21.08
N PHE A 266 -28.29 25.47 21.71
CA PHE A 266 -27.46 25.79 22.86
C PHE A 266 -26.13 25.06 22.78
N THR A 267 -25.14 25.58 23.49
CA THR A 267 -23.80 25.01 23.48
C THR A 267 -23.67 23.88 24.50
N SER A 268 -23.14 22.75 24.06
CA SER A 268 -22.94 21.63 24.94
C SER A 268 -21.53 21.08 24.80
N CYS A 269 -21.04 20.48 25.87
CA CYS A 269 -19.80 19.74 25.81
C CYS A 269 -20.04 18.31 26.25
N GLU A 270 -19.62 17.36 25.43
CA GLU A 270 -19.66 15.98 25.82
C GLU A 270 -18.27 15.39 25.64
N PHE A 271 -17.81 14.68 26.66
CA PHE A 271 -16.56 13.94 26.53
C PHE A 271 -16.81 12.47 26.86
N TYR A 272 -16.01 11.59 26.28
CA TYR A 272 -16.10 10.18 26.59
C TYR A 272 -14.73 9.66 26.95
N TRP A 273 -14.70 8.88 28.03
CA TRP A 273 -13.50 8.58 28.76
C TRP A 273 -13.36 7.08 28.95
N ALA A 274 -12.56 6.45 28.11
CA ALA A 274 -12.40 4.99 28.13
C ALA A 274 -11.84 4.47 29.45
N TYR A 275 -12.43 3.39 29.94
CA TYR A 275 -11.97 2.69 31.14
C TYR A 275 -12.28 3.47 32.40
N ALA A 276 -13.09 4.50 32.28
CA ALA A 276 -13.62 5.23 33.42
C ALA A 276 -15.06 4.81 33.68
N ASP A 277 -15.58 5.15 34.85
CA ASP A 277 -16.95 4.79 35.19
C ASP A 277 -17.65 5.87 36.01
N TYR A 278 -18.87 5.57 36.42
CA TYR A 278 -19.70 6.45 37.25
C TYR A 278 -18.89 7.18 38.33
N ASN A 279 -18.08 6.44 39.07
CA ASN A 279 -17.30 7.02 40.15
C ASN A 279 -16.24 8.00 39.66
N ASP A 280 -15.56 7.67 38.55
CA ASP A 280 -14.62 8.59 37.92
C ASP A 280 -15.34 9.86 37.51
N LEU A 281 -16.57 9.71 37.01
CA LEU A 281 -17.33 10.83 36.50
C LEU A 281 -17.77 11.78 37.61
N ILE A 282 -18.22 11.21 38.74
CA ILE A 282 -18.60 12.03 39.89
C ILE A 282 -17.43 12.87 40.37
N LYS A 283 -16.27 12.23 40.54
CA LYS A 283 -15.07 12.90 41.00
C LYS A 283 -14.66 14.01 40.02
N TRP A 284 -14.81 13.73 38.72
CA TRP A 284 -14.47 14.72 37.70
C TRP A 284 -15.32 15.97 37.85
N SER A 285 -16.62 15.75 37.98
CA SER A 285 -17.60 16.83 38.13
C SER A 285 -17.24 17.71 39.32
N GLU A 286 -16.99 17.07 40.46
CA GLU A 286 -16.63 17.77 41.67
C GLU A 286 -15.32 18.54 41.48
N ASP A 287 -14.36 17.92 40.79
CA ASP A 287 -13.09 18.59 40.50
C ASP A 287 -13.29 19.79 39.59
N PHE A 288 -14.06 19.60 38.52
CA PHE A 288 -14.20 20.64 37.50
C PHE A 288 -14.94 21.87 38.01
N PHE A 289 -16.12 21.67 38.58
CA PHE A 289 -16.91 22.80 39.04
C PHE A 289 -16.23 23.55 40.17
N SER A 290 -15.65 22.83 41.12
CA SER A 290 -14.96 23.47 42.24
C SER A 290 -13.77 24.31 41.75
N GLN A 291 -12.97 23.75 40.86
CA GLN A 291 -11.80 24.45 40.33
CA GLN A 291 -11.80 24.46 40.33
C GLN A 291 -12.21 25.61 39.41
N LEU A 292 -13.27 25.40 38.63
CA LEU A 292 -13.75 26.44 37.73
C LEU A 292 -14.23 27.67 38.49
N VAL A 293 -15.09 27.44 39.48
CA VAL A 293 -15.62 28.52 40.30
C VAL A 293 -14.49 29.24 41.04
N TYR A 294 -13.51 28.49 41.53
CA TYR A 294 -12.39 29.09 42.23
C TYR A 294 -11.55 29.92 41.25
N HIS A 295 -11.40 29.41 40.04
CA HIS A 295 -10.60 30.09 39.02
C HIS A 295 -11.22 31.44 38.63
N LEU A 296 -12.54 31.54 38.74
CA LEU A 296 -13.23 32.76 38.36
C LEU A 296 -13.38 33.77 39.51
N PHE A 297 -13.41 33.27 40.75
CA PHE A 297 -13.80 34.12 41.86
C PHE A 297 -12.88 34.07 43.09
N GLY A 298 -11.84 33.24 43.04
CA GLY A 298 -10.94 33.10 44.17
C GLY A 298 -11.63 32.58 45.41
N THR A 299 -12.65 31.75 45.20
CA THR A 299 -13.45 31.21 46.29
C THR A 299 -14.42 30.18 45.74
N TYR A 300 -14.93 29.30 46.60
CA TYR A 300 -15.85 28.26 46.16
C TYR A 300 -17.29 28.68 46.38
N LYS A 301 -17.47 29.89 46.89
CA LYS A 301 -18.80 30.42 47.16
C LYS A 301 -19.14 31.60 46.25
N ILE A 302 -20.32 31.55 45.66
CA ILE A 302 -20.80 32.64 44.81
C ILE A 302 -22.17 33.10 45.25
N SER A 303 -22.51 34.32 44.89
CA SER A 303 -23.85 34.84 45.14
C SER A 303 -24.68 34.73 43.86
N TYR A 304 -25.91 34.27 44.00
CA TYR A 304 -26.80 34.12 42.86
C TYR A 304 -28.22 34.55 43.19
N ASN A 305 -28.82 35.35 42.33
CA ASN A 305 -30.18 35.84 42.55
C ASN A 305 -31.24 34.89 42.00
N LYS A 306 -31.45 33.78 42.70
CA LYS A 306 -32.37 32.73 42.27
C LYS A 306 -33.77 33.25 41.98
N ASP A 307 -34.22 34.21 42.78
CA ASP A 307 -35.57 34.75 42.64
C ASP A 307 -35.56 36.10 41.95
N GLY A 308 -34.48 36.42 41.25
CA GLY A 308 -34.39 37.66 40.51
C GLY A 308 -33.57 38.73 41.20
N PRO A 309 -33.28 39.83 40.49
CA PRO A 309 -32.46 40.92 41.01
C PRO A 309 -33.18 41.73 42.08
N GLU A 310 -34.50 41.63 42.12
CA GLU A 310 -35.31 42.37 43.08
C GLU A 310 -35.32 41.68 44.45
N ASN A 311 -35.13 40.37 44.45
CA ASN A 311 -35.17 39.61 45.70
C ASN A 311 -33.77 39.31 46.23
N GLN A 312 -33.70 38.93 47.50
CA GLN A 312 -32.43 38.59 48.13
C GLN A 312 -31.80 37.37 47.47
N PRO A 313 -30.50 37.44 47.17
CA PRO A 313 -29.78 36.34 46.53
C PRO A 313 -29.42 35.25 47.52
N ILE A 314 -29.06 34.07 46.99
CA ILE A 314 -28.62 32.97 47.84
C ILE A 314 -27.15 32.68 47.59
N GLU A 315 -26.52 31.99 48.53
CA GLU A 315 -25.13 31.62 48.40
C GLU A 315 -25.03 30.18 47.90
N ILE A 316 -24.15 29.96 46.92
CA ILE A 316 -23.96 28.62 46.39
C ILE A 316 -22.54 28.13 46.66
N ASP A 317 -22.42 27.14 47.55
CA ASP A 317 -21.11 26.62 47.94
C ASP A 317 -20.68 25.49 47.01
N PHE A 318 -19.58 25.70 46.30
CA PHE A 318 -19.09 24.70 45.34
C PHE A 318 -17.96 23.85 45.92
N THR A 319 -17.78 23.94 47.24
CA THR A 319 -16.77 23.13 47.93
C THR A 319 -17.13 21.65 47.89
N PRO A 320 -16.22 20.82 47.34
CA PRO A 320 -16.48 19.38 47.26
C PRO A 320 -16.34 18.70 48.63
N PRO A 321 -17.00 17.55 48.81
CA PRO A 321 -17.80 16.92 47.76
C PRO A 321 -19.24 17.40 47.77
N TYR A 322 -20.02 16.98 46.77
CA TYR A 322 -21.42 17.35 46.71
C TYR A 322 -22.30 16.15 47.08
N PRO A 323 -23.48 16.42 47.65
CA PRO A 323 -24.42 15.37 48.05
C PRO A 323 -24.88 14.50 46.90
N LYS A 324 -24.98 13.20 47.13
CA LYS A 324 -25.55 12.29 46.14
C LYS A 324 -26.92 11.81 46.62
N VAL A 325 -27.93 11.95 45.77
CA VAL A 325 -29.27 11.52 46.12
C VAL A 325 -29.80 10.52 45.12
N SER A 326 -30.19 9.34 45.60
CA SER A 326 -30.76 8.31 44.74
C SER A 326 -32.22 8.62 44.43
N ILE A 327 -32.53 8.68 43.13
CA ILE A 327 -33.82 9.20 42.70
C ILE A 327 -35.00 8.35 43.17
N VAL A 328 -34.91 7.04 43.01
CA VAL A 328 -36.03 6.17 43.38
C VAL A 328 -36.24 6.12 44.89
N GLU A 329 -35.15 5.93 45.63
CA GLU A 329 -35.23 5.85 47.09
C GLU A 329 -35.78 7.13 47.68
N GLU A 330 -35.35 8.27 47.14
CA GLU A 330 -35.78 9.56 47.66
C GLU A 330 -37.28 9.77 47.45
N ILE A 331 -37.76 9.49 46.25
CA ILE A 331 -39.18 9.57 45.96
C ILE A 331 -39.99 8.67 46.90
N GLU A 332 -39.52 7.45 47.09
CA GLU A 332 -40.17 6.51 48.00
C GLU A 332 -40.19 7.00 49.45
N LYS A 333 -39.15 7.73 49.84
CA LYS A 333 -38.97 8.18 51.21
C LYS A 333 -39.82 9.41 51.55
N VAL A 334 -39.96 10.30 50.58
CA VAL A 334 -40.75 11.52 50.77
C VAL A 334 -42.21 11.28 50.42
N THR A 335 -42.53 10.03 50.10
CA THR A 335 -43.87 9.68 49.68
C THR A 335 -44.41 8.53 50.54
N ASN A 336 -43.52 7.90 51.30
CA ASN A 336 -43.90 6.77 52.13
C ASN A 336 -44.52 5.66 51.29
N THR A 337 -43.94 5.45 50.11
CA THR A 337 -44.43 4.45 49.17
C THR A 337 -43.29 3.56 48.68
N ILE A 338 -43.62 2.40 48.15
CA ILE A 338 -42.62 1.52 47.56
C ILE A 338 -42.98 1.23 46.11
N LEU A 339 -42.22 1.81 45.19
CA LEU A 339 -42.45 1.60 43.76
C LEU A 339 -41.79 0.31 43.28
N GLU A 340 -42.60 -0.74 43.17
CA GLU A 340 -42.10 -2.07 42.82
C GLU A 340 -41.87 -2.21 41.31
N GLN A 341 -40.74 -2.81 40.95
CA GLN A 341 -40.41 -3.05 39.55
C GLN A 341 -41.23 -4.21 39.02
N PRO A 342 -41.45 -4.25 37.69
CA PRO A 342 -41.02 -3.22 36.75
C PRO A 342 -41.75 -1.90 37.00
N PHE A 343 -41.05 -0.79 36.80
CA PHE A 343 -41.64 0.52 37.08
C PHE A 343 -42.77 0.81 36.09
N ASP A 344 -42.75 0.14 34.94
CA ASP A 344 -43.75 0.34 33.91
C ASP A 344 -44.91 -0.65 34.03
N SER A 345 -44.99 -1.34 35.17
CA SER A 345 -46.09 -2.27 35.42
C SER A 345 -47.38 -1.49 35.66
N ASN A 346 -48.52 -2.15 35.50
CA ASN A 346 -49.80 -1.50 35.70
C ASN A 346 -49.96 -1.05 37.15
N GLU A 347 -49.46 -1.84 38.08
CA GLU A 347 -49.57 -1.54 39.50
C GLU A 347 -48.75 -0.30 39.88
N THR A 348 -47.49 -0.29 39.47
CA THR A 348 -46.58 0.80 39.84
C THR A 348 -46.93 2.11 39.13
N ILE A 349 -47.28 2.05 37.85
CA ILE A 349 -47.68 3.24 37.13
C ILE A 349 -48.89 3.91 37.78
N GLU A 350 -49.92 3.13 38.05
CA GLU A 350 -51.13 3.66 38.69
C GLU A 350 -50.82 4.21 40.09
N LYS A 351 -49.83 3.60 40.76
CA LYS A 351 -49.44 4.08 42.08
C LYS A 351 -48.71 5.41 42.00
N MET A 352 -47.92 5.60 40.94
CA MET A 352 -47.24 6.86 40.75
C MET A 352 -48.24 7.94 40.37
N ILE A 353 -49.23 7.57 39.55
CA ILE A 353 -50.27 8.48 39.15
C ILE A 353 -51.07 8.98 40.36
N ASN A 354 -51.36 8.09 41.30
CA ASN A 354 -52.10 8.48 42.50
C ASN A 354 -51.30 9.42 43.39
N ILE A 355 -49.97 9.32 43.31
CA ILE A 355 -49.10 10.23 44.06
C ILE A 355 -49.17 11.61 43.43
N ILE A 356 -49.21 11.64 42.10
CA ILE A 356 -49.26 12.89 41.36
C ILE A 356 -50.61 13.59 41.53
N LYS A 357 -51.68 12.82 41.65
CA LYS A 357 -53.01 13.40 41.86
C LYS A 357 -53.17 13.87 43.31
N GLU A 358 -52.71 13.04 44.24
CA GLU A 358 -52.82 13.34 45.67
C GLU A 358 -52.04 14.60 46.05
N HIS A 359 -50.84 14.76 45.54
CA HIS A 359 -49.98 15.86 45.94
C HIS A 359 -50.18 17.11 45.12
N LYS A 360 -51.24 17.11 44.38
CA LYS A 360 -51.62 18.27 43.56
C LYS A 360 -50.68 18.54 42.38
N ILE A 361 -49.76 17.62 42.10
CA ILE A 361 -48.86 17.73 40.96
C ILE A 361 -49.63 17.52 39.64
N GLU A 362 -49.14 18.12 38.56
CA GLU A 362 -49.76 17.98 37.23
C GLU A 362 -49.32 16.69 36.54
N LEU A 363 -50.27 16.00 35.90
CA LEU A 363 -49.98 14.73 35.23
C LEU A 363 -49.30 14.96 33.88
N PRO A 364 -48.22 14.20 33.62
CA PRO A 364 -47.56 14.23 32.31
C PRO A 364 -48.43 13.57 31.26
N ASN A 365 -48.11 13.80 30.00
CA ASN A 365 -48.84 13.18 28.88
C ASN A 365 -47.88 12.93 27.72
N PRO A 366 -47.71 11.65 27.31
CA PRO A 366 -48.37 10.47 27.89
C PRO A 366 -48.03 10.24 29.35
N PRO A 367 -48.77 9.36 30.04
CA PRO A 367 -48.49 8.92 31.41
C PRO A 367 -47.61 7.67 31.45
N THR A 368 -46.46 7.72 30.78
CA THR A 368 -45.53 6.60 30.75
C THR A 368 -44.73 6.54 32.05
N ALA A 369 -44.11 5.40 32.30
CA ALA A 369 -43.33 5.21 33.53
C ALA A 369 -42.25 6.27 33.69
N ALA A 370 -41.43 6.44 32.65
CA ALA A 370 -40.33 7.39 32.69
C ALA A 370 -40.81 8.82 32.93
N LYS A 371 -41.86 9.22 32.23
CA LYS A 371 -42.42 10.57 32.40
C LYS A 371 -42.86 10.82 33.84
N LEU A 372 -43.53 9.83 34.42
CA LEU A 372 -44.01 9.95 35.80
C LEU A 372 -42.85 10.08 36.78
N LEU A 373 -41.85 9.24 36.60
CA LEU A 373 -40.66 9.28 37.44
C LEU A 373 -39.98 10.63 37.37
N ASP A 374 -39.93 11.18 36.16
CA ASP A 374 -39.32 12.48 35.94
C ASP A 374 -40.08 13.58 36.67
N GLN A 375 -41.40 13.55 36.56
CA GLN A 375 -42.25 14.53 37.21
C GLN A 375 -42.15 14.46 38.73
N LEU A 376 -42.09 13.24 39.25
CA LEU A 376 -41.95 13.02 40.68
C LEU A 376 -40.62 13.53 41.17
N ALA A 377 -39.59 13.36 40.36
CA ALA A 377 -38.25 13.84 40.70
C ALA A 377 -38.22 15.36 40.73
N SER A 378 -38.82 15.96 39.71
CA SER A 378 -38.86 17.42 39.58
C SER A 378 -39.51 18.09 40.78
N HIS A 379 -40.46 17.41 41.41
CA HIS A 379 -41.24 18.00 42.49
C HIS A 379 -40.68 17.67 43.88
N PHE A 380 -40.19 16.45 44.07
CA PHE A 380 -39.79 15.99 45.39
C PHE A 380 -38.27 15.98 45.60
N ILE A 381 -37.50 16.16 44.53
CA ILE A 381 -36.06 16.05 44.63
C ILE A 381 -35.31 17.26 44.09
N GLU A 382 -35.54 17.60 42.82
CA GLU A 382 -34.69 18.53 42.10
C GLU A 382 -34.53 19.92 42.73
N ASN A 383 -35.24 20.18 43.84
CA ASN A 383 -35.07 21.43 44.56
C ASN A 383 -34.69 21.20 46.02
N LYS A 384 -34.25 19.98 46.32
CA LYS A 384 -33.82 19.60 47.65
C LYS A 384 -32.71 20.51 48.16
N TYR A 385 -31.75 20.80 47.28
CA TYR A 385 -30.65 21.69 47.62
C TYR A 385 -30.59 22.88 46.67
N ASN A 386 -30.50 24.08 47.21
CA ASN A 386 -30.31 25.28 46.40
C ASN A 386 -29.01 25.98 46.80
N ASP A 387 -28.46 25.60 47.95
CA ASP A 387 -27.27 26.25 48.48
C ASP A 387 -25.97 25.56 48.05
N LYS A 388 -26.10 24.49 47.28
CA LYS A 388 -24.94 23.85 46.67
C LYS A 388 -25.34 22.92 45.54
N PRO A 389 -24.40 22.62 44.63
CA PRO A 389 -24.68 21.63 43.59
C PRO A 389 -24.93 20.27 44.22
N PHE A 390 -25.66 19.41 43.56
CA PHE A 390 -25.83 18.05 44.05
C PHE A 390 -26.19 17.10 42.91
N PHE A 391 -25.97 15.82 43.14
CA PHE A 391 -26.24 14.82 42.12
C PHE A 391 -27.49 14.02 42.43
N ILE A 392 -28.36 13.89 41.43
CA ILE A 392 -29.37 12.85 41.47
C ILE A 392 -28.82 11.65 40.70
N VAL A 393 -28.86 10.47 41.31
CA VAL A 393 -28.14 9.33 40.78
C VAL A 393 -28.98 8.07 40.65
N GLU A 394 -28.43 7.08 39.95
CA GLU A 394 -29.00 5.73 39.89
C GLU A 394 -30.40 5.69 39.27
N HIS A 395 -30.60 6.46 38.20
CA HIS A 395 -31.86 6.45 37.47
C HIS A 395 -32.21 5.04 36.97
N PRO A 396 -33.50 4.69 37.02
CA PRO A 396 -34.01 3.45 36.42
C PRO A 396 -33.55 3.31 34.96
N GLN A 397 -33.52 2.07 34.47
CA GLN A 397 -33.09 1.82 33.10
CA GLN A 397 -33.09 1.84 33.09
C GLN A 397 -34.10 2.38 32.10
N ILE A 398 -35.37 2.43 32.49
CA ILE A 398 -36.41 2.93 31.59
C ILE A 398 -36.26 4.41 31.28
N MET A 399 -35.49 5.11 32.11
CA MET A 399 -35.18 6.53 31.87
C MET A 399 -33.83 6.70 31.18
N SER A 400 -33.08 5.61 31.05
CA SER A 400 -31.69 5.70 30.64
C SER A 400 -31.30 4.63 29.62
N PRO A 401 -31.81 4.75 28.38
CA PRO A 401 -31.62 3.71 27.36
C PRO A 401 -30.17 3.52 26.93
N LEU A 402 -29.28 4.43 27.30
CA LEU A 402 -27.88 4.33 26.88
C LEU A 402 -26.94 4.19 28.08
N ALA A 403 -27.50 4.18 29.27
CA ALA A 403 -26.71 4.06 30.48
C ALA A 403 -26.56 2.58 30.84
N LYS A 404 -25.36 2.20 31.27
CA LYS A 404 -25.09 0.81 31.63
C LYS A 404 -25.82 0.44 32.91
N TYR A 405 -26.33 -0.78 32.96
CA TYR A 405 -27.08 -1.26 34.12
C TYR A 405 -26.23 -1.20 35.39
N HIS A 406 -26.84 -0.77 36.49
CA HIS A 406 -26.17 -0.69 37.77
C HIS A 406 -25.61 -2.05 38.16
N ARG A 407 -24.40 -2.07 38.72
CA ARG A 407 -23.70 -3.34 38.90
C ARG A 407 -24.11 -4.06 40.19
N THR A 408 -24.95 -3.43 41.01
CA THR A 408 -25.46 -4.09 42.20
C THR A 408 -26.94 -3.80 42.44
N LYS A 409 -27.46 -2.79 41.75
CA LYS A 409 -28.88 -2.46 41.89
C LYS A 409 -29.65 -2.75 40.60
N PRO A 410 -30.21 -3.97 40.50
CA PRO A 410 -30.98 -4.38 39.32
C PRO A 410 -32.13 -3.42 39.02
N GLY A 411 -32.38 -3.18 37.74
CA GLY A 411 -33.39 -2.23 37.31
C GLY A 411 -32.88 -0.82 37.18
N LEU A 412 -31.77 -0.52 37.86
CA LEU A 412 -31.21 0.82 37.88
C LEU A 412 -30.04 0.96 36.90
N THR A 413 -29.45 2.14 36.84
CA THR A 413 -28.29 2.41 35.99
C THR A 413 -27.23 3.19 36.75
N GLU A 414 -26.03 3.23 36.23
CA GLU A 414 -24.94 3.97 36.87
C GLU A 414 -24.86 5.37 36.29
N ARG A 415 -25.84 6.19 36.62
CA ARG A 415 -26.05 7.48 36.00
C ARG A 415 -26.06 8.62 37.01
N LEU A 416 -25.63 9.81 36.58
CA LEU A 416 -25.61 10.97 37.48
C LEU A 416 -25.92 12.30 36.78
N GLU A 417 -26.88 13.04 37.34
CA GLU A 417 -27.19 14.38 36.87
C GLU A 417 -26.85 15.38 37.97
N MET A 418 -26.16 16.46 37.64
CA MET A 418 -25.90 17.49 38.64
C MET A 418 -26.86 18.67 38.48
N PHE A 419 -27.39 19.14 39.60
CA PHE A 419 -28.31 20.27 39.60
C PHE A 419 -27.75 21.47 40.34
N ILE A 420 -27.95 22.65 39.76
CA ILE A 420 -27.68 23.92 40.43
C ILE A 420 -28.98 24.72 40.50
N CYS A 421 -29.40 25.07 41.71
CA CYS A 421 -30.67 25.76 41.93
C CYS A 421 -31.80 25.12 41.14
N GLY A 422 -31.88 23.81 41.17
CA GLY A 422 -32.98 23.08 40.57
C GLY A 422 -32.90 22.92 39.06
N LYS A 423 -31.81 23.39 38.46
CA LYS A 423 -31.64 23.27 37.02
C LYS A 423 -30.52 22.29 36.66
N GLU A 424 -30.81 21.37 35.74
CA GLU A 424 -29.81 20.40 35.32
C GLU A 424 -28.72 21.04 34.45
N VAL A 425 -27.47 20.82 34.84
CA VAL A 425 -26.33 21.39 34.12
C VAL A 425 -25.40 20.30 33.62
N LEU A 426 -25.56 19.10 34.16
CA LEU A 426 -24.64 18.01 33.89
C LEU A 426 -25.36 16.67 33.86
N ASN A 427 -25.04 15.85 32.85
CA ASN A 427 -25.63 14.54 32.69
C ASN A 427 -24.58 13.52 32.28
N ALA A 428 -24.40 12.48 33.08
CA ALA A 428 -23.32 11.53 32.84
C ALA A 428 -23.66 10.14 33.35
N TYR A 429 -23.04 9.13 32.74
CA TYR A 429 -23.21 7.77 33.22
C TYR A 429 -22.17 6.81 32.67
N THR A 430 -22.13 5.62 33.25
CA THR A 430 -21.34 4.52 32.73
C THR A 430 -21.96 4.07 31.42
N GLU A 431 -21.18 4.13 30.34
CA GLU A 431 -21.72 3.83 29.03
C GLU A 431 -22.09 2.35 28.88
N LEU A 432 -23.31 2.11 28.42
CA LEU A 432 -23.73 0.76 28.05
C LEU A 432 -22.95 0.34 26.82
N ASN A 433 -22.20 -0.75 26.92
CA ASN A 433 -21.37 -1.18 25.79
C ASN A 433 -21.64 -2.61 25.34
N ASP A 434 -22.53 -3.31 26.03
CA ASP A 434 -22.96 -4.63 25.55
C ASP A 434 -24.07 -4.43 24.54
N PRO A 435 -23.78 -4.69 23.26
CA PRO A 435 -24.71 -4.48 22.14
C PRO A 435 -25.97 -5.32 22.28
N PHE A 436 -25.86 -6.44 22.98
CA PHE A 436 -27.00 -7.33 23.20
C PHE A 436 -28.04 -6.68 24.12
N LYS A 437 -27.57 -5.82 25.03
CA LYS A 437 -28.47 -5.16 25.98
C LYS A 437 -29.04 -3.86 25.43
N GLN A 438 -28.57 -3.46 24.26
CA GLN A 438 -29.15 -2.31 23.55
C GLN A 438 -30.40 -2.77 22.82
N LYS A 439 -31.53 -2.70 23.51
CA LYS A 439 -32.79 -3.26 23.02
C LYS A 439 -33.21 -2.70 21.66
N GLU A 440 -32.90 -1.42 21.44
CA GLU A 440 -33.24 -0.75 20.20
C GLU A 440 -32.43 -1.31 19.02
N CYS A 441 -31.20 -1.72 19.29
CA CYS A 441 -30.31 -2.24 18.24
C CYS A 441 -30.75 -3.61 17.73
N PHE A 442 -31.42 -4.39 18.58
CA PHE A 442 -31.91 -5.70 18.18
C PHE A 442 -33.23 -5.61 17.43
N LEU A 459 -32.49 3.65 17.36
CA LEU A 459 -31.11 4.10 17.26
C LEU A 459 -30.62 4.04 15.81
N ASP A 460 -29.35 4.37 15.60
CA ASP A 460 -28.74 4.30 14.28
C ASP A 460 -28.06 2.96 14.04
N SER A 461 -28.32 2.38 12.88
CA SER A 461 -27.66 1.14 12.47
C SER A 461 -26.15 1.28 12.58
N ALA A 462 -25.64 2.43 12.11
CA ALA A 462 -24.22 2.72 12.16
C ALA A 462 -23.68 2.71 13.60
N PHE A 463 -24.46 3.24 14.52
CA PHE A 463 -24.08 3.22 15.93
C PHE A 463 -24.11 1.81 16.48
N CYS A 464 -25.20 1.11 16.23
CA CYS A 464 -25.39 -0.25 16.71
C CYS A 464 -24.26 -1.16 16.24
N THR A 465 -23.87 -1.00 14.98
CA THR A 465 -22.81 -1.83 14.41
C THR A 465 -21.48 -1.56 15.09
N SER A 466 -21.20 -0.29 15.39
CA SER A 466 -19.93 0.08 16.01
C SER A 466 -19.76 -0.62 17.37
N LEU A 467 -20.83 -0.70 18.13
CA LEU A 467 -20.82 -1.41 19.41
C LEU A 467 -20.36 -2.86 19.24
N GLU A 468 -20.76 -3.46 18.13
CA GLU A 468 -20.46 -4.87 17.88
C GLU A 468 -18.96 -5.09 17.69
N TYR A 469 -18.22 -4.01 17.47
CA TYR A 469 -16.78 -4.11 17.28
C TYR A 469 -16.03 -3.92 18.60
N GLY A 470 -16.78 -3.64 19.66
CA GLY A 470 -16.18 -3.57 20.98
C GLY A 470 -16.00 -2.17 21.52
N LEU A 471 -17.00 -1.70 22.26
CA LEU A 471 -16.85 -0.49 23.04
C LEU A 471 -16.29 -0.86 24.41
N PRO A 472 -15.09 -0.38 24.73
CA PRO A 472 -14.51 -0.69 26.04
C PRO A 472 -15.32 -0.03 27.14
N PRO A 473 -15.10 -0.43 28.41
CA PRO A 473 -15.76 0.23 29.54
C PRO A 473 -15.52 1.74 29.47
N THR A 474 -16.59 2.52 29.42
CA THR A 474 -16.48 3.94 29.18
C THR A 474 -17.37 4.78 30.09
N GLY A 475 -16.91 5.98 30.40
CA GLY A 475 -17.73 6.96 31.09
C GLY A 475 -17.98 8.16 30.18
N GLY A 476 -19.24 8.57 30.08
CA GLY A 476 -19.60 9.70 29.27
C GLY A 476 -20.23 10.81 30.09
N LEU A 477 -20.03 12.05 29.66
CA LEU A 477 -20.55 13.19 30.39
C LEU A 477 -20.90 14.34 29.46
N GLY A 478 -22.04 14.96 29.73
CA GLY A 478 -22.49 16.12 28.99
C GLY A 478 -22.65 17.32 29.91
N LEU A 479 -22.24 18.48 29.43
CA LEU A 479 -22.35 19.72 30.18
C LEU A 479 -23.24 20.71 29.44
N GLY A 480 -24.14 21.35 30.17
CA GLY A 480 -24.91 22.45 29.61
C GLY A 480 -24.19 23.77 29.86
N ILE A 481 -23.40 24.19 28.87
CA ILE A 481 -22.52 25.35 29.02
C ILE A 481 -23.25 26.64 29.31
N ASP A 482 -24.32 26.90 28.56
CA ASP A 482 -25.07 28.14 28.71
C ASP A 482 -25.63 28.27 30.12
N ARG A 483 -26.20 27.18 30.63
CA ARG A 483 -26.79 27.20 31.97
C ARG A 483 -25.73 27.42 33.03
N ILE A 484 -24.56 26.84 32.82
CA ILE A 484 -23.43 27.02 33.73
C ILE A 484 -23.00 28.48 33.73
N THR A 485 -23.01 29.08 32.54
CA THR A 485 -22.67 30.50 32.40
C THR A 485 -23.66 31.36 33.17
N MET A 486 -24.94 31.04 33.04
CA MET A 486 -25.98 31.76 33.76
C MET A 486 -25.69 31.85 35.25
N PHE A 487 -25.28 30.74 35.84
CA PHE A 487 -25.08 30.68 37.28
C PHE A 487 -23.82 31.41 37.72
N LEU A 488 -22.82 31.47 36.84
CA LEU A 488 -21.57 32.12 37.19
C LEU A 488 -21.53 33.57 36.73
N THR A 489 -22.61 34.01 36.08
CA THR A 489 -22.73 35.41 35.67
C THR A 489 -23.98 36.03 36.26
N ASN A 490 -24.59 35.32 37.21
CA ASN A 490 -25.77 35.82 37.91
C ASN A 490 -26.93 36.18 36.98
N LYS A 491 -27.32 35.25 36.13
CA LYS A 491 -28.42 35.50 35.18
C LYS A 491 -29.60 34.56 35.41
N ASN A 492 -30.79 35.09 35.26
CA ASN A 492 -32.01 34.31 35.46
C ASN A 492 -32.52 33.74 34.15
N SER A 493 -32.00 34.25 33.04
CA SER A 493 -32.41 33.79 31.72
C SER A 493 -31.22 33.41 30.85
N ILE A 494 -31.43 32.39 30.03
CA ILE A 494 -30.39 31.91 29.12
C ILE A 494 -30.16 32.94 28.01
N LYS A 495 -31.10 33.86 27.85
CA LYS A 495 -30.98 34.91 26.83
C LYS A 495 -29.88 35.89 27.17
N ASP A 496 -29.46 35.90 28.44
CA ASP A 496 -28.47 36.86 28.92
C ASP A 496 -27.04 36.39 28.68
N VAL A 497 -26.88 35.11 28.37
CA VAL A 497 -25.56 34.53 28.19
C VAL A 497 -25.35 34.10 26.74
N ILE A 498 -26.31 34.44 25.89
CA ILE A 498 -26.22 34.19 24.46
C ILE A 498 -26.23 35.53 23.71
N LEU A 499 -25.21 35.76 22.91
CA LEU A 499 -25.07 37.02 22.19
C LEU A 499 -26.30 37.33 21.34
N PHE A 500 -26.70 36.37 20.51
CA PHE A 500 -27.85 36.57 19.64
C PHE A 500 -28.88 35.47 19.83
N PRO A 501 -29.60 35.50 20.96
CA PRO A 501 -30.63 34.50 21.25
C PRO A 501 -31.72 34.50 20.18
N THR A 502 -32.44 33.38 20.05
CA THR A 502 -33.48 33.27 19.05
C THR A 502 -34.71 34.04 19.48
N MET A 503 -35.09 35.05 18.69
CA MET A 503 -36.21 35.91 19.06
C MET A 503 -37.36 35.79 18.08
N ARG A 504 -38.58 35.91 18.61
CA ARG A 504 -39.76 35.98 17.76
C ARG A 504 -39.67 37.27 16.97
N PRO A 505 -39.76 37.16 15.63
CA PRO A 505 -39.56 38.30 14.73
C PRO A 505 -40.56 39.43 14.98
N PRO B 4 -17.03 -15.20 7.42
CA PRO B 4 -18.21 -14.52 6.89
C PRO B 4 -19.14 -14.01 7.98
N ARG B 5 -20.44 -14.30 7.85
CA ARG B 5 -21.42 -13.90 8.85
C ARG B 5 -21.48 -14.95 9.96
N LEU B 6 -21.00 -16.14 9.64
CA LEU B 6 -20.96 -17.23 10.60
C LEU B 6 -20.07 -16.88 11.80
N TYR B 7 -19.04 -16.08 11.54
CA TYR B 7 -18.13 -15.64 12.59
C TYR B 7 -18.85 -14.79 13.63
N PHE B 8 -19.63 -13.83 13.15
CA PHE B 8 -20.41 -12.96 14.01
C PHE B 8 -21.39 -13.76 14.87
N GLU B 9 -22.12 -14.66 14.24
CA GLU B 9 -23.15 -15.42 14.94
C GLU B 9 -22.53 -16.32 16.00
N ASN B 10 -21.37 -16.90 15.69
CA ASN B 10 -20.66 -17.71 16.67
C ASN B 10 -20.16 -16.88 17.85
N ARG B 11 -19.65 -15.69 17.56
CA ARG B 11 -19.18 -14.78 18.60
C ARG B 11 -20.33 -14.37 19.52
N SER B 12 -21.47 -14.03 18.92
CA SER B 12 -22.65 -13.68 19.70
C SER B 12 -23.07 -14.83 20.59
N LYS B 13 -23.06 -16.04 20.03
CA LYS B 13 -23.37 -17.24 20.79
C LYS B 13 -22.38 -17.42 21.93
N PHE B 14 -21.10 -17.21 21.64
CA PHE B 14 -20.06 -17.27 22.66
C PHE B 14 -20.36 -16.32 23.81
N ILE B 15 -20.81 -15.11 23.47
CA ILE B 15 -21.15 -14.11 24.47
C ILE B 15 -22.26 -14.60 25.38
N GLN B 16 -23.28 -15.20 24.79
CA GLN B 16 -24.41 -15.72 25.55
C GLN B 16 -23.96 -16.89 26.43
N ASP B 17 -23.10 -17.74 25.89
CA ASP B 17 -22.60 -18.90 26.64
C ASP B 17 -21.83 -18.47 27.88
N GLN B 18 -21.03 -17.42 27.74
CA GLN B 18 -20.30 -16.87 28.87
C GLN B 18 -21.26 -16.31 29.92
N LYS B 19 -22.32 -15.66 29.45
CA LYS B 19 -23.33 -15.13 30.35
C LYS B 19 -23.99 -16.24 31.16
N ASP B 20 -24.18 -17.39 30.51
CA ASP B 20 -24.87 -18.52 31.13
C ASP B 20 -23.97 -19.28 32.11
N LYS B 21 -22.67 -19.19 31.90
CA LYS B 21 -21.72 -19.86 32.79
C LYS B 21 -21.29 -18.96 33.94
N GLY B 22 -22.01 -17.86 34.11
CA GLY B 22 -21.82 -16.99 35.27
C GLY B 22 -20.73 -15.94 35.17
N ILE B 23 -20.18 -15.73 33.97
CA ILE B 23 -19.16 -14.70 33.79
C ILE B 23 -19.69 -13.51 32.99
N ASN B 24 -19.29 -12.31 33.39
CA ASN B 24 -19.66 -11.07 32.70
C ASN B 24 -18.63 -10.72 31.64
N PRO B 25 -18.99 -10.90 30.36
CA PRO B 25 -18.09 -10.57 29.24
C PRO B 25 -18.01 -9.07 29.00
N TYR B 26 -18.74 -8.30 29.80
CA TYR B 26 -18.70 -6.84 29.74
C TYR B 26 -18.66 -6.22 31.13
N PRO B 27 -17.57 -6.49 31.88
CA PRO B 27 -17.40 -5.97 33.24
C PRO B 27 -17.47 -4.45 33.29
N HIS B 28 -17.88 -3.90 34.44
CA HIS B 28 -18.12 -2.47 34.58
C HIS B 28 -16.85 -1.63 34.67
N LYS B 29 -15.83 -2.16 35.32
CA LYS B 29 -14.67 -1.34 35.64
C LYS B 29 -13.40 -2.14 35.78
N PHE B 30 -12.36 -1.71 35.08
CA PHE B 30 -11.03 -2.25 35.22
C PHE B 30 -10.09 -1.10 35.54
N GLU B 31 -9.67 -1.00 36.80
CA GLU B 31 -8.82 0.12 37.22
C GLU B 31 -7.39 -0.09 36.75
N ARG B 32 -7.02 0.57 35.66
CA ARG B 32 -5.67 0.44 35.14
C ARG B 32 -4.74 1.45 35.81
N THR B 33 -3.46 1.12 35.85
CA THR B 33 -2.48 1.93 36.58
C THR B 33 -1.59 2.70 35.61
N ILE B 34 -1.52 2.23 34.38
CA ILE B 34 -0.69 2.87 33.37
C ILE B 34 -1.27 2.67 31.98
N SER B 35 -1.01 3.62 31.09
CA SER B 35 -1.42 3.49 29.70
C SER B 35 -0.29 2.90 28.87
N ILE B 36 -0.61 2.42 27.67
CA ILE B 36 0.39 1.78 26.82
C ILE B 36 1.52 2.71 26.40
N PRO B 37 1.19 3.96 26.03
CA PRO B 37 2.26 4.92 25.68
C PRO B 37 3.12 5.26 26.90
N GLU B 38 2.50 5.34 28.06
CA GLU B 38 3.23 5.54 29.30
C GLU B 38 4.13 4.33 29.56
N PHE B 39 3.55 3.15 29.39
CA PHE B 39 4.27 1.88 29.53
C PHE B 39 5.54 1.87 28.69
N ILE B 40 5.40 2.16 27.41
CA ILE B 40 6.53 2.20 26.49
C ILE B 40 7.59 3.20 26.93
N GLU B 41 7.15 4.38 27.31
CA GLU B 41 8.08 5.44 27.70
C GLU B 41 8.83 5.11 28.98
N LYS B 42 8.24 4.22 29.79
CA LYS B 42 8.77 3.92 31.12
C LYS B 42 9.66 2.68 31.16
N TYR B 43 9.59 1.85 30.12
CA TYR B 43 10.36 0.62 30.10
C TYR B 43 11.04 0.34 28.76
N LYS B 44 11.05 1.33 27.86
CA LYS B 44 11.66 1.15 26.55
C LYS B 44 13.17 0.90 26.67
N ASP B 45 13.76 1.41 27.74
CA ASP B 45 15.21 1.33 27.92
C ASP B 45 15.63 0.16 28.80
N LEU B 46 14.71 -0.78 29.01
CA LEU B 46 15.04 -2.04 29.65
C LEU B 46 16.02 -2.82 28.78
N GLY B 47 16.72 -3.77 29.38
CA GLY B 47 17.65 -4.61 28.64
C GLY B 47 16.96 -5.86 28.11
N ASN B 48 17.57 -6.48 27.10
CA ASN B 48 17.02 -7.70 26.52
C ASN B 48 16.88 -8.82 27.56
N GLY B 49 15.71 -9.45 27.57
CA GLY B 49 15.45 -10.57 28.46
C GLY B 49 15.15 -10.17 29.89
N GLU B 50 15.20 -8.88 30.16
CA GLU B 50 15.01 -8.38 31.52
C GLU B 50 13.55 -8.41 31.95
N HIS B 51 13.32 -8.74 33.22
CA HIS B 51 11.97 -8.72 33.79
C HIS B 51 11.94 -7.85 35.04
N LEU B 52 10.79 -7.24 35.30
CA LEU B 52 10.53 -6.61 36.59
C LEU B 52 9.33 -7.34 37.20
N GLU B 53 9.60 -8.52 37.74
CA GLU B 53 8.53 -9.47 38.07
C GLU B 53 7.79 -9.12 39.37
N ASP B 54 8.31 -8.14 40.11
CA ASP B 54 7.67 -7.72 41.35
CA ASP B 54 7.64 -7.73 41.34
C ASP B 54 6.98 -6.37 41.17
N THR B 55 7.01 -5.87 39.93
CA THR B 55 6.31 -4.65 39.57
C THR B 55 5.03 -5.04 38.85
N ILE B 56 3.93 -5.09 39.60
CA ILE B 56 2.64 -5.46 39.01
C ILE B 56 1.91 -4.25 38.44
N LEU B 57 1.36 -4.42 37.25
CA LEU B 57 0.67 -3.35 36.55
C LEU B 57 -0.69 -3.79 36.05
N ASN B 58 -1.64 -2.85 36.06
CA ASN B 58 -2.89 -3.04 35.36
C ASN B 58 -2.85 -2.24 34.07
N ILE B 59 -3.05 -2.92 32.94
CA ILE B 59 -3.01 -2.25 31.65
C ILE B 59 -4.11 -2.79 30.74
N THR B 60 -4.67 -1.91 29.92
CA THR B 60 -5.73 -2.29 28.99
C THR B 60 -5.33 -1.99 27.55
N GLY B 61 -6.02 -2.61 26.61
CA GLY B 61 -5.73 -2.41 25.20
C GLY B 61 -6.60 -3.29 24.33
N ARG B 62 -6.44 -3.15 23.02
CA ARG B 62 -7.16 -3.98 22.07
C ARG B 62 -6.21 -4.98 21.42
N ILE B 63 -6.57 -6.25 21.48
CA ILE B 63 -5.79 -7.30 20.84
C ILE B 63 -5.86 -7.16 19.34
N MET B 64 -4.70 -7.06 18.69
CA MET B 64 -4.66 -6.89 17.24
C MET B 64 -3.98 -8.05 16.54
N ARG B 65 -3.26 -8.89 17.30
CA ARG B 65 -2.66 -10.09 16.75
C ARG B 65 -2.68 -11.25 17.75
N VAL B 66 -2.83 -12.47 17.24
CA VAL B 66 -2.87 -13.66 18.07
C VAL B 66 -2.00 -14.79 17.49
N SER B 67 -0.88 -15.06 18.13
CA SER B 67 -0.01 -16.15 17.73
C SER B 67 0.34 -17.03 18.93
N ALA B 68 0.29 -18.34 18.74
CA ALA B 68 0.58 -19.29 19.81
C ALA B 68 1.78 -20.17 19.49
N SER B 69 2.34 -20.80 20.52
CA SER B 69 3.50 -21.68 20.33
C SER B 69 3.55 -22.79 21.37
N GLY B 70 2.69 -23.79 21.20
CA GLY B 70 2.77 -24.99 22.02
C GLY B 70 1.93 -24.98 23.28
N GLN B 71 0.83 -24.22 23.26
CA GLN B 71 -0.15 -24.26 24.34
C GLN B 71 0.45 -23.92 25.71
N LYS B 72 1.56 -23.19 25.71
CA LYS B 72 2.19 -22.76 26.96
C LYS B 72 2.78 -21.35 26.80
N LEU B 73 2.90 -20.92 25.55
CA LEU B 73 3.31 -19.56 25.24
C LEU B 73 2.31 -18.90 24.29
N ARG B 74 1.68 -17.83 24.73
CA ARG B 74 0.76 -17.12 23.88
C ARG B 74 1.22 -15.73 23.64
N PHE B 75 1.17 -15.32 22.40
CA PHE B 75 1.64 -14.01 21.98
C PHE B 75 0.50 -13.16 21.42
N PHE B 76 0.46 -11.89 21.82
CA PHE B 76 -0.52 -10.96 21.30
C PHE B 76 0.07 -9.58 21.06
N ASP B 77 -0.46 -8.88 20.05
CA ASP B 77 -0.23 -7.45 19.92
C ASP B 77 -1.34 -6.71 20.68
N LEU B 78 -0.94 -5.83 21.58
CA LEU B 78 -1.89 -5.02 22.33
C LEU B 78 -1.70 -3.56 21.93
N VAL B 79 -2.75 -2.92 21.42
CA VAL B 79 -2.65 -1.52 21.04
C VAL B 79 -3.53 -0.61 21.88
N GLY B 80 -3.13 0.65 21.97
CA GLY B 80 -3.86 1.67 22.70
C GLY B 80 -3.26 3.02 22.40
N ASP B 81 -4.10 4.00 22.11
CA ASP B 81 -3.66 5.37 21.86
C ASP B 81 -2.67 5.47 20.70
N GLY B 82 -2.82 4.58 19.72
CA GLY B 82 -1.99 4.63 18.52
C GLY B 82 -0.62 4.00 18.67
N GLU B 83 -0.39 3.34 19.81
CA GLU B 83 0.88 2.68 20.04
C GLU B 83 0.69 1.20 20.37
N LYS B 84 1.77 0.43 20.27
CA LYS B 84 1.67 -1.02 20.44
C LYS B 84 2.75 -1.59 21.35
N ILE B 85 2.37 -2.62 22.10
CA ILE B 85 3.33 -3.45 22.82
C ILE B 85 2.95 -4.91 22.67
N GLN B 86 3.84 -5.80 23.06
CA GLN B 86 3.59 -7.22 22.92
C GLN B 86 3.02 -7.80 24.19
N VAL B 87 2.11 -8.76 24.04
CA VAL B 87 1.62 -9.53 25.18
C VAL B 87 2.25 -10.91 25.16
N LEU B 88 3.03 -11.22 26.19
CA LEU B 88 3.71 -12.49 26.27
C LEU B 88 3.19 -13.29 27.46
N ALA B 89 2.23 -14.18 27.19
CA ALA B 89 1.60 -14.96 28.25
C ALA B 89 2.29 -16.31 28.46
N ASN B 90 2.84 -16.51 29.64
CA ASN B 90 3.56 -17.73 29.97
C ASN B 90 2.83 -18.52 31.06
N TYR B 91 2.61 -19.82 30.79
CA TYR B 91 1.93 -20.72 31.72
C TYR B 91 2.54 -20.66 33.12
N SER B 92 3.86 -20.54 33.19
CA SER B 92 4.57 -20.52 34.46
C SER B 92 4.27 -19.25 35.27
N PHE B 93 3.90 -18.19 34.57
CA PHE B 93 3.60 -16.92 35.24
C PHE B 93 2.11 -16.78 35.50
N HIS B 94 1.31 -17.58 34.81
CA HIS B 94 -0.14 -17.52 34.92
C HIS B 94 -0.65 -17.84 36.33
N ASN B 95 -1.65 -17.08 36.77
CA ASN B 95 -2.31 -17.33 38.04
C ASN B 95 -3.40 -18.38 37.83
N HIS B 96 -3.11 -19.62 38.22
CA HIS B 96 -4.00 -20.74 37.92
C HIS B 96 -5.26 -20.75 38.79
N GLU B 97 -5.34 -19.83 39.74
CA GLU B 97 -6.52 -19.72 40.60
C GLU B 97 -7.69 -19.04 39.90
N LYS B 98 -7.40 -18.31 38.83
CA LYS B 98 -8.43 -17.58 38.10
C LYS B 98 -9.02 -18.39 36.95
N GLY B 99 -8.38 -19.50 36.61
CA GLY B 99 -8.91 -20.39 35.59
C GLY B 99 -7.88 -21.09 34.74
N ASN B 100 -8.35 -22.03 33.93
CA ASN B 100 -7.49 -22.81 33.05
C ASN B 100 -6.78 -21.93 32.02
N PHE B 101 -5.45 -22.00 32.01
CA PHE B 101 -4.62 -21.18 31.13
C PHE B 101 -5.04 -21.27 29.67
N ALA B 102 -4.89 -22.45 29.09
CA ALA B 102 -5.17 -22.65 27.67
C ALA B 102 -6.61 -22.26 27.33
N GLU B 103 -7.54 -22.56 28.24
CA GLU B 103 -8.94 -22.23 28.02
C GLU B 103 -9.16 -20.73 27.93
N CYS B 104 -8.61 -20.01 28.92
CA CYS B 104 -8.75 -18.55 28.96
CA CYS B 104 -8.72 -18.55 28.97
C CYS B 104 -8.27 -17.88 27.68
N TYR B 105 -7.04 -18.18 27.27
CA TYR B 105 -6.46 -17.52 26.09
C TYR B 105 -6.95 -18.11 24.76
N ASP B 106 -7.58 -19.28 24.82
CA ASP B 106 -8.17 -19.86 23.62
C ASP B 106 -9.40 -19.06 23.19
N LYS B 107 -9.99 -18.35 24.15
CA LYS B 107 -11.23 -17.61 23.92
C LYS B 107 -10.97 -16.25 23.29
N ILE B 108 -9.75 -15.75 23.43
CA ILE B 108 -9.41 -14.42 22.95
C ILE B 108 -9.28 -14.36 21.43
N ARG B 109 -9.89 -13.35 20.83
CA ARG B 109 -9.86 -13.15 19.39
C ARG B 109 -9.32 -11.78 19.05
N ARG B 110 -8.94 -11.61 17.79
CA ARG B 110 -8.47 -10.32 17.30
C ARG B 110 -9.55 -9.26 17.43
N GLY B 111 -9.19 -8.11 17.98
CA GLY B 111 -10.13 -7.01 18.15
C GLY B 111 -10.64 -6.93 19.57
N ASP B 112 -10.51 -8.02 20.32
CA ASP B 112 -10.97 -8.05 21.70
C ASP B 112 -10.24 -7.03 22.55
N ILE B 113 -11.01 -6.28 23.34
CA ILE B 113 -10.45 -5.37 24.31
C ILE B 113 -10.32 -6.09 25.65
N VAL B 114 -9.11 -6.08 26.21
CA VAL B 114 -8.84 -6.86 27.41
C VAL B 114 -8.24 -6.02 28.51
N GLY B 115 -8.36 -6.52 29.74
CA GLY B 115 -7.66 -5.95 30.87
C GLY B 115 -6.63 -6.98 31.33
N ILE B 116 -5.40 -6.54 31.56
CA ILE B 116 -4.31 -7.44 31.86
C ILE B 116 -3.57 -7.10 33.16
N VAL B 117 -3.56 -8.05 34.10
CA VAL B 117 -2.76 -7.88 35.31
C VAL B 117 -1.45 -8.64 35.15
N GLY B 118 -0.33 -7.92 35.19
CA GLY B 118 0.96 -8.54 34.98
C GLY B 118 2.14 -7.61 35.23
N PHE B 119 3.31 -8.02 34.75
CA PHE B 119 4.53 -7.24 34.96
C PHE B 119 5.22 -6.95 33.63
N PRO B 120 6.05 -5.89 33.62
CA PRO B 120 6.78 -5.43 32.43
C PRO B 120 8.09 -6.18 32.22
N GLY B 121 8.57 -6.17 30.99
CA GLY B 121 9.82 -6.82 30.66
C GLY B 121 10.12 -6.79 29.18
N LYS B 122 11.29 -7.31 28.81
CA LYS B 122 11.65 -7.43 27.41
C LYS B 122 11.89 -8.91 27.08
N SER B 123 11.57 -9.29 25.86
CA SER B 123 11.82 -10.65 25.41
C SER B 123 13.31 -10.84 25.20
N LYS B 124 13.72 -12.05 24.86
CA LYS B 124 15.12 -12.32 24.57
C LYS B 124 15.57 -11.50 23.35
N LYS B 125 14.61 -11.20 22.49
CA LYS B 125 14.89 -10.47 21.26
C LYS B 125 14.78 -8.95 21.46
N GLY B 126 14.41 -8.54 22.67
CA GLY B 126 14.32 -7.13 23.00
C GLY B 126 12.97 -6.49 22.73
N GLU B 127 11.94 -7.32 22.59
CA GLU B 127 10.60 -6.82 22.34
C GLU B 127 9.92 -6.46 23.66
N LEU B 128 9.66 -5.17 23.86
CA LEU B 128 8.99 -4.70 25.07
C LEU B 128 7.64 -5.38 25.24
N SER B 129 7.43 -6.01 26.39
CA SER B 129 6.22 -6.82 26.58
C SER B 129 5.62 -6.70 27.98
N ILE B 130 4.30 -6.83 28.05
CA ILE B 130 3.63 -7.00 29.33
C ILE B 130 3.51 -8.50 29.57
N PHE B 131 3.88 -8.93 30.77
CA PHE B 131 3.82 -10.34 31.10
C PHE B 131 2.63 -10.60 32.01
N PRO B 132 1.54 -11.13 31.43
CA PRO B 132 0.28 -11.34 32.14
C PRO B 132 0.32 -12.46 33.17
N LYS B 133 -0.15 -12.13 34.37
CA LYS B 133 -0.44 -13.12 35.40
C LYS B 133 -1.95 -13.41 35.35
N GLU B 134 -2.69 -12.45 34.81
CA GLU B 134 -4.15 -12.56 34.67
C GLU B 134 -4.64 -11.70 33.50
N THR B 135 -5.54 -12.26 32.68
CA THR B 135 -6.12 -11.53 31.55
C THR B 135 -7.63 -11.73 31.47
N ILE B 136 -8.38 -10.64 31.44
CA ILE B 136 -9.82 -10.72 31.39
C ILE B 136 -10.41 -9.94 30.21
N LEU B 137 -11.47 -10.49 29.63
CA LEU B 137 -12.21 -9.81 28.58
C LEU B 137 -12.94 -8.60 29.14
N LEU B 138 -12.77 -7.44 28.52
CA LEU B 138 -13.52 -6.24 28.90
C LEU B 138 -14.62 -5.98 27.88
N SER B 139 -14.34 -6.34 26.63
CA SER B 139 -15.30 -6.13 25.57
C SER B 139 -14.88 -6.84 24.28
N ALA B 140 -15.71 -7.75 23.83
CA ALA B 140 -15.38 -8.56 22.66
C ALA B 140 -15.68 -7.82 21.37
N CYS B 141 -14.90 -8.13 20.35
CA CYS B 141 -15.21 -7.71 19.00
C CYS B 141 -15.96 -8.86 18.32
N LEU B 142 -17.24 -8.63 18.00
CA LEU B 142 -18.08 -9.68 17.44
C LEU B 142 -17.84 -9.92 15.96
N HIS B 143 -17.25 -8.93 15.29
CA HIS B 143 -17.00 -9.05 13.86
C HIS B 143 -15.57 -9.44 13.58
N MET B 144 -15.31 -9.88 12.36
CA MET B 144 -13.96 -10.13 11.91
C MET B 144 -13.34 -8.80 11.50
N LEU B 145 -12.32 -8.38 12.24
CA LEU B 145 -11.61 -7.15 11.92
C LEU B 145 -10.81 -7.32 10.65
N PRO B 146 -10.99 -6.40 9.69
CA PRO B 146 -10.23 -6.46 8.43
C PRO B 146 -8.74 -6.26 8.67
N MET B 147 -7.92 -6.80 7.77
CA MET B 147 -6.50 -6.48 7.77
C MET B 147 -6.32 -5.15 7.05
N LYS B 148 -5.08 -4.64 7.02
CA LYS B 148 -4.83 -3.31 6.51
C LYS B 148 -5.17 -3.16 5.02
N TYR B 149 -5.30 -4.28 4.32
CA TYR B 149 -5.60 -4.25 2.89
C TYR B 149 -7.09 -4.43 2.61
N GLY B 150 -7.87 -4.66 3.65
CA GLY B 150 -9.30 -4.84 3.50
C GLY B 150 -10.07 -3.54 3.53
N LEU B 151 -9.36 -2.45 3.79
CA LEU B 151 -10.00 -1.14 3.92
C LEU B 151 -9.65 -0.22 2.74
N LYS B 152 -8.44 0.32 2.77
CA LYS B 152 -8.00 1.22 1.71
C LYS B 152 -7.92 0.48 0.37
N ASP B 153 -8.66 0.99 -0.62
CA ASP B 153 -9.48 2.18 -0.43
C ASP B 153 -10.94 1.90 -0.75
N THR B 154 -11.82 2.29 0.17
CA THR B 154 -13.25 2.04 -0.01
C THR B 154 -14.09 3.11 0.69
N GLU B 155 -15.41 2.98 0.60
CA GLU B 155 -16.33 3.84 1.32
C GLU B 155 -16.37 3.49 2.80
N ILE B 156 -15.81 2.33 3.14
CA ILE B 156 -15.84 1.85 4.51
C ILE B 156 -15.16 2.83 5.46
N ARG B 157 -14.06 3.42 5.00
CA ARG B 157 -13.34 4.40 5.80
C ARG B 157 -14.21 5.60 6.15
N TYR B 158 -15.14 5.93 5.24
CA TYR B 158 -15.97 7.11 5.42
C TYR B 158 -17.26 6.81 6.18
N ARG B 159 -17.71 5.56 6.14
CA ARG B 159 -18.93 5.17 6.84
C ARG B 159 -18.64 4.52 8.19
N GLN B 160 -17.57 3.75 8.25
CA GLN B 160 -17.12 3.18 9.52
C GLN B 160 -15.74 3.73 9.89
N ARG B 161 -15.70 5.03 10.17
CA ARG B 161 -14.46 5.71 10.48
C ARG B 161 -13.70 5.07 11.63
N TYR B 162 -14.41 4.38 12.51
CA TYR B 162 -13.78 3.73 13.64
C TYR B 162 -12.86 2.61 13.19
N LEU B 163 -13.23 1.93 12.12
CA LEU B 163 -12.39 0.87 11.57
C LEU B 163 -11.13 1.47 10.96
N ASP B 164 -11.29 2.56 10.22
CA ASP B 164 -10.17 3.26 9.63
C ASP B 164 -9.18 3.74 10.69
N LEU B 165 -9.70 4.22 11.81
CA LEU B 165 -8.88 4.70 12.92
C LEU B 165 -8.10 3.59 13.61
N LEU B 166 -8.73 2.43 13.78
CA LEU B 166 -8.08 1.30 14.42
C LEU B 166 -6.95 0.73 13.58
N ILE B 167 -7.24 0.49 12.31
CA ILE B 167 -6.36 -0.28 11.44
C ILE B 167 -5.31 0.55 10.69
N ASN B 168 -5.67 1.76 10.29
CA ASN B 168 -4.76 2.61 9.54
C ASN B 168 -4.07 3.64 10.43
N GLU B 169 -2.74 3.55 10.53
CA GLU B 169 -1.99 4.41 11.43
C GLU B 169 -2.03 5.87 10.97
N SER B 170 -2.00 6.07 9.65
CA SER B 170 -2.00 7.43 9.09
C SER B 170 -3.28 8.18 9.42
N SER B 171 -4.39 7.45 9.52
CA SER B 171 -5.69 8.05 9.79
C SER B 171 -5.68 8.82 11.11
N ARG B 172 -5.14 8.20 12.15
CA ARG B 172 -5.02 8.85 13.45
C ARG B 172 -4.15 10.09 13.32
N HIS B 173 -3.00 9.92 12.67
CA HIS B 173 -2.09 11.02 12.44
CA HIS B 173 -2.07 11.02 12.42
C HIS B 173 -2.81 12.19 11.76
N THR B 174 -3.62 11.87 10.76
CA THR B 174 -4.33 12.90 10.01
C THR B 174 -5.24 13.73 10.90
N PHE B 175 -6.05 13.08 11.71
CA PHE B 175 -7.02 13.79 12.54
C PHE B 175 -6.39 14.43 13.76
N VAL B 176 -5.24 13.93 14.19
CA VAL B 176 -4.49 14.60 15.25
C VAL B 176 -3.99 15.94 14.72
N THR B 177 -3.52 15.91 13.47
CA THR B 177 -3.01 17.12 12.81
C THR B 177 -4.10 18.17 12.69
N ARG B 178 -5.29 17.75 12.28
CA ARG B 178 -6.41 18.66 12.15
C ARG B 178 -6.66 19.44 13.44
N THR B 179 -6.67 18.72 14.55
CA THR B 179 -6.88 19.34 15.86
C THR B 179 -5.72 20.26 16.23
N LYS B 180 -4.49 19.84 15.93
CA LYS B 180 -3.32 20.68 16.19
C LYS B 180 -3.43 21.99 15.45
N ILE B 181 -3.95 21.93 14.23
CA ILE B 181 -4.10 23.12 13.39
C ILE B 181 -5.11 24.10 13.98
N ILE B 182 -6.25 23.59 14.42
CA ILE B 182 -7.26 24.44 15.04
C ILE B 182 -6.73 25.01 16.35
N ASN B 183 -5.99 24.22 17.11
CA ASN B 183 -5.40 24.69 18.36
C ASN B 183 -4.44 25.84 18.10
N PHE B 184 -3.59 25.66 17.10
CA PHE B 184 -2.60 26.67 16.74
C PHE B 184 -3.27 27.98 16.38
N LEU B 185 -4.31 27.88 15.55
CA LEU B 185 -5.08 29.04 15.14
C LEU B 185 -5.72 29.75 16.33
N ARG B 186 -6.36 28.99 17.22
CA ARG B 186 -7.00 29.57 18.39
C ARG B 186 -5.97 30.30 19.27
N ASN B 187 -4.82 29.66 19.51
CA ASN B 187 -3.75 30.31 20.26
C ASN B 187 -3.17 31.50 19.51
N PHE B 188 -3.02 31.35 18.20
CA PHE B 188 -2.48 32.42 17.36
C PHE B 188 -3.32 33.69 17.52
N LEU B 189 -4.63 33.55 17.38
CA LEU B 189 -5.55 34.68 17.52
C LEU B 189 -5.65 35.15 18.97
N ASN B 190 -5.71 34.21 19.90
CA ASN B 190 -5.82 34.57 21.31
C ASN B 190 -4.61 35.35 21.81
N GLU B 191 -3.42 34.94 21.39
CA GLU B 191 -2.20 35.65 21.76
C GLU B 191 -2.19 37.08 21.22
N ARG B 192 -2.95 37.34 20.16
CA ARG B 192 -2.97 38.66 19.55
C ARG B 192 -4.18 39.47 20.01
N GLY B 193 -4.80 39.04 21.11
CA GLY B 193 -5.84 39.80 21.76
C GLY B 193 -7.24 39.60 21.22
N PHE B 194 -7.42 38.57 20.40
CA PHE B 194 -8.73 38.31 19.80
C PHE B 194 -9.65 37.59 20.77
N PHE B 195 -10.95 37.81 20.61
CA PHE B 195 -11.94 37.29 21.54
C PHE B 195 -12.91 36.31 20.86
N GLU B 196 -12.89 35.05 21.27
CA GLU B 196 -13.71 34.02 20.64
C GLU B 196 -15.17 34.14 21.09
N VAL B 197 -16.09 33.97 20.16
CA VAL B 197 -17.52 34.07 20.47
C VAL B 197 -18.33 33.03 19.71
N GLU B 198 -19.62 32.96 20.03
CA GLU B 198 -20.54 32.09 19.32
C GLU B 198 -21.72 32.89 18.77
N THR B 199 -21.84 32.91 17.45
CA THR B 199 -22.99 33.52 16.81
C THR B 199 -23.94 32.41 16.38
N PRO B 200 -25.20 32.75 16.08
CA PRO B 200 -26.28 31.77 15.88
C PRO B 200 -26.14 30.93 14.62
N MET B 201 -26.44 29.64 14.76
CA MET B 201 -26.46 28.71 13.64
C MET B 201 -27.68 28.95 12.76
N MET B 202 -28.77 29.40 13.39
CA MET B 202 -30.02 29.66 12.69
C MET B 202 -30.41 31.13 12.69
N ASN B 203 -30.79 31.65 11.54
CA ASN B 203 -31.19 33.04 11.41
C ASN B 203 -32.40 33.17 10.51
N LEU B 204 -32.99 34.37 10.48
CA LEU B 204 -34.15 34.64 9.65
C LEU B 204 -33.75 34.89 8.19
N ILE B 205 -32.48 35.22 8.00
CA ILE B 205 -31.92 35.34 6.66
C ILE B 205 -30.55 34.67 6.65
N ALA B 206 -29.94 34.56 5.48
CA ALA B 206 -28.65 33.88 5.37
C ALA B 206 -27.66 34.62 4.47
N GLY B 207 -26.90 35.53 5.08
CA GLY B 207 -25.72 36.11 4.45
C GLY B 207 -24.57 35.81 5.38
N GLY B 208 -23.36 36.26 5.06
CA GLY B 208 -23.08 36.95 3.82
C GLY B 208 -22.13 36.13 2.98
N ALA B 209 -22.63 35.65 1.84
CA ALA B 209 -21.89 34.82 0.91
C ALA B 209 -22.84 34.42 -0.21
N ASN B 210 -22.31 33.79 -1.26
CA ASN B 210 -23.16 33.38 -2.39
C ASN B 210 -23.35 31.87 -2.45
N ALA B 211 -24.32 31.37 -1.69
CA ALA B 211 -24.60 29.94 -1.68
C ALA B 211 -26.03 29.62 -1.26
N ARG B 212 -26.57 28.55 -1.82
CA ARG B 212 -27.90 28.07 -1.45
C ARG B 212 -27.86 27.59 0.00
N PRO B 213 -28.73 28.14 0.85
CA PRO B 213 -28.77 27.80 2.28
C PRO B 213 -29.61 26.57 2.58
N PHE B 214 -29.43 26.02 3.79
CA PHE B 214 -30.34 24.99 4.29
C PHE B 214 -31.54 25.66 4.94
N ILE B 215 -32.70 25.05 4.80
CA ILE B 215 -33.91 25.61 5.38
C ILE B 215 -34.49 24.65 6.42
N THR B 216 -34.90 25.20 7.56
CA THR B 216 -35.44 24.38 8.64
C THR B 216 -36.59 25.11 9.33
N HIS B 217 -37.37 24.38 10.11
CA HIS B 217 -38.57 24.93 10.73
C HIS B 217 -38.55 24.80 12.25
N HIS B 218 -38.84 25.90 12.94
CA HIS B 218 -38.93 25.89 14.40
C HIS B 218 -40.40 25.74 14.81
N ASN B 219 -40.69 24.75 15.60
CA ASN B 219 -42.04 24.39 15.84
C ASN B 219 -42.85 25.24 16.77
N ASP B 220 -42.23 25.76 17.80
CA ASP B 220 -42.93 26.54 18.78
C ASP B 220 -43.09 27.96 18.34
N LEU B 221 -42.10 28.48 17.67
CA LEU B 221 -42.16 29.81 17.09
C LEU B 221 -42.96 29.82 15.77
N ASP B 222 -43.19 28.62 15.23
CA ASP B 222 -43.89 28.47 13.95
C ASP B 222 -43.15 29.28 12.88
N LEU B 223 -41.86 29.03 12.76
CA LEU B 223 -41.00 29.89 11.96
C LEU B 223 -39.98 29.08 11.17
N ASP B 224 -39.82 29.42 9.90
CA ASP B 224 -38.74 28.86 9.10
C ASP B 224 -37.43 29.58 9.41
N LEU B 225 -36.35 28.83 9.49
CA LEU B 225 -35.05 29.40 9.79
C LEU B 225 -34.01 28.92 8.77
N TYR B 226 -33.00 29.74 8.54
CA TYR B 226 -31.92 29.38 7.63
C TYR B 226 -30.63 29.09 8.39
N LEU B 227 -30.04 27.93 8.10
CA LEU B 227 -28.72 27.62 8.64
C LEU B 227 -27.71 28.59 8.04
N ARG B 228 -26.83 29.11 8.88
CA ARG B 228 -25.88 30.12 8.46
C ARG B 228 -24.97 29.59 7.35
N ILE B 229 -24.73 30.40 6.33
CA ILE B 229 -23.78 30.04 5.28
C ILE B 229 -22.42 30.64 5.61
N ALA B 230 -22.42 31.54 6.58
CA ALA B 230 -21.20 32.21 7.01
C ALA B 230 -21.47 32.92 8.33
N THR B 231 -20.42 33.49 8.92
CA THR B 231 -20.56 34.16 10.21
C THR B 231 -20.27 35.66 10.12
N GLU B 232 -20.12 36.16 8.90
CA GLU B 232 -19.69 37.53 8.66
C GLU B 232 -20.57 38.60 9.31
N LEU B 233 -21.89 38.49 9.15
CA LEU B 233 -22.79 39.56 9.59
C LEU B 233 -22.83 39.75 11.11
N PRO B 234 -23.10 38.67 11.86
CA PRO B 234 -23.15 38.80 13.32
C PRO B 234 -21.83 39.32 13.90
N LEU B 235 -20.71 38.85 13.36
CA LEU B 235 -19.42 39.26 13.87
C LEU B 235 -19.18 40.76 13.69
N LYS B 236 -19.52 41.27 12.50
CA LYS B 236 -19.37 42.70 12.24
C LYS B 236 -20.19 43.50 13.23
N MET B 237 -21.39 43.00 13.53
CA MET B 237 -22.27 43.66 14.48
C MET B 237 -21.62 43.72 15.86
N LEU B 238 -20.82 42.71 16.17
CA LEU B 238 -20.10 42.68 17.44
C LEU B 238 -18.98 43.71 17.46
N ILE B 239 -18.35 43.91 16.30
CA ILE B 239 -17.37 44.99 16.13
C ILE B 239 -18.01 46.34 16.46
N VAL B 240 -19.24 46.53 15.98
CA VAL B 240 -19.99 47.74 16.30
C VAL B 240 -20.19 47.84 17.80
N GLY B 241 -20.32 46.69 18.45
CA GLY B 241 -20.53 46.64 19.89
C GLY B 241 -19.28 46.96 20.68
N GLY B 242 -18.17 47.18 19.99
CA GLY B 242 -16.93 47.55 20.66
C GLY B 242 -16.02 46.39 20.98
N ILE B 243 -16.32 45.23 20.41
CA ILE B 243 -15.43 44.08 20.50
C ILE B 243 -14.47 44.12 19.31
N ASP B 244 -13.40 44.90 19.44
CA ASP B 244 -12.59 45.30 18.30
C ASP B 244 -11.74 44.17 17.70
N LYS B 245 -11.54 43.10 18.46
CA LYS B 245 -10.94 41.87 17.94
C LYS B 245 -11.81 40.69 18.31
N VAL B 246 -12.56 40.17 17.35
CA VAL B 246 -13.45 39.06 17.61
C VAL B 246 -13.31 37.97 16.55
N TYR B 247 -13.61 36.73 16.91
CA TYR B 247 -13.58 35.66 15.94
C TYR B 247 -14.48 34.51 16.34
N GLU B 248 -14.67 33.57 15.42
CA GLU B 248 -15.47 32.38 15.67
C GLU B 248 -14.96 31.22 14.82
N ILE B 249 -14.80 30.06 15.46
CA ILE B 249 -14.48 28.84 14.75
C ILE B 249 -15.63 27.87 14.91
N GLY B 250 -16.33 27.60 13.82
CA GLY B 250 -17.46 26.70 13.86
C GLY B 250 -17.87 26.27 12.48
N LYS B 251 -18.94 25.46 12.43
CA LYS B 251 -19.48 24.96 11.17
C LYS B 251 -20.37 26.00 10.49
N VAL B 252 -20.31 26.04 9.17
CA VAL B 252 -21.25 26.82 8.39
C VAL B 252 -21.86 25.85 7.39
N PHE B 253 -23.07 26.15 6.91
CA PHE B 253 -23.79 25.19 6.10
C PHE B 253 -24.12 25.77 4.74
N ARG B 254 -23.70 25.08 3.69
CA ARG B 254 -24.00 25.52 2.33
C ARG B 254 -24.62 24.38 1.52
N ASN B 255 -25.87 24.59 1.12
CA ASN B 255 -26.62 23.61 0.36
C ASN B 255 -26.25 23.65 -1.12
N GLU B 256 -25.08 23.12 -1.44
CA GLU B 256 -24.57 23.15 -2.81
C GLU B 256 -24.03 21.76 -3.09
N GLY B 257 -23.13 21.67 -4.06
CA GLY B 257 -22.66 20.40 -4.58
C GLY B 257 -21.52 19.78 -3.80
N ILE B 258 -21.44 18.45 -3.84
CA ILE B 258 -20.44 17.72 -3.08
C ILE B 258 -19.34 17.17 -3.96
N ASP B 259 -18.09 17.48 -3.61
CA ASP B 259 -16.94 16.88 -4.29
C ASP B 259 -15.70 16.90 -3.40
N ASN B 260 -14.52 16.76 -4.03
CA ASN B 260 -13.26 16.61 -3.30
C ASN B 260 -12.84 17.83 -2.49
N THR B 261 -13.56 18.93 -2.62
CA THR B 261 -13.25 20.14 -1.88
C THR B 261 -14.51 20.83 -1.37
N HIS B 262 -15.62 20.09 -1.37
CA HIS B 262 -16.89 20.63 -0.91
C HIS B 262 -17.66 19.64 -0.05
N ASN B 263 -17.97 20.06 1.18
CA ASN B 263 -18.85 19.30 2.05
C ASN B 263 -19.93 20.24 2.57
N PRO B 264 -21.19 19.78 2.55
CA PRO B 264 -22.36 20.62 2.86
C PRO B 264 -22.18 21.43 4.14
N GLU B 265 -21.69 20.76 5.19
CA GLU B 265 -21.24 21.46 6.38
C GLU B 265 -19.71 21.41 6.40
N PHE B 266 -19.10 22.52 6.74
CA PHE B 266 -17.65 22.54 6.89
C PHE B 266 -17.26 23.56 7.94
N THR B 267 -16.03 23.44 8.43
CA THR B 267 -15.57 24.30 9.51
C THR B 267 -14.83 25.51 8.97
N SER B 268 -15.30 26.69 9.33
CA SER B 268 -14.63 27.92 8.92
C SER B 268 -14.19 28.72 10.13
N CYS B 269 -13.22 29.60 9.90
CA CYS B 269 -12.82 30.57 10.88
C CYS B 269 -12.92 31.96 10.26
N GLU B 270 -13.69 32.83 10.89
CA GLU B 270 -13.77 34.21 10.47
C GLU B 270 -13.42 35.13 11.65
N PHE B 271 -12.47 36.02 11.44
CA PHE B 271 -12.20 37.05 12.44
C PHE B 271 -12.37 38.43 11.82
N TYR B 272 -12.64 39.41 12.68
CA TYR B 272 -12.73 40.79 12.26
C TYR B 272 -11.87 41.63 13.19
N TRP B 273 -11.15 42.57 12.59
CA TRP B 273 -10.04 43.24 13.25
C TRP B 273 -10.16 44.73 13.06
N ALA B 274 -10.66 45.41 14.09
CA ALA B 274 -10.92 46.84 14.02
C ALA B 274 -9.65 47.64 13.72
N TYR B 275 -9.80 48.62 12.82
CA TYR B 275 -8.72 49.53 12.45
C TYR B 275 -7.60 48.82 11.68
N ALA B 276 -7.90 47.65 11.16
CA ALA B 276 -6.99 46.95 10.26
C ALA B 276 -7.52 47.07 8.84
N ASP B 277 -6.68 46.82 7.85
CA ASP B 277 -7.15 46.89 6.47
C ASP B 277 -6.57 45.77 5.59
N TYR B 278 -6.72 45.91 4.29
CA TYR B 278 -6.24 44.95 3.31
C TYR B 278 -4.78 44.59 3.49
N ASN B 279 -3.95 45.54 3.82
CA ASN B 279 -2.52 45.27 3.97
C ASN B 279 -2.21 44.51 5.25
N ASP B 280 -2.89 44.84 6.33
CA ASP B 280 -2.73 44.11 7.58
C ASP B 280 -3.14 42.65 7.38
N LEU B 281 -4.13 42.45 6.52
CA LEU B 281 -4.67 41.11 6.29
C LEU B 281 -3.67 40.24 5.55
N ILE B 282 -3.10 40.78 4.49
CA ILE B 282 -2.08 40.08 3.73
C ILE B 282 -0.93 39.67 4.63
N LYS B 283 -0.47 40.60 5.46
CA LYS B 283 0.60 40.34 6.41
C LYS B 283 0.21 39.20 7.35
N TRP B 284 -1.01 39.27 7.89
CA TRP B 284 -1.51 38.25 8.81
C TRP B 284 -1.52 36.87 8.18
N SER B 285 -2.11 36.77 6.99
CA SER B 285 -2.16 35.52 6.25
C SER B 285 -0.76 34.93 6.08
N GLU B 286 0.21 35.78 5.73
CA GLU B 286 1.58 35.33 5.52
C GLU B 286 2.24 34.91 6.83
N ASP B 287 1.97 35.65 7.91
CA ASP B 287 2.50 35.29 9.21
C ASP B 287 1.93 33.95 9.65
N PHE B 288 0.65 33.75 9.42
CA PHE B 288 -0.05 32.59 9.93
C PHE B 288 0.37 31.30 9.23
N PHE B 289 0.28 31.27 7.91
CA PHE B 289 0.56 30.05 7.16
C PHE B 289 2.04 29.63 7.27
N SER B 290 2.94 30.61 7.24
CA SER B 290 4.35 30.32 7.40
C SER B 290 4.61 29.73 8.80
N GLN B 291 4.11 30.41 9.82
CA GLN B 291 4.32 29.96 11.19
C GLN B 291 3.61 28.63 11.47
N LEU B 292 2.41 28.48 10.93
CA LEU B 292 1.64 27.24 11.10
C LEU B 292 2.40 26.05 10.52
N VAL B 293 2.80 26.19 9.26
CA VAL B 293 3.54 25.14 8.57
C VAL B 293 4.84 24.80 9.29
N TYR B 294 5.56 25.82 9.74
CA TYR B 294 6.81 25.60 10.45
C TYR B 294 6.58 24.94 11.81
N HIS B 295 5.48 25.32 12.46
CA HIS B 295 5.12 24.74 13.75
C HIS B 295 4.91 23.24 13.63
N LEU B 296 4.40 22.81 12.48
CA LEU B 296 4.05 21.41 12.26
C LEU B 296 5.22 20.60 11.70
N PHE B 297 6.11 21.24 10.96
CA PHE B 297 7.11 20.51 10.20
C PHE B 297 8.55 20.98 10.40
N GLY B 298 8.76 22.00 11.20
CA GLY B 298 10.10 22.55 11.41
C GLY B 298 10.73 23.01 10.11
N THR B 299 9.88 23.30 9.12
CA THR B 299 10.30 23.79 7.82
C THR B 299 9.14 24.49 7.12
N TYR B 300 9.44 25.38 6.18
CA TYR B 300 8.40 26.12 5.47
C TYR B 300 8.00 25.43 4.18
N LYS B 301 8.70 24.34 3.86
CA LYS B 301 8.43 23.60 2.63
C LYS B 301 7.85 22.22 2.95
N ILE B 302 6.80 21.86 2.23
CA ILE B 302 6.14 20.58 2.42
C ILE B 302 5.88 19.89 1.08
N SER B 303 5.80 18.57 1.11
CA SER B 303 5.46 17.80 -0.09
C SER B 303 3.95 17.56 -0.15
N TYR B 304 3.39 17.67 -1.35
CA TYR B 304 1.96 17.45 -1.53
C TYR B 304 1.66 16.65 -2.80
N ASN B 305 0.97 15.53 -2.65
CA ASN B 305 0.62 14.69 -3.79
C ASN B 305 -0.63 15.21 -4.49
N LYS B 306 -0.45 16.21 -5.34
CA LYS B 306 -1.57 16.89 -6.01
C LYS B 306 -2.41 15.94 -6.87
N ASP B 307 -1.77 14.93 -7.43
CA ASP B 307 -2.46 14.03 -8.35
C ASP B 307 -2.75 12.68 -7.70
N GLY B 308 -2.56 12.61 -6.38
CA GLY B 308 -2.74 11.36 -5.66
C GLY B 308 -1.41 10.70 -5.37
N PRO B 309 -1.42 9.74 -4.43
CA PRO B 309 -0.20 9.06 -3.96
C PRO B 309 0.47 8.20 -5.03
N GLU B 310 -0.23 7.96 -6.13
CA GLU B 310 0.32 7.17 -7.22
C GLU B 310 1.26 8.00 -8.10
N ASN B 311 0.88 9.25 -8.34
CA ASN B 311 1.69 10.13 -9.19
C ASN B 311 2.74 10.92 -8.41
N GLN B 312 3.51 11.70 -9.16
CA GLN B 312 4.57 12.54 -8.60
C GLN B 312 4.02 13.60 -7.65
N PRO B 313 4.68 13.80 -6.52
CA PRO B 313 4.33 14.89 -5.60
C PRO B 313 4.92 16.22 -6.05
N ILE B 314 4.42 17.32 -5.49
CA ILE B 314 5.01 18.63 -5.74
C ILE B 314 5.41 19.29 -4.43
N GLU B 315 6.39 20.15 -4.46
CA GLU B 315 6.77 20.84 -3.27
C GLU B 315 6.04 22.13 -3.20
N ILE B 316 5.61 22.50 -2.01
CA ILE B 316 4.92 23.77 -1.78
C ILE B 316 5.66 24.59 -0.74
N ASP B 317 6.20 25.73 -1.17
CA ASP B 317 7.02 26.60 -0.33
C ASP B 317 6.16 27.66 0.34
N PHE B 318 6.01 27.57 1.65
CA PHE B 318 5.19 28.53 2.39
C PHE B 318 6.02 29.69 2.94
N THR B 319 7.25 29.83 2.46
CA THR B 319 8.09 30.95 2.84
C THR B 319 7.53 32.25 2.25
N PRO B 320 7.26 33.24 3.12
CA PRO B 320 6.73 34.54 2.68
C PRO B 320 7.83 35.43 2.09
N PRO B 321 7.45 36.43 1.29
CA PRO B 321 6.05 36.76 0.99
C PRO B 321 5.48 35.89 -0.14
N TYR B 322 4.19 36.07 -0.42
CA TYR B 322 3.52 35.32 -1.48
C TYR B 322 3.15 36.26 -2.62
N PRO B 323 3.04 35.72 -3.84
CA PRO B 323 2.63 36.48 -5.03
C PRO B 323 1.23 37.08 -4.92
N LYS B 324 1.08 38.33 -5.35
CA LYS B 324 -0.23 38.94 -5.48
C LYS B 324 -0.58 39.14 -6.94
N VAL B 325 -1.81 38.79 -7.31
CA VAL B 325 -2.25 38.90 -8.70
C VAL B 325 -3.60 39.61 -8.79
N SER B 326 -3.62 40.78 -9.41
CA SER B 326 -4.85 41.51 -9.62
C SER B 326 -5.72 40.80 -10.64
N ILE B 327 -6.90 40.35 -10.21
CA ILE B 327 -7.73 39.47 -11.00
C ILE B 327 -8.12 40.04 -12.39
N VAL B 328 -8.61 41.27 -12.41
CA VAL B 328 -9.07 41.87 -13.66
C VAL B 328 -7.90 42.16 -14.60
N GLU B 329 -6.86 42.79 -14.07
CA GLU B 329 -5.66 43.10 -14.85
C GLU B 329 -5.03 41.83 -15.42
N GLU B 330 -5.06 40.76 -14.63
CA GLU B 330 -4.44 39.50 -15.03
C GLU B 330 -5.24 38.79 -16.12
N ILE B 331 -6.56 38.82 -15.98
CA ILE B 331 -7.45 38.24 -16.98
C ILE B 331 -7.30 38.97 -18.31
N GLU B 332 -7.16 40.29 -18.24
CA GLU B 332 -6.95 41.12 -19.43
C GLU B 332 -5.66 40.74 -20.16
N LYS B 333 -4.60 40.54 -19.38
CA LYS B 333 -3.30 40.18 -19.93
C LYS B 333 -3.35 38.84 -20.65
N VAL B 334 -3.67 37.80 -19.90
CA VAL B 334 -3.69 36.42 -20.41
C VAL B 334 -4.62 36.24 -21.61
N THR B 335 -5.74 36.93 -21.63
CA THR B 335 -6.69 36.81 -22.74
C THR B 335 -6.47 37.87 -23.81
N ASN B 336 -5.55 38.80 -23.54
CA ASN B 336 -5.26 39.90 -24.45
C ASN B 336 -6.52 40.67 -24.82
N THR B 337 -7.38 40.89 -23.83
CA THR B 337 -8.60 41.68 -24.02
C THR B 337 -8.65 42.81 -23.01
N ILE B 338 -9.62 43.70 -23.17
CA ILE B 338 -9.78 44.81 -22.23
C ILE B 338 -11.20 44.88 -21.71
N LEU B 339 -11.38 44.39 -20.48
CA LEU B 339 -12.69 44.43 -19.83
C LEU B 339 -12.94 45.82 -19.23
N GLU B 340 -13.71 46.62 -19.95
CA GLU B 340 -13.99 47.99 -19.51
C GLU B 340 -15.18 48.01 -18.57
N GLN B 341 -15.29 49.07 -17.77
CA GLN B 341 -16.38 49.18 -16.80
C GLN B 341 -17.53 50.01 -17.35
N PRO B 342 -18.73 49.80 -16.81
CA PRO B 342 -18.99 48.79 -15.77
C PRO B 342 -18.92 47.36 -16.31
N PHE B 343 -18.52 46.41 -15.47
CA PHE B 343 -18.50 45.00 -15.86
C PHE B 343 -19.93 44.50 -16.03
N ASP B 344 -20.85 45.21 -15.42
CA ASP B 344 -22.25 44.93 -15.50
C ASP B 344 -22.80 45.12 -16.90
N SER B 345 -22.18 45.99 -17.70
CA SER B 345 -22.64 46.37 -19.03
C SER B 345 -22.81 45.18 -19.98
N ASN B 346 -23.74 45.32 -20.93
CA ASN B 346 -23.97 44.27 -21.92
C ASN B 346 -22.75 44.03 -22.79
N GLU B 347 -21.99 45.09 -23.04
CA GLU B 347 -20.81 45.00 -23.88
C GLU B 347 -19.73 44.12 -23.26
N THR B 348 -19.43 44.37 -21.99
CA THR B 348 -18.38 43.61 -21.31
C THR B 348 -18.82 42.19 -20.99
N ILE B 349 -20.13 42.00 -20.81
CA ILE B 349 -20.67 40.66 -20.63
C ILE B 349 -20.54 39.87 -21.93
N GLU B 350 -20.77 40.54 -23.05
CA GLU B 350 -20.62 39.91 -24.36
C GLU B 350 -19.17 39.50 -24.62
N LYS B 351 -18.24 40.34 -24.17
CA LYS B 351 -16.81 40.05 -24.32
C LYS B 351 -16.42 38.81 -23.55
N MET B 352 -16.86 38.74 -22.29
CA MET B 352 -16.51 37.60 -21.44
C MET B 352 -17.16 36.32 -21.93
N ILE B 353 -18.42 36.42 -22.36
CA ILE B 353 -19.14 35.28 -22.92
C ILE B 353 -18.47 34.76 -24.18
N ASN B 354 -17.91 35.67 -24.97
CA ASN B 354 -17.19 35.27 -26.18
C ASN B 354 -15.87 34.60 -25.83
N ILE B 355 -15.17 35.13 -24.82
CA ILE B 355 -13.91 34.54 -24.38
C ILE B 355 -14.14 33.12 -23.88
N ILE B 356 -15.28 32.91 -23.25
CA ILE B 356 -15.67 31.58 -22.78
C ILE B 356 -15.97 30.68 -23.97
N LYS B 357 -16.73 31.20 -24.94
CA LYS B 357 -17.03 30.47 -26.16
C LYS B 357 -15.75 30.13 -26.95
N GLU B 358 -14.88 31.13 -27.06
CA GLU B 358 -13.64 31.01 -27.81
C GLU B 358 -12.67 30.01 -27.16
N HIS B 359 -12.78 29.83 -25.85
CA HIS B 359 -11.82 28.99 -25.13
C HIS B 359 -12.40 27.65 -24.63
N LYS B 360 -13.71 27.47 -24.81
CA LYS B 360 -14.38 26.22 -24.45
C LYS B 360 -14.47 25.99 -22.94
N ILE B 361 -14.77 27.06 -22.21
CA ILE B 361 -15.02 26.98 -20.77
C ILE B 361 -16.52 26.85 -20.54
N GLU B 362 -16.90 26.05 -19.55
CA GLU B 362 -18.31 25.88 -19.21
C GLU B 362 -18.91 27.23 -18.83
N LEU B 363 -20.10 27.53 -19.34
CA LEU B 363 -20.79 28.76 -19.01
C LEU B 363 -21.52 28.63 -17.68
N PRO B 364 -21.32 29.59 -16.82
CA PRO B 364 -22.09 29.65 -15.59
C PRO B 364 -23.52 29.97 -15.96
N ASN B 365 -24.43 29.04 -15.78
CA ASN B 365 -25.82 29.36 -15.87
C ASN B 365 -26.27 29.66 -14.45
N PRO B 366 -26.75 30.88 -14.20
CA PRO B 366 -26.87 31.89 -15.25
C PRO B 366 -25.59 32.69 -15.34
N PRO B 367 -25.25 33.16 -16.53
CA PRO B 367 -23.98 33.88 -16.68
C PRO B 367 -24.01 35.36 -16.35
N THR B 368 -24.07 35.64 -15.06
CA THR B 368 -23.96 36.98 -14.50
C THR B 368 -22.53 37.44 -14.64
N ALA B 369 -22.33 38.74 -14.58
CA ALA B 369 -21.00 39.31 -14.71
C ALA B 369 -20.05 38.72 -13.66
N ALA B 370 -20.51 38.71 -12.41
CA ALA B 370 -19.72 38.17 -11.31
C ALA B 370 -19.30 36.72 -11.58
N LYS B 371 -20.24 35.89 -12.01
CA LYS B 371 -19.94 34.48 -12.27
C LYS B 371 -19.04 34.29 -13.47
N LEU B 372 -19.15 35.17 -14.46
CA LEU B 372 -18.29 35.13 -15.63
C LEU B 372 -16.86 35.50 -15.25
N LEU B 373 -16.72 36.56 -14.46
CA LEU B 373 -15.43 36.95 -13.93
C LEU B 373 -14.79 35.81 -13.15
N ASP B 374 -15.54 35.23 -12.23
CA ASP B 374 -15.04 34.13 -11.42
C ASP B 374 -14.60 32.96 -12.30
N GLN B 375 -15.45 32.57 -13.25
CA GLN B 375 -15.14 31.47 -14.15
C GLN B 375 -13.88 31.75 -14.96
N LEU B 376 -13.66 33.01 -15.29
CA LEU B 376 -12.46 33.42 -16.01
C LEU B 376 -11.23 33.22 -15.15
N ALA B 377 -11.23 33.88 -14.00
CA ALA B 377 -10.13 33.80 -13.05
C ALA B 377 -9.82 32.35 -12.69
N SER B 378 -10.85 31.54 -12.63
CA SER B 378 -10.70 30.12 -12.33
C SER B 378 -9.94 29.41 -13.44
N HIS B 379 -10.21 29.79 -14.68
CA HIS B 379 -9.64 29.10 -15.83
C HIS B 379 -8.26 29.64 -16.21
N PHE B 380 -8.02 30.91 -15.91
CA PHE B 380 -6.81 31.57 -16.39
C PHE B 380 -5.82 31.99 -15.31
N ILE B 381 -6.29 32.09 -14.06
CA ILE B 381 -5.42 32.57 -12.99
C ILE B 381 -5.17 31.55 -11.89
N GLU B 382 -6.25 30.98 -11.36
CA GLU B 382 -6.21 30.21 -10.11
C GLU B 382 -5.18 29.07 -10.05
N ASN B 383 -4.69 28.63 -11.21
CA ASN B 383 -3.65 27.60 -11.22
C ASN B 383 -2.27 28.14 -11.59
N LYS B 384 -2.12 29.46 -11.53
CA LYS B 384 -0.87 30.13 -11.86
C LYS B 384 0.30 29.61 -11.02
N TYR B 385 0.09 29.54 -9.71
CA TYR B 385 1.11 29.04 -8.79
C TYR B 385 0.68 27.78 -8.07
N ASN B 386 1.52 26.75 -8.10
CA ASN B 386 1.26 25.53 -7.35
C ASN B 386 2.38 25.25 -6.34
N ASP B 387 3.59 25.71 -6.67
CA ASP B 387 4.76 25.46 -5.83
C ASP B 387 4.80 26.40 -4.64
N LYS B 388 3.93 27.41 -4.66
CA LYS B 388 3.83 28.36 -3.56
C LYS B 388 2.43 28.96 -3.53
N PRO B 389 1.94 29.26 -2.32
CA PRO B 389 0.62 29.90 -2.18
C PRO B 389 0.64 31.30 -2.75
N PHE B 390 -0.51 31.81 -3.19
CA PHE B 390 -0.57 33.15 -3.74
C PHE B 390 -1.97 33.76 -3.58
N PHE B 391 -2.02 35.09 -3.61
CA PHE B 391 -3.29 35.79 -3.49
C PHE B 391 -3.81 36.27 -4.84
N ILE B 392 -5.12 36.18 -5.02
CA ILE B 392 -5.80 36.91 -6.07
C ILE B 392 -6.49 38.10 -5.40
N VAL B 393 -6.24 39.30 -5.89
CA VAL B 393 -6.63 40.50 -5.16
C VAL B 393 -7.41 41.51 -5.99
N GLU B 394 -7.96 42.51 -5.30
CA GLU B 394 -8.58 43.66 -5.94
C GLU B 394 -9.77 43.29 -6.82
N HIS B 395 -10.52 42.29 -6.37
CA HIS B 395 -11.76 41.89 -7.03
C HIS B 395 -12.67 43.09 -7.30
N PRO B 396 -13.39 43.06 -8.43
CA PRO B 396 -14.39 44.08 -8.74
C PRO B 396 -15.48 44.17 -7.67
N GLN B 397 -16.05 45.34 -7.48
CA GLN B 397 -17.08 45.55 -6.47
CA GLN B 397 -17.09 45.55 -6.46
C GLN B 397 -18.30 44.66 -6.68
N ILE B 398 -18.61 44.35 -7.93
CA ILE B 398 -19.79 43.54 -8.23
C ILE B 398 -19.62 42.09 -7.80
N MET B 399 -18.38 41.69 -7.51
CA MET B 399 -18.12 40.37 -6.95
C MET B 399 -18.10 40.43 -5.43
N SER B 400 -18.05 41.64 -4.90
CA SER B 400 -17.74 41.83 -3.48
C SER B 400 -18.63 42.88 -2.81
N PRO B 401 -19.91 42.54 -2.62
CA PRO B 401 -20.93 43.44 -2.06
C PRO B 401 -20.69 43.87 -0.61
N LEU B 402 -19.79 43.19 0.10
CA LEU B 402 -19.50 43.54 1.49
C LEU B 402 -18.10 44.10 1.66
N ALA B 403 -17.30 44.00 0.59
CA ALA B 403 -15.95 44.55 0.61
C ALA B 403 -15.98 46.05 0.31
N LYS B 404 -15.13 46.80 0.98
CA LYS B 404 -15.04 48.24 0.77
CA LYS B 404 -15.04 48.24 0.77
C LYS B 404 -14.36 48.53 -0.56
N TYR B 405 -14.69 49.69 -1.14
CA TYR B 405 -14.14 50.08 -2.44
C TYR B 405 -12.65 50.36 -2.37
N HIS B 406 -11.96 50.06 -3.47
CA HIS B 406 -10.52 50.31 -3.57
C HIS B 406 -10.26 51.81 -3.52
N ARG B 407 -9.25 52.20 -2.75
CA ARG B 407 -9.07 53.61 -2.44
C ARG B 407 -8.40 54.40 -3.58
N THR B 408 -7.99 53.71 -4.64
CA THR B 408 -7.43 54.38 -5.81
C THR B 408 -7.89 53.77 -7.13
N LYS B 409 -8.30 52.51 -7.09
CA LYS B 409 -8.75 51.80 -8.29
C LYS B 409 -10.26 51.68 -8.33
N PRO B 410 -10.94 52.56 -9.08
CA PRO B 410 -12.40 52.60 -9.16
C PRO B 410 -12.99 51.27 -9.62
N GLY B 411 -14.23 51.00 -9.22
CA GLY B 411 -14.90 49.75 -9.59
C GLY B 411 -14.39 48.53 -8.86
N LEU B 412 -13.21 48.64 -8.27
CA LEU B 412 -12.61 47.51 -7.56
C LEU B 412 -12.78 47.63 -6.05
N THR B 413 -12.31 46.62 -5.33
CA THR B 413 -12.37 46.59 -3.87
C THR B 413 -11.06 46.10 -3.28
N GLU B 414 -10.87 46.31 -1.98
CA GLU B 414 -9.66 45.89 -1.30
C GLU B 414 -9.82 44.49 -0.73
N ARG B 415 -9.89 43.51 -1.63
CA ARG B 415 -10.17 42.12 -1.26
C ARG B 415 -9.02 41.20 -1.63
N LEU B 416 -8.93 40.06 -0.95
CA LEU B 416 -7.87 39.10 -1.25
C LEU B 416 -8.25 37.66 -0.93
N GLU B 417 -8.14 36.78 -1.94
CA GLU B 417 -8.33 35.35 -1.75
C GLU B 417 -6.99 34.66 -1.87
N MET B 418 -6.68 33.73 -0.97
CA MET B 418 -5.44 32.98 -1.09
C MET B 418 -5.70 31.59 -1.65
N PHE B 419 -4.74 31.09 -2.43
CA PHE B 419 -4.89 29.80 -3.08
C PHE B 419 -3.71 28.88 -2.83
N ILE B 420 -4.04 27.60 -2.64
CA ILE B 420 -3.04 26.55 -2.53
C ILE B 420 -3.41 25.47 -3.53
N CYS B 421 -2.49 25.19 -4.47
CA CYS B 421 -2.76 24.28 -5.58
C CYS B 421 -4.11 24.58 -6.24
N GLY B 422 -4.37 25.87 -6.47
CA GLY B 422 -5.56 26.26 -7.20
C GLY B 422 -6.86 26.10 -6.44
N LYS B 423 -6.77 25.96 -5.12
CA LYS B 423 -7.96 25.87 -4.27
C LYS B 423 -7.96 27.01 -3.25
N GLU B 424 -9.06 27.76 -3.21
CA GLU B 424 -9.21 28.87 -2.27
C GLU B 424 -9.29 28.37 -0.82
N VAL B 425 -8.44 28.92 0.04
CA VAL B 425 -8.44 28.55 1.46
C VAL B 425 -8.70 29.76 2.35
N LEU B 426 -8.67 30.95 1.76
CA LEU B 426 -8.79 32.18 2.53
C LEU B 426 -9.46 33.29 1.72
N ASN B 427 -10.35 34.03 2.39
CA ASN B 427 -11.07 35.13 1.76
C ASN B 427 -11.16 36.30 2.72
N ALA B 428 -10.43 37.37 2.44
CA ALA B 428 -10.41 38.52 3.33
C ALA B 428 -10.50 39.82 2.56
N TYR B 429 -10.95 40.87 3.24
CA TYR B 429 -10.98 42.21 2.63
C TYR B 429 -11.27 43.30 3.65
N THR B 430 -10.97 44.53 3.26
CA THR B 430 -11.38 45.70 4.03
C THR B 430 -12.90 45.80 3.99
N GLU B 431 -13.51 45.99 5.16
CA GLU B 431 -14.96 45.94 5.26
C GLU B 431 -15.65 47.21 4.78
N LEU B 432 -16.78 47.05 4.10
CA LEU B 432 -17.63 48.16 3.74
C LEU B 432 -18.36 48.65 4.99
N ASN B 433 -18.04 49.85 5.46
CA ASN B 433 -18.62 50.35 6.70
C ASN B 433 -19.50 51.58 6.52
N ASP B 434 -19.59 52.07 5.28
CA ASP B 434 -20.47 53.19 4.96
C ASP B 434 -21.85 52.66 4.58
N PRO B 435 -22.84 52.84 5.47
CA PRO B 435 -24.20 52.34 5.21
C PRO B 435 -24.79 52.85 3.88
N PHE B 436 -24.39 54.04 3.46
CA PHE B 436 -24.90 54.61 2.21
C PHE B 436 -24.35 53.86 0.98
N LYS B 437 -23.12 53.39 1.08
CA LYS B 437 -22.49 52.69 -0.05
C LYS B 437 -22.92 51.22 -0.13
N GLN B 438 -23.65 50.76 0.87
CA GLN B 438 -24.24 49.43 0.84
C GLN B 438 -25.65 49.53 0.29
N LYS B 439 -25.76 49.69 -1.02
CA LYS B 439 -27.02 50.01 -1.67
C LYS B 439 -28.02 48.87 -1.56
N GLU B 440 -27.55 47.70 -1.12
CA GLU B 440 -28.42 46.56 -0.90
C GLU B 440 -29.25 46.76 0.37
N CYS B 441 -28.82 47.70 1.22
CA CYS B 441 -29.57 48.03 2.43
C CYS B 441 -30.71 48.99 2.15
N PHE B 442 -30.45 49.99 1.30
CA PHE B 442 -31.43 51.00 0.96
C PHE B 442 -32.53 50.43 0.05
N LEU B 459 -29.05 40.06 2.89
CA LEU B 459 -28.86 40.64 4.21
C LEU B 459 -30.13 41.32 4.74
N ASP B 460 -30.22 41.41 6.06
CA ASP B 460 -31.43 41.91 6.72
C ASP B 460 -31.26 43.30 7.31
N SER B 461 -32.35 43.90 7.76
CA SER B 461 -32.31 45.25 8.30
C SER B 461 -31.55 45.33 9.62
N ALA B 462 -31.39 44.18 10.27
CA ALA B 462 -30.63 44.13 11.52
C ALA B 462 -29.19 44.56 11.29
N PHE B 463 -28.56 43.97 10.28
CA PHE B 463 -27.19 44.29 9.94
C PHE B 463 -27.04 45.74 9.48
N CYS B 464 -27.96 46.18 8.62
CA CYS B 464 -27.94 47.53 8.09
C CYS B 464 -28.11 48.57 9.19
N THR B 465 -29.09 48.35 10.06
CA THR B 465 -29.30 49.23 11.20
C THR B 465 -28.01 49.36 12.00
N SER B 466 -27.28 48.24 12.13
CA SER B 466 -26.06 48.23 12.94
C SER B 466 -24.96 49.07 12.29
N LEU B 467 -24.84 49.00 10.96
CA LEU B 467 -23.86 49.82 10.25
C LEU B 467 -24.14 51.30 10.48
N GLU B 468 -25.41 51.62 10.68
CA GLU B 468 -25.82 53.00 10.89
C GLU B 468 -25.41 53.52 12.26
N TYR B 469 -24.95 52.63 13.13
CA TYR B 469 -24.47 53.04 14.45
C TYR B 469 -22.97 53.26 14.45
N GLY B 470 -22.35 53.02 13.30
CA GLY B 470 -20.94 53.26 13.15
C GLY B 470 -20.10 52.00 13.30
N LEU B 471 -19.77 51.39 12.17
CA LEU B 471 -18.78 50.34 12.12
C LEU B 471 -17.43 50.99 11.83
N PRO B 472 -16.47 50.84 12.76
CA PRO B 472 -15.16 51.44 12.52
C PRO B 472 -14.49 50.79 11.31
N PRO B 473 -13.49 51.46 10.72
CA PRO B 473 -12.73 50.82 9.64
C PRO B 473 -12.19 49.48 10.13
N THR B 474 -12.47 48.42 9.38
CA THR B 474 -12.19 47.08 9.84
C THR B 474 -11.70 46.18 8.71
N GLY B 475 -10.88 45.21 9.07
CA GLY B 475 -10.51 44.15 8.14
C GLY B 475 -11.09 42.84 8.65
N GLY B 476 -11.57 42.01 7.72
CA GLY B 476 -12.09 40.71 8.06
C GLY B 476 -11.46 39.62 7.22
N LEU B 477 -11.53 38.39 7.69
CA LEU B 477 -10.89 37.27 7.01
C LEU B 477 -11.57 35.95 7.36
N GLY B 478 -11.68 35.08 6.35
CA GLY B 478 -12.27 33.76 6.54
C GLY B 478 -11.34 32.65 6.10
N LEU B 479 -11.21 31.63 6.95
CA LEU B 479 -10.35 30.49 6.63
C LEU B 479 -11.15 29.22 6.37
N GLY B 480 -10.80 28.53 5.29
CA GLY B 480 -11.33 27.20 5.05
C GLY B 480 -10.45 26.19 5.77
N ILE B 481 -10.84 25.87 7.01
CA ILE B 481 -10.05 25.00 7.88
C ILE B 481 -9.86 23.59 7.31
N ASP B 482 -10.93 23.04 6.73
CA ASP B 482 -10.87 21.68 6.19
C ASP B 482 -9.87 21.58 5.04
N ARG B 483 -9.99 22.47 4.08
CA ARG B 483 -9.12 22.49 2.92
C ARG B 483 -7.66 22.67 3.32
N ILE B 484 -7.43 23.54 4.29
CA ILE B 484 -6.09 23.78 4.81
C ILE B 484 -5.53 22.49 5.40
N THR B 485 -6.37 21.79 6.13
CA THR B 485 -5.99 20.53 6.75
C THR B 485 -5.63 19.51 5.68
N MET B 486 -6.35 19.54 4.56
CA MET B 486 -6.07 18.67 3.42
C MET B 486 -4.63 18.82 2.95
N PHE B 487 -4.21 20.06 2.72
CA PHE B 487 -2.89 20.32 2.15
C PHE B 487 -1.76 20.03 3.13
N LEU B 488 -2.08 20.05 4.43
CA LEU B 488 -1.04 19.86 5.43
C LEU B 488 -1.06 18.43 5.98
N THR B 489 -1.99 17.63 5.48
CA THR B 489 -2.08 16.22 5.85
C THR B 489 -1.91 15.36 4.61
N ASN B 490 -1.71 16.02 3.47
CA ASN B 490 -1.45 15.34 2.22
C ASN B 490 -2.64 14.51 1.74
N LYS B 491 -3.81 15.14 1.69
CA LYS B 491 -5.02 14.47 1.23
C LYS B 491 -5.60 15.17 0.00
N ASN B 492 -6.27 14.41 -0.86
CA ASN B 492 -6.83 14.95 -2.09
C ASN B 492 -8.33 15.21 -2.00
N SER B 493 -8.93 14.76 -0.90
CA SER B 493 -10.37 14.92 -0.72
C SER B 493 -10.69 15.40 0.70
N ILE B 494 -11.67 16.29 0.79
CA ILE B 494 -12.09 16.83 2.07
C ILE B 494 -12.74 15.75 2.94
N LYS B 495 -13.19 14.66 2.30
CA LYS B 495 -13.76 13.55 3.04
C LYS B 495 -12.70 12.83 3.89
N ASP B 496 -11.44 13.11 3.60
CA ASP B 496 -10.34 12.44 4.31
C ASP B 496 -9.94 13.17 5.60
N VAL B 497 -10.39 14.42 5.74
CA VAL B 497 -10.04 15.23 6.91
C VAL B 497 -11.24 15.54 7.76
N ILE B 498 -12.38 14.95 7.40
CA ILE B 498 -13.60 15.05 8.19
C ILE B 498 -13.93 13.67 8.74
N LEU B 499 -14.11 13.58 10.06
CA LEU B 499 -14.35 12.28 10.70
C LEU B 499 -15.54 11.55 10.09
N PHE B 500 -16.68 12.24 9.99
CA PHE B 500 -17.88 11.65 9.41
C PHE B 500 -18.42 12.50 8.27
N PRO B 501 -17.77 12.42 7.10
CA PRO B 501 -18.20 13.19 5.94
C PRO B 501 -19.60 12.80 5.48
N THR B 502 -20.28 13.72 4.83
CA THR B 502 -21.63 13.49 4.30
C THR B 502 -21.60 12.47 3.17
N MET B 503 -22.26 11.33 3.39
CA MET B 503 -22.31 10.28 2.38
C MET B 503 -23.74 10.03 1.92
N ARG B 504 -23.89 9.55 0.69
CA ARG B 504 -25.18 9.04 0.25
C ARG B 504 -25.40 7.69 0.91
N PRO B 505 -26.57 7.51 1.55
CA PRO B 505 -26.88 6.29 2.31
C PRO B 505 -26.86 5.03 1.45
N PRO C 4 -4.50 12.37 -17.92
CA PRO C 4 -3.39 11.48 -17.58
C PRO C 4 -3.15 10.42 -18.66
N ARG C 5 -4.04 10.35 -19.64
CA ARG C 5 -3.82 9.57 -20.84
C ARG C 5 -3.18 10.48 -21.88
N LEU C 6 -3.53 11.76 -21.80
CA LEU C 6 -2.99 12.79 -22.66
C LEU C 6 -1.48 12.83 -22.62
N TYR C 7 -0.93 12.52 -21.44
CA TYR C 7 0.51 12.47 -21.21
C TYR C 7 1.21 11.62 -22.26
N PHE C 8 0.48 10.67 -22.84
CA PHE C 8 1.03 9.76 -23.83
C PHE C 8 1.19 10.40 -25.20
N GLU C 9 0.12 11.01 -25.72
CA GLU C 9 0.18 11.63 -27.04
C GLU C 9 1.07 12.87 -27.05
N ASN C 10 1.24 13.48 -25.88
CA ASN C 10 2.17 14.61 -25.76
C ASN C 10 3.57 14.23 -26.22
N ARG C 11 4.14 13.22 -25.57
CA ARG C 11 5.47 12.76 -25.92
C ARG C 11 5.44 11.83 -27.13
N SER C 12 4.23 11.41 -27.54
CA SER C 12 4.07 10.62 -28.75
C SER C 12 4.35 11.48 -29.98
N LYS C 13 3.77 12.67 -30.01
CA LYS C 13 4.03 13.60 -31.10
C LYS C 13 5.37 14.29 -30.87
N PHE C 14 5.77 14.37 -29.60
CA PHE C 14 7.10 14.85 -29.22
C PHE C 14 8.17 14.11 -30.02
N ILE C 15 8.07 12.79 -30.06
CA ILE C 15 9.01 11.96 -30.82
C ILE C 15 8.90 12.27 -32.32
N GLN C 16 7.67 12.49 -32.78
CA GLN C 16 7.43 12.77 -34.20
C GLN C 16 8.05 14.11 -34.60
N ASP C 17 7.88 15.11 -33.75
CA ASP C 17 8.46 16.43 -33.99
C ASP C 17 9.99 16.34 -33.98
N GLN C 18 10.52 15.58 -33.05
CA GLN C 18 11.96 15.40 -32.91
C GLN C 18 12.61 14.87 -34.19
N LYS C 19 12.00 13.87 -34.80
CA LYS C 19 12.55 13.27 -36.01
C LYS C 19 12.45 14.22 -37.20
N ASP C 20 11.37 15.00 -37.24
CA ASP C 20 11.19 15.98 -38.32
C ASP C 20 12.18 17.13 -38.16
N LYS C 21 12.70 17.30 -36.95
CA LYS C 21 13.76 18.26 -36.70
C LYS C 21 15.13 17.64 -36.91
N GLY C 22 15.15 16.44 -37.51
CA GLY C 22 16.38 15.78 -37.86
C GLY C 22 17.04 14.98 -36.75
N ILE C 23 16.50 15.07 -35.53
CA ILE C 23 17.07 14.35 -34.40
C ILE C 23 16.53 12.93 -34.31
N ASN C 24 17.38 12.00 -33.87
CA ASN C 24 16.96 10.62 -33.67
C ASN C 24 16.85 10.29 -32.18
N PRO C 25 15.60 10.15 -31.70
CA PRO C 25 15.31 9.83 -30.30
C PRO C 25 15.44 8.33 -30.02
N TYR C 26 15.69 7.56 -31.07
CA TYR C 26 15.95 6.13 -30.95
C TYR C 26 17.20 5.76 -31.76
N PRO C 27 18.36 6.30 -31.36
CA PRO C 27 19.63 6.07 -32.06
C PRO C 27 20.06 4.61 -32.03
N HIS C 28 20.77 4.17 -33.07
CA HIS C 28 21.16 2.77 -33.20
C HIS C 28 22.14 2.33 -32.13
N LYS C 29 23.24 3.07 -32.00
CA LYS C 29 24.35 2.62 -31.15
C LYS C 29 24.90 3.74 -30.30
N PHE C 30 25.13 3.44 -29.03
CA PHE C 30 25.81 4.36 -28.13
C PHE C 30 26.86 3.60 -27.34
N GLU C 31 28.12 3.77 -27.71
CA GLU C 31 29.20 3.04 -27.05
C GLU C 31 29.54 3.66 -25.69
N ARG C 32 29.01 3.06 -24.63
CA ARG C 32 29.33 3.49 -23.28
C ARG C 32 30.63 2.85 -22.81
N THR C 33 31.28 3.47 -21.82
CA THR C 33 32.58 3.01 -21.37
C THR C 33 32.57 2.55 -19.92
N ILE C 34 31.39 2.54 -19.30
CA ILE C 34 31.28 2.11 -17.91
C ILE C 34 29.83 1.93 -17.48
N SER C 35 29.61 1.06 -16.50
CA SER C 35 28.28 0.83 -15.95
C SER C 35 28.14 1.53 -14.60
N ILE C 36 26.91 1.71 -14.15
CA ILE C 36 26.63 2.42 -12.92
C ILE C 36 27.14 1.71 -11.67
N PRO C 37 27.06 0.37 -11.64
CA PRO C 37 27.70 -0.36 -10.53
C PRO C 37 29.21 -0.16 -10.52
N GLU C 38 29.83 -0.25 -11.71
CA GLU C 38 31.27 -0.06 -11.85
C GLU C 38 31.66 1.36 -11.46
N PHE C 39 30.86 2.32 -11.91
CA PHE C 39 31.07 3.74 -11.60
C PHE C 39 31.06 3.98 -10.08
N ILE C 40 30.07 3.43 -9.40
CA ILE C 40 29.97 3.59 -7.95
C ILE C 40 31.17 2.98 -7.25
N GLU C 41 31.54 1.78 -7.69
CA GLU C 41 32.62 1.03 -7.06
C GLU C 41 33.96 1.76 -7.16
N LYS C 42 34.11 2.55 -8.21
CA LYS C 42 35.41 3.16 -8.53
C LYS C 42 35.57 4.57 -7.98
N TYR C 43 34.47 5.24 -7.67
CA TYR C 43 34.53 6.63 -7.24
C TYR C 43 33.82 6.90 -5.91
N LYS C 44 33.36 5.85 -5.25
CA LYS C 44 32.56 6.02 -4.03
C LYS C 44 33.36 6.60 -2.87
N ASP C 45 34.69 6.56 -2.98
CA ASP C 45 35.55 7.02 -1.89
C ASP C 45 36.09 8.43 -2.11
N LEU C 46 35.60 9.11 -3.13
CA LEU C 46 36.03 10.48 -3.42
C LEU C 46 35.60 11.45 -2.33
N GLY C 47 36.33 12.55 -2.22
CA GLY C 47 36.05 13.58 -1.22
C GLY C 47 34.99 14.56 -1.70
N ASN C 48 34.28 15.16 -0.75
CA ASN C 48 33.17 16.06 -1.05
C ASN C 48 33.56 17.22 -1.95
N GLY C 49 32.89 17.35 -3.09
CA GLY C 49 33.11 18.46 -3.99
C GLY C 49 34.19 18.22 -5.04
N GLU C 50 34.90 17.09 -4.93
CA GLU C 50 35.98 16.79 -5.86
C GLU C 50 35.48 16.49 -7.27
N HIS C 51 36.19 17.02 -8.26
CA HIS C 51 35.87 16.80 -9.67
C HIS C 51 37.05 16.17 -10.40
N LEU C 52 36.77 15.40 -11.45
CA LEU C 52 37.81 14.84 -12.31
C LEU C 52 37.56 15.25 -13.76
N GLU C 53 37.51 16.55 -14.00
CA GLU C 53 37.01 17.12 -15.25
C GLU C 53 37.57 16.49 -16.53
N ASP C 54 38.82 16.04 -16.49
CA ASP C 54 39.44 15.50 -17.68
C ASP C 54 39.51 13.98 -17.66
N THR C 55 38.54 13.37 -16.97
CA THR C 55 38.31 11.94 -17.04
C THR C 55 36.96 11.69 -17.70
N ILE C 56 36.98 11.56 -19.03
CA ILE C 56 35.75 11.44 -19.81
C ILE C 56 35.14 10.04 -19.73
N LEU C 57 33.83 9.98 -19.50
CA LEU C 57 33.12 8.72 -19.36
C LEU C 57 31.84 8.69 -20.19
N ASN C 58 31.59 7.55 -20.84
CA ASN C 58 30.31 7.30 -21.50
C ASN C 58 29.46 6.38 -20.65
N ILE C 59 28.36 6.90 -20.13
CA ILE C 59 27.51 6.13 -19.22
C ILE C 59 26.04 6.25 -19.60
N THR C 60 25.28 5.18 -19.37
CA THR C 60 23.85 5.18 -19.65
C THR C 60 23.04 4.86 -18.40
N GLY C 61 21.73 4.86 -18.54
CA GLY C 61 20.84 4.61 -17.41
C GLY C 61 19.44 5.12 -17.67
N ARG C 62 18.57 4.98 -16.67
CA ARG C 62 17.19 5.43 -16.80
C ARG C 62 16.91 6.52 -15.78
N ILE C 63 16.26 7.59 -16.23
CA ILE C 63 15.92 8.71 -15.37
C ILE C 63 14.75 8.38 -14.45
N MET C 64 14.98 8.50 -13.14
CA MET C 64 13.96 8.17 -12.16
C MET C 64 13.52 9.40 -11.34
N ARG C 65 14.09 10.56 -11.66
CA ARG C 65 13.74 11.78 -10.95
C ARG C 65 14.26 13.03 -11.67
N VAL C 66 13.43 14.08 -11.67
CA VAL C 66 13.84 15.37 -12.21
C VAL C 66 13.60 16.45 -11.16
N SER C 67 14.59 17.33 -10.98
CA SER C 67 14.50 18.38 -9.97
C SER C 67 15.36 19.58 -10.32
N ALA C 68 14.78 20.52 -11.06
CA ALA C 68 15.50 21.74 -11.41
C ALA C 68 15.73 22.61 -10.18
N SER C 69 16.85 23.32 -10.16
CA SER C 69 17.18 24.19 -9.02
C SER C 69 18.08 25.35 -9.46
N GLY C 70 17.57 26.57 -9.28
CA GLY C 70 18.33 27.75 -9.64
C GLY C 70 18.34 28.03 -11.13
N GLN C 71 17.62 27.18 -11.88
CA GLN C 71 17.47 27.36 -13.32
C GLN C 71 18.79 27.17 -14.07
N LYS C 72 19.80 26.63 -13.37
CA LYS C 72 21.11 26.37 -13.96
C LYS C 72 21.66 25.03 -13.51
N LEU C 73 20.98 24.41 -12.56
CA LEU C 73 21.37 23.10 -12.05
C LEU C 73 20.24 22.09 -12.19
N ARG C 74 20.43 21.11 -13.07
CA ARG C 74 19.44 20.06 -13.26
C ARG C 74 19.79 18.84 -12.42
N PHE C 75 18.82 18.36 -11.65
CA PHE C 75 19.03 17.16 -10.83
C PHE C 75 18.36 15.95 -11.44
N PHE C 76 19.04 14.81 -11.38
CA PHE C 76 18.50 13.56 -11.87
C PHE C 76 18.95 12.39 -11.00
N ASP C 77 18.07 11.42 -10.83
CA ASP C 77 18.47 10.12 -10.32
C ASP C 77 18.60 9.18 -11.52
N LEU C 78 19.80 8.64 -11.71
CA LEU C 78 20.05 7.72 -12.81
C LEU C 78 20.25 6.31 -12.27
N VAL C 79 19.46 5.37 -12.76
CA VAL C 79 19.58 3.98 -12.31
C VAL C 79 20.08 3.07 -13.43
N GLY C 80 20.72 1.98 -13.02
CA GLY C 80 21.24 1.00 -13.95
C GLY C 80 21.74 -0.20 -13.17
N ASP C 81 21.29 -1.39 -13.56
CA ASP C 81 21.70 -2.63 -12.89
C ASP C 81 21.41 -2.61 -11.40
N GLY C 82 20.32 -1.96 -11.00
CA GLY C 82 19.86 -1.99 -9.63
C GLY C 82 20.60 -1.06 -8.69
N GLU C 83 21.36 -0.13 -9.26
CA GLU C 83 22.06 0.89 -8.47
C GLU C 83 21.82 2.25 -9.09
N LYS C 84 21.98 3.31 -8.30
CA LYS C 84 21.69 4.65 -8.81
C LYS C 84 22.72 5.68 -8.40
N ILE C 85 22.97 6.63 -9.30
CA ILE C 85 23.79 7.80 -9.01
C ILE C 85 23.06 9.03 -9.57
N GLN C 86 23.30 10.18 -8.97
CA GLN C 86 22.60 11.39 -9.41
C GLN C 86 23.39 12.13 -10.48
N VAL C 87 22.67 12.83 -11.35
CA VAL C 87 23.28 13.59 -12.44
C VAL C 87 23.21 15.09 -12.18
N LEU C 88 24.35 15.77 -12.23
CA LEU C 88 24.39 17.21 -12.03
C LEU C 88 24.63 17.95 -13.34
N ALA C 89 23.56 18.44 -13.94
CA ALA C 89 23.66 19.22 -15.17
C ALA C 89 24.02 20.67 -14.84
N ASN C 90 25.26 21.04 -15.12
CA ASN C 90 25.75 22.38 -14.83
C ASN C 90 26.13 23.14 -16.08
N TYR C 91 25.53 24.30 -16.26
CA TYR C 91 25.77 25.16 -17.42
C TYR C 91 27.25 25.46 -17.62
N SER C 92 28.00 25.45 -16.52
CA SER C 92 29.43 25.75 -16.56
C SER C 92 30.21 24.70 -17.34
N PHE C 93 29.68 23.49 -17.42
CA PHE C 93 30.40 22.39 -18.05
C PHE C 93 29.76 21.92 -19.36
N HIS C 94 28.63 22.52 -19.73
CA HIS C 94 27.89 22.11 -20.92
C HIS C 94 28.63 22.44 -22.23
N ASN C 95 28.55 21.51 -23.17
CA ASN C 95 29.06 21.73 -24.53
C ASN C 95 27.98 22.36 -25.39
N HIS C 96 28.09 23.67 -25.61
CA HIS C 96 27.06 24.41 -26.32
C HIS C 96 27.12 24.21 -27.83
N GLU C 97 28.11 23.47 -28.30
CA GLU C 97 28.26 23.19 -29.74
C GLU C 97 27.20 22.23 -30.24
N LYS C 98 26.54 21.52 -29.31
CA LYS C 98 25.51 20.57 -29.66
C LYS C 98 24.11 21.19 -29.65
N GLY C 99 23.86 22.08 -28.70
CA GLY C 99 22.57 22.75 -28.61
C GLY C 99 22.42 23.53 -27.32
N ASN C 100 21.29 24.21 -27.17
CA ASN C 100 21.02 25.00 -25.97
C ASN C 100 20.91 24.13 -24.73
N PHE C 101 21.52 24.57 -23.64
CA PHE C 101 21.55 23.81 -22.39
C PHE C 101 20.15 23.50 -21.87
N ALA C 102 19.42 24.56 -21.48
CA ALA C 102 18.10 24.40 -20.90
C ALA C 102 17.12 23.77 -21.89
N GLU C 103 17.31 24.05 -23.17
CA GLU C 103 16.41 23.55 -24.22
C GLU C 103 16.44 22.02 -24.32
N CYS C 104 17.64 21.45 -24.23
CA CYS C 104 17.81 20.01 -24.33
C CYS C 104 17.38 19.28 -23.07
N TYR C 105 17.61 19.90 -21.91
CA TYR C 105 17.31 19.26 -20.63
C TYR C 105 15.85 19.43 -20.20
N ASP C 106 15.09 20.23 -20.93
CA ASP C 106 13.66 20.40 -20.65
C ASP C 106 12.85 19.27 -21.26
N LYS C 107 13.39 18.64 -22.30
CA LYS C 107 12.68 17.60 -23.03
C LYS C 107 12.79 16.23 -22.37
N ILE C 108 13.69 16.10 -21.40
CA ILE C 108 13.89 14.84 -20.70
C ILE C 108 12.96 14.70 -19.51
N ARG C 109 12.23 13.59 -19.47
CA ARG C 109 11.24 13.34 -18.41
C ARG C 109 11.62 12.11 -17.59
N ARG C 110 10.87 11.84 -16.53
CA ARG C 110 11.13 10.67 -15.68
C ARG C 110 10.87 9.38 -16.43
N GLY C 111 11.81 8.45 -16.34
CA GLY C 111 11.67 7.15 -16.96
C GLY C 111 12.43 7.01 -18.27
N ASP C 112 12.98 8.12 -18.75
CA ASP C 112 13.70 8.12 -20.03
C ASP C 112 15.10 7.52 -19.90
N ILE C 113 15.48 6.73 -20.89
CA ILE C 113 16.84 6.20 -20.95
C ILE C 113 17.73 7.15 -21.74
N VAL C 114 18.78 7.62 -21.10
CA VAL C 114 19.68 8.60 -21.72
C VAL C 114 21.10 8.09 -21.89
N GLY C 115 21.74 8.53 -22.96
CA GLY C 115 23.17 8.33 -23.16
C GLY C 115 23.91 9.58 -22.75
N ILE C 116 24.76 9.46 -21.74
CA ILE C 116 25.44 10.62 -21.17
C ILE C 116 26.96 10.60 -21.39
N VAL C 117 27.50 11.73 -21.85
CA VAL C 117 28.94 11.93 -21.95
C VAL C 117 29.36 12.99 -20.95
N GLY C 118 30.12 12.59 -19.93
CA GLY C 118 30.51 13.51 -18.88
C GLY C 118 31.52 12.89 -17.92
N PHE C 119 31.78 13.57 -16.81
CA PHE C 119 32.81 13.13 -15.87
C PHE C 119 32.25 12.86 -14.47
N PRO C 120 33.00 12.08 -13.67
CA PRO C 120 32.62 11.70 -12.31
C PRO C 120 32.99 12.74 -11.26
N GLY C 121 32.42 12.61 -10.07
CA GLY C 121 32.71 13.51 -8.97
C GLY C 121 31.57 13.64 -7.99
N LYS C 122 31.90 14.05 -6.77
CA LYS C 122 30.88 14.31 -5.76
C LYS C 122 30.50 15.78 -5.74
N SER C 123 29.35 16.08 -5.15
CA SER C 123 28.94 17.46 -4.91
C SER C 123 29.37 17.85 -3.50
N LYS C 124 29.18 19.12 -3.15
CA LYS C 124 29.48 19.56 -1.79
C LYS C 124 28.62 18.79 -0.80
N LYS C 125 27.41 18.44 -1.24
CA LYS C 125 26.50 17.62 -0.45
C LYS C 125 27.16 16.31 -0.02
N GLY C 126 28.05 15.81 -0.88
CA GLY C 126 28.73 14.55 -0.64
C GLY C 126 28.17 13.46 -1.54
N GLU C 127 27.20 13.83 -2.36
CA GLU C 127 26.50 12.87 -3.22
C GLU C 127 27.30 12.52 -4.45
N LEU C 128 27.71 11.26 -4.56
CA LEU C 128 28.39 10.77 -5.75
C LEU C 128 27.54 11.03 -6.98
N SER C 129 28.11 11.74 -7.96
CA SER C 129 27.33 12.17 -9.11
C SER C 129 28.08 12.03 -10.43
N ILE C 130 27.33 12.16 -11.52
CA ILE C 130 27.92 12.20 -12.85
C ILE C 130 27.65 13.60 -13.44
N PHE C 131 28.73 14.26 -13.88
CA PHE C 131 28.61 15.61 -14.41
C PHE C 131 28.68 15.59 -15.93
N PRO C 132 27.53 15.73 -16.58
CA PRO C 132 27.39 15.65 -18.03
C PRO C 132 27.96 16.83 -18.79
N LYS C 133 28.66 16.53 -19.88
CA LYS C 133 29.09 17.54 -20.83
C LYS C 133 28.13 17.53 -22.01
N GLU C 134 27.50 16.37 -22.20
CA GLU C 134 26.57 16.14 -23.30
C GLU C 134 25.56 15.07 -22.88
N THR C 135 24.32 15.18 -23.36
CA THR C 135 23.28 14.20 -23.03
C THR C 135 22.44 13.86 -24.25
N ILE C 136 22.34 12.56 -24.54
CA ILE C 136 21.60 12.09 -25.72
C ILE C 136 20.42 11.20 -25.30
N LEU C 137 19.29 11.36 -25.97
CA LEU C 137 18.13 10.51 -25.72
C LEU C 137 18.31 9.18 -26.43
N LEU C 138 18.34 8.09 -25.66
CA LEU C 138 18.55 6.75 -26.22
C LEU C 138 17.24 6.02 -26.44
N SER C 139 16.30 6.20 -25.53
CA SER C 139 14.97 5.61 -25.65
C SER C 139 13.99 6.31 -24.72
N ALA C 140 12.90 6.82 -25.28
CA ALA C 140 11.94 7.61 -24.52
C ALA C 140 10.93 6.74 -23.78
N CYS C 141 10.56 7.18 -22.59
CA CYS C 141 9.50 6.54 -21.82
C CYS C 141 8.17 7.25 -22.10
N LEU C 142 7.35 6.65 -22.95
CA LEU C 142 6.12 7.29 -23.44
C LEU C 142 4.93 7.23 -22.48
N HIS C 143 5.14 6.70 -21.27
CA HIS C 143 4.05 6.64 -20.28
C HIS C 143 4.49 7.28 -18.96
N MET C 144 3.55 7.44 -18.05
CA MET C 144 3.86 7.88 -16.69
C MET C 144 4.33 6.70 -15.85
N LEU C 145 5.47 6.85 -15.19
CA LEU C 145 5.95 5.79 -14.32
C LEU C 145 5.29 5.89 -12.97
N PRO C 146 4.70 4.78 -12.50
CA PRO C 146 4.07 4.73 -11.18
C PRO C 146 5.09 4.94 -10.07
N MET C 147 4.65 5.47 -8.95
CA MET C 147 5.51 5.55 -7.78
C MET C 147 5.45 4.21 -7.07
N LYS C 148 6.17 4.07 -5.95
CA LYS C 148 6.14 2.81 -5.21
C LYS C 148 4.72 2.45 -4.80
N TYR C 149 3.97 3.46 -4.36
CA TYR C 149 2.60 3.26 -3.89
C TYR C 149 1.71 2.64 -4.97
N GLY C 150 1.93 3.04 -6.22
CA GLY C 150 1.11 2.55 -7.31
C GLY C 150 1.25 1.06 -7.54
N LEU C 151 2.30 0.48 -6.98
CA LEU C 151 2.57 -0.94 -7.13
C LEU C 151 2.11 -1.73 -5.91
N LYS C 152 2.33 -1.16 -4.73
CA LYS C 152 1.97 -1.83 -3.48
C LYS C 152 0.61 -1.37 -2.96
N ASP C 153 -0.39 -2.24 -3.04
CA ASP C 153 -0.22 -3.57 -3.65
C ASP C 153 -1.27 -3.79 -4.72
N THR C 154 -0.84 -4.23 -5.90
CA THR C 154 -1.74 -4.41 -7.02
C THR C 154 -1.39 -5.67 -7.82
N GLU C 155 -1.99 -5.80 -8.99
CA GLU C 155 -1.67 -6.87 -9.91
C GLU C 155 -0.77 -6.36 -11.02
N ILE C 156 -0.07 -5.27 -10.74
CA ILE C 156 0.82 -4.66 -11.73
C ILE C 156 2.18 -5.35 -11.73
N ARG C 157 2.60 -5.80 -10.54
CA ARG C 157 3.85 -6.54 -10.41
C ARG C 157 3.87 -7.76 -11.34
N TYR C 158 2.70 -8.36 -11.55
CA TYR C 158 2.61 -9.61 -12.29
C TYR C 158 2.26 -9.43 -13.76
N ARG C 159 1.61 -8.32 -14.10
CA ARG C 159 1.24 -8.04 -15.48
C ARG C 159 2.32 -7.23 -16.19
N GLN C 160 2.92 -6.30 -15.45
CA GLN C 160 4.04 -5.52 -15.96
C GLN C 160 5.22 -5.66 -15.02
N ARG C 161 5.94 -6.77 -15.15
CA ARG C 161 7.04 -7.09 -14.26
C ARG C 161 8.18 -6.08 -14.36
N TYR C 162 8.36 -5.50 -15.55
CA TYR C 162 9.42 -4.54 -15.78
C TYR C 162 9.30 -3.32 -14.86
N LEU C 163 8.06 -2.85 -14.65
CA LEU C 163 7.83 -1.74 -13.75
C LEU C 163 8.25 -2.10 -12.33
N ASP C 164 7.88 -3.31 -11.90
CA ASP C 164 8.22 -3.78 -10.56
C ASP C 164 9.74 -3.90 -10.39
N LEU C 165 10.41 -4.31 -11.45
CA LEU C 165 11.87 -4.48 -11.41
C LEU C 165 12.60 -3.15 -11.31
N LEU C 166 12.07 -2.14 -11.98
CA LEU C 166 12.66 -0.80 -11.97
C LEU C 166 12.48 -0.11 -10.63
N ILE C 167 11.25 -0.19 -10.10
CA ILE C 167 10.85 0.62 -8.95
C ILE C 167 11.12 -0.05 -7.61
N ASN C 168 10.82 -1.35 -7.51
CA ASN C 168 11.09 -2.10 -6.29
C ASN C 168 12.42 -2.83 -6.38
N GLU C 169 13.41 -2.37 -5.62
CA GLU C 169 14.72 -2.99 -5.62
C GLU C 169 14.67 -4.38 -4.99
N SER C 170 13.63 -4.60 -4.17
CA SER C 170 13.44 -5.88 -3.50
C SER C 170 13.12 -6.98 -4.49
N SER C 171 12.42 -6.64 -5.56
CA SER C 171 12.07 -7.63 -6.58
C SER C 171 13.30 -8.11 -7.33
N ARG C 172 14.16 -7.18 -7.72
CA ARG C 172 15.41 -7.52 -8.38
C ARG C 172 16.25 -8.44 -7.50
N HIS C 173 16.36 -8.08 -6.23
CA HIS C 173 17.10 -8.89 -5.26
C HIS C 173 16.53 -10.31 -5.19
N THR C 174 15.21 -10.41 -5.28
CA THR C 174 14.53 -11.70 -5.19
C THR C 174 14.91 -12.63 -6.34
N PHE C 175 14.74 -12.16 -7.57
CA PHE C 175 15.02 -12.96 -8.76
C PHE C 175 16.51 -13.23 -8.94
N VAL C 176 17.33 -12.33 -8.45
CA VAL C 176 18.78 -12.55 -8.40
C VAL C 176 19.08 -13.73 -7.51
N THR C 177 18.39 -13.80 -6.38
CA THR C 177 18.54 -14.90 -5.43
C THR C 177 18.08 -16.22 -6.03
N ARG C 178 16.98 -16.19 -6.77
CA ARG C 178 16.47 -17.39 -7.43
C ARG C 178 17.53 -18.00 -8.36
N THR C 179 18.11 -17.17 -9.21
CA THR C 179 19.14 -17.63 -10.15
C THR C 179 20.36 -18.15 -9.39
N LYS C 180 20.67 -17.53 -8.25
CA LYS C 180 21.78 -17.99 -7.42
C LYS C 180 21.48 -19.37 -6.86
N ILE C 181 20.21 -19.61 -6.54
CA ILE C 181 19.77 -20.88 -5.99
C ILE C 181 19.93 -22.00 -7.02
N ILE C 182 19.42 -21.76 -8.23
CA ILE C 182 19.50 -22.75 -9.29
C ILE C 182 20.94 -23.00 -9.72
N ASN C 183 21.75 -21.94 -9.70
CA ASN C 183 23.18 -22.08 -9.98
C ASN C 183 23.83 -23.02 -8.97
N PHE C 184 23.53 -22.79 -7.70
CA PHE C 184 24.10 -23.59 -6.62
C PHE C 184 23.71 -25.05 -6.79
N LEU C 185 22.42 -25.28 -7.05
CA LEU C 185 21.91 -26.63 -7.22
C LEU C 185 22.63 -27.35 -8.36
N ARG C 186 22.68 -26.70 -9.52
CA ARG C 186 23.30 -27.31 -10.69
C ARG C 186 24.75 -27.68 -10.41
N ASN C 187 25.47 -26.80 -9.70
CA ASN C 187 26.86 -27.05 -9.38
CA ASN C 187 26.86 -27.03 -9.36
C ASN C 187 27.01 -28.06 -8.25
N PHE C 188 26.05 -28.08 -7.34
CA PHE C 188 26.03 -29.05 -6.25
C PHE C 188 25.94 -30.46 -6.83
N LEU C 189 25.08 -30.61 -7.82
CA LEU C 189 24.90 -31.90 -8.49
C LEU C 189 26.09 -32.27 -9.37
N ASN C 190 26.64 -31.27 -10.06
CA ASN C 190 27.75 -31.51 -10.98
C ASN C 190 29.04 -31.94 -10.28
N GLU C 191 29.33 -31.35 -9.13
CA GLU C 191 30.53 -31.70 -8.38
C GLU C 191 30.43 -33.13 -7.82
N ARG C 192 29.21 -33.65 -7.78
CA ARG C 192 28.99 -35.01 -7.28
C ARG C 192 28.79 -36.00 -8.43
N GLY C 193 29.20 -35.59 -9.64
CA GLY C 193 29.23 -36.49 -10.77
C GLY C 193 27.89 -36.77 -11.41
N PHE C 194 26.95 -35.84 -11.26
CA PHE C 194 25.65 -35.99 -11.89
C PHE C 194 25.67 -35.42 -13.29
N PHE C 195 24.87 -36.01 -14.17
CA PHE C 195 24.85 -35.63 -15.56
C PHE C 195 23.52 -34.98 -15.92
N GLU C 196 23.56 -33.70 -16.27
CA GLU C 196 22.35 -32.96 -16.63
C GLU C 196 21.84 -33.35 -18.02
N VAL C 197 20.53 -33.49 -18.16
CA VAL C 197 19.94 -33.90 -19.42
C VAL C 197 18.62 -33.19 -19.69
N GLU C 198 18.08 -33.38 -20.89
CA GLU C 198 16.75 -32.87 -21.22
C GLU C 198 15.85 -33.99 -21.70
N THR C 199 14.74 -34.18 -21.00
CA THR C 199 13.75 -35.15 -21.43
C THR C 199 12.61 -34.40 -22.12
N PRO C 200 11.76 -35.14 -22.85
CA PRO C 200 10.72 -34.48 -23.65
C PRO C 200 9.63 -33.86 -22.78
N MET C 201 9.13 -32.70 -23.19
CA MET C 201 8.07 -32.00 -22.47
C MET C 201 6.70 -32.47 -22.94
N MET C 202 6.67 -33.04 -24.14
CA MET C 202 5.45 -33.58 -24.71
C MET C 202 5.55 -35.10 -24.84
N ASN C 203 4.65 -35.81 -24.19
CA ASN C 203 4.65 -37.26 -24.24
C ASN C 203 3.26 -37.78 -24.61
N LEU C 204 3.17 -39.07 -24.94
CA LEU C 204 1.89 -39.67 -25.31
C LEU C 204 1.04 -39.96 -24.07
N ILE C 205 1.68 -39.96 -22.90
CA ILE C 205 0.99 -40.07 -21.62
C ILE C 205 1.72 -39.22 -20.61
N ALA C 206 1.24 -39.17 -19.36
CA ALA C 206 1.79 -38.21 -18.42
C ALA C 206 1.99 -38.73 -16.99
N GLY C 207 3.25 -38.85 -16.59
CA GLY C 207 3.61 -39.00 -15.19
C GLY C 207 3.37 -40.36 -14.56
N GLY C 208 4.06 -40.57 -13.44
CA GLY C 208 4.97 -39.56 -12.91
C GLY C 208 4.51 -38.95 -11.60
N ALA C 209 3.22 -38.65 -11.51
CA ALA C 209 2.64 -38.10 -10.28
C ALA C 209 1.11 -38.07 -10.37
N ASN C 210 0.47 -37.44 -9.39
CA ASN C 210 -0.99 -37.33 -9.38
C ASN C 210 -1.45 -35.91 -9.73
N ALA C 211 -1.69 -35.67 -11.01
CA ALA C 211 -2.12 -34.35 -11.46
C ALA C 211 -2.69 -34.38 -12.88
N ARG C 212 -3.70 -33.59 -13.12
CA ARG C 212 -4.26 -33.49 -14.44
C ARG C 212 -3.25 -32.91 -15.38
N PRO C 213 -3.16 -33.48 -16.55
CA PRO C 213 -2.18 -32.99 -17.52
C PRO C 213 -2.71 -31.86 -18.38
N PHE C 214 -1.81 -31.15 -19.05
CA PHE C 214 -2.21 -30.25 -20.12
C PHE C 214 -2.29 -31.07 -21.39
N ILE C 215 -3.27 -30.78 -22.24
CA ILE C 215 -3.41 -31.48 -23.50
C ILE C 215 -3.15 -30.53 -24.66
N THR C 216 -2.45 -31.02 -25.66
CA THR C 216 -2.18 -30.25 -26.87
C THR C 216 -2.26 -31.17 -28.07
N HIS C 217 -2.09 -30.60 -29.26
CA HIS C 217 -2.21 -31.38 -30.48
C HIS C 217 -1.09 -31.02 -31.45
N HIS C 218 -0.45 -32.04 -32.02
CA HIS C 218 0.52 -31.81 -33.09
C HIS C 218 -0.14 -32.04 -34.45
N ASN C 219 -0.09 -31.02 -35.29
CA ASN C 219 -0.81 -31.02 -36.56
C ASN C 219 -0.34 -32.06 -37.56
N ASP C 220 0.92 -32.01 -37.94
CA ASP C 220 1.44 -32.87 -39.03
C ASP C 220 1.35 -34.36 -38.70
N LEU C 221 1.62 -34.71 -37.45
CA LEU C 221 1.48 -36.10 -37.01
C LEU C 221 0.02 -36.44 -36.77
N ASP C 222 -0.79 -35.41 -36.58
CA ASP C 222 -2.20 -35.59 -36.21
C ASP C 222 -2.24 -36.44 -34.95
N LEU C 223 -1.76 -35.87 -33.85
CA LEU C 223 -1.57 -36.63 -32.63
C LEU C 223 -1.78 -35.77 -31.38
N ASP C 224 -2.60 -36.28 -30.47
CA ASP C 224 -2.78 -35.61 -29.18
C ASP C 224 -1.56 -35.89 -28.30
N LEU C 225 -1.09 -34.86 -27.61
CA LEU C 225 0.06 -35.01 -26.72
C LEU C 225 -0.19 -34.34 -25.37
N TYR C 226 0.51 -34.82 -24.35
CA TYR C 226 0.34 -34.27 -23.01
C TYR C 226 1.63 -33.61 -22.53
N LEU C 227 1.50 -32.38 -22.06
CA LEU C 227 2.60 -31.73 -21.37
C LEU C 227 2.92 -32.53 -20.11
N ARG C 228 4.22 -32.73 -19.86
CA ARG C 228 4.66 -33.56 -18.74
C ARG C 228 4.32 -32.91 -17.40
N ILE C 229 4.00 -33.74 -16.42
CA ILE C 229 3.69 -33.27 -15.07
C ILE C 229 4.84 -33.58 -14.14
N ALA C 230 5.83 -34.32 -14.66
CA ALA C 230 7.06 -34.63 -13.93
C ALA C 230 8.08 -35.23 -14.89
N THR C 231 9.30 -35.41 -14.41
CA THR C 231 10.38 -35.94 -15.24
C THR C 231 10.84 -37.34 -14.79
N GLU C 232 10.12 -37.90 -13.83
CA GLU C 232 10.49 -39.16 -13.21
C GLU C 232 10.72 -40.32 -14.18
N LEU C 233 9.72 -40.63 -15.00
CA LEU C 233 9.77 -41.85 -15.83
C LEU C 233 10.93 -41.86 -16.83
N PRO C 234 11.06 -40.81 -17.65
CA PRO C 234 12.17 -40.76 -18.61
C PRO C 234 13.54 -40.77 -17.94
N LEU C 235 13.65 -40.13 -16.78
CA LEU C 235 14.92 -40.09 -16.07
C LEU C 235 15.35 -41.47 -15.58
N LYS C 236 14.39 -42.25 -15.08
CA LYS C 236 14.68 -43.62 -14.66
C LYS C 236 15.05 -44.52 -15.84
N MET C 237 14.44 -44.27 -17.00
CA MET C 237 14.81 -45.01 -18.20
C MET C 237 16.27 -44.72 -18.55
N LEU C 238 16.73 -43.51 -18.26
CA LEU C 238 18.12 -43.15 -18.51
C LEU C 238 19.04 -43.88 -17.53
N ILE C 239 18.55 -44.13 -16.33
CA ILE C 239 19.26 -44.97 -15.38
C ILE C 239 19.48 -46.35 -15.98
N VAL C 240 18.41 -46.95 -16.49
CA VAL C 240 18.48 -48.24 -17.17
C VAL C 240 19.53 -48.20 -18.27
N GLY C 241 19.64 -47.05 -18.93
CA GLY C 241 20.58 -46.89 -20.03
C GLY C 241 22.02 -46.70 -19.58
N GLY C 242 22.24 -46.74 -18.26
CA GLY C 242 23.60 -46.69 -17.74
C GLY C 242 24.12 -45.32 -17.37
N ILE C 243 23.26 -44.31 -17.41
CA ILE C 243 23.63 -43.00 -16.86
C ILE C 243 23.26 -43.02 -15.39
N ASP C 244 24.20 -43.44 -14.56
CA ASP C 244 23.92 -43.82 -13.18
C ASP C 244 23.64 -42.63 -12.26
N LYS C 245 24.09 -41.44 -12.65
CA LYS C 245 23.73 -40.23 -11.93
C LYS C 245 23.19 -39.19 -12.91
N VAL C 246 21.89 -38.96 -12.88
CA VAL C 246 21.26 -38.10 -13.88
C VAL C 246 20.24 -37.16 -13.26
N TYR C 247 20.11 -35.95 -13.82
CA TYR C 247 19.15 -34.98 -13.32
C TYR C 247 18.69 -34.01 -14.40
N GLU C 248 17.59 -33.35 -14.11
CA GLU C 248 16.99 -32.39 -15.04
C GLU C 248 16.40 -31.21 -14.26
N ILE C 249 16.76 -30.02 -14.67
CA ILE C 249 16.17 -28.82 -14.11
C ILE C 249 15.35 -28.13 -15.20
N GLY C 250 14.03 -28.16 -15.04
CA GLY C 250 13.15 -27.62 -16.06
C GLY C 250 11.72 -27.47 -15.61
N LYS C 251 10.85 -27.08 -16.54
CA LYS C 251 9.45 -26.82 -16.23
C LYS C 251 8.63 -28.11 -16.27
N VAL C 252 7.72 -28.24 -15.31
CA VAL C 252 6.66 -29.25 -15.40
C VAL C 252 5.31 -28.54 -15.40
N PHE C 253 4.31 -29.19 -15.96
CA PHE C 253 3.00 -28.57 -16.15
C PHE C 253 1.89 -29.38 -15.50
N ARG C 254 1.19 -28.77 -14.54
CA ARG C 254 0.07 -29.45 -13.89
C ARG C 254 -1.21 -28.64 -13.99
N ASN C 255 -2.17 -29.16 -14.75
CA ASN C 255 -3.44 -28.49 -14.99
C ASN C 255 -4.36 -28.57 -13.78
N GLU C 256 -3.93 -27.97 -12.68
CA GLU C 256 -4.71 -27.98 -11.45
C GLU C 256 -5.17 -26.58 -11.09
N GLY C 257 -5.36 -26.33 -9.80
CA GLY C 257 -5.83 -25.04 -9.33
C GLY C 257 -4.70 -24.12 -8.92
N ILE C 258 -4.92 -22.82 -9.10
CA ILE C 258 -3.89 -21.82 -8.79
C ILE C 258 -4.07 -21.26 -7.39
N ASP C 259 -2.94 -20.99 -6.71
CA ASP C 259 -2.95 -20.34 -5.42
C ASP C 259 -1.54 -19.94 -5.02
N ASN C 260 -1.34 -19.65 -3.74
CA ASN C 260 -0.07 -19.09 -3.29
C ASN C 260 1.13 -20.02 -3.45
N THR C 261 0.89 -21.32 -3.54
CA THR C 261 1.98 -22.28 -3.66
C THR C 261 1.81 -23.19 -4.87
N HIS C 262 0.95 -22.80 -5.80
CA HIS C 262 0.75 -23.56 -7.02
C HIS C 262 0.62 -22.64 -8.25
N ASN C 263 1.60 -22.71 -9.13
CA ASN C 263 1.45 -22.15 -10.47
C ASN C 263 1.40 -23.30 -11.46
N PRO C 264 0.47 -23.23 -12.42
CA PRO C 264 0.23 -24.33 -13.37
C PRO C 264 1.50 -24.79 -14.09
N GLU C 265 2.49 -23.90 -14.19
CA GLU C 265 3.81 -24.30 -14.65
C GLU C 265 4.84 -23.82 -13.64
N PHE C 266 5.63 -24.76 -13.12
CA PHE C 266 6.65 -24.43 -12.15
C PHE C 266 7.92 -25.20 -12.44
N THR C 267 9.01 -24.81 -11.79
CA THR C 267 10.32 -25.40 -12.07
C THR C 267 10.69 -26.45 -11.03
N SER C 268 10.95 -27.66 -11.49
CA SER C 268 11.37 -28.74 -10.61
C SER C 268 12.76 -29.25 -10.97
N CYS C 269 13.44 -29.80 -9.97
CA CYS C 269 14.66 -30.55 -10.21
C CYS C 269 14.48 -31.98 -9.74
N GLU C 270 14.67 -32.93 -10.64
CA GLU C 270 14.66 -34.34 -10.26
C GLU C 270 15.98 -34.97 -10.63
N PHE C 271 16.56 -35.71 -9.68
CA PHE C 271 17.77 -36.46 -9.98
C PHE C 271 17.59 -37.91 -9.56
N TYR C 272 18.28 -38.79 -10.26
CA TYR C 272 18.22 -40.20 -9.92
C TYR C 272 19.62 -40.75 -9.74
N TRP C 273 19.79 -41.47 -8.65
CA TRP C 273 21.09 -41.85 -8.14
C TRP C 273 21.19 -43.36 -7.97
N ALA C 274 21.74 -44.03 -8.97
CA ALA C 274 21.87 -45.49 -8.95
C ALA C 274 22.68 -45.98 -7.74
N TYR C 275 22.19 -47.04 -7.11
CA TYR C 275 22.87 -47.69 -5.99
C TYR C 275 22.80 -46.85 -4.71
N ALA C 276 21.90 -45.87 -4.71
CA ALA C 276 21.63 -45.07 -3.53
C ALA C 276 20.26 -45.42 -2.97
N ASP C 277 20.06 -45.21 -1.67
CA ASP C 277 18.76 -45.50 -1.05
C ASP C 277 18.31 -44.39 -0.12
N TYR C 278 17.17 -44.62 0.52
CA TYR C 278 16.56 -43.73 1.51
C TYR C 278 17.59 -42.93 2.34
N ASN C 279 18.51 -43.64 2.99
CA ASN C 279 19.47 -42.97 3.86
C ASN C 279 20.38 -42.02 3.09
N ASP C 280 20.70 -42.37 1.85
CA ASP C 280 21.54 -41.52 1.02
C ASP C 280 20.80 -40.22 0.66
N LEU C 281 19.51 -40.35 0.38
CA LEU C 281 18.68 -39.20 0.03
C LEU C 281 18.51 -38.25 1.21
N ILE C 282 18.27 -38.81 2.40
CA ILE C 282 18.15 -38.01 3.62
C ILE C 282 19.42 -37.19 3.83
N LYS C 283 20.56 -37.83 3.72
CA LYS C 283 21.84 -37.18 3.95
C LYS C 283 22.08 -36.10 2.89
N TRP C 284 21.60 -36.36 1.69
CA TRP C 284 21.75 -35.42 0.58
C TRP C 284 20.95 -34.15 0.81
N SER C 285 19.69 -34.31 1.22
CA SER C 285 18.82 -33.18 1.50
C SER C 285 19.35 -32.30 2.63
N GLU C 286 19.89 -32.94 3.65
CA GLU C 286 20.44 -32.21 4.79
C GLU C 286 21.73 -31.49 4.42
N ASP C 287 22.54 -32.11 3.57
CA ASP C 287 23.77 -31.49 3.10
C ASP C 287 23.47 -30.37 2.11
N PHE C 288 22.40 -30.54 1.34
CA PHE C 288 22.04 -29.55 0.33
C PHE C 288 21.43 -28.28 0.94
N PHE C 289 20.32 -28.43 1.66
CA PHE C 289 19.63 -27.28 2.22
C PHE C 289 20.49 -26.49 3.20
N SER C 290 21.29 -27.20 3.99
CA SER C 290 22.20 -26.54 4.92
C SER C 290 23.26 -25.73 4.18
N GLN C 291 23.90 -26.34 3.18
CA GLN C 291 24.95 -25.66 2.44
C GLN C 291 24.41 -24.56 1.53
N LEU C 292 23.23 -24.79 0.96
CA LEU C 292 22.57 -23.78 0.16
C LEU C 292 22.34 -22.50 0.97
N VAL C 293 21.65 -22.66 2.10
CA VAL C 293 21.33 -21.54 2.97
C VAL C 293 22.58 -20.80 3.44
N TYR C 294 23.58 -21.54 3.87
CA TYR C 294 24.84 -20.95 4.33
C TYR C 294 25.55 -20.21 3.20
N HIS C 295 25.37 -20.68 1.98
CA HIS C 295 26.00 -20.06 0.82
C HIS C 295 25.38 -18.70 0.55
N LEU C 296 24.11 -18.54 0.92
CA LEU C 296 23.37 -17.32 0.63
C LEU C 296 23.41 -16.30 1.78
N PHE C 297 23.60 -16.76 3.01
CA PHE C 297 23.44 -15.89 4.17
C PHE C 297 24.56 -15.97 5.20
N GLY C 298 25.50 -16.87 5.01
CA GLY C 298 26.60 -17.03 5.96
C GLY C 298 26.15 -17.56 7.30
N THR C 299 24.90 -18.02 7.35
CA THR C 299 24.34 -18.61 8.57
C THR C 299 23.43 -19.77 8.20
N TYR C 300 23.04 -20.57 9.19
CA TYR C 300 22.12 -21.68 8.95
C TYR C 300 20.69 -21.26 9.29
N LYS C 301 20.56 -20.10 9.92
CA LYS C 301 19.25 -19.60 10.35
C LYS C 301 18.80 -18.40 9.53
N ILE C 302 17.51 -18.34 9.22
CA ILE C 302 16.96 -17.24 8.45
C ILE C 302 15.64 -16.78 9.07
N SER C 303 15.21 -15.58 8.70
CA SER C 303 13.92 -15.06 9.15
C SER C 303 12.90 -15.21 8.03
N TYR C 304 11.67 -15.55 8.40
CA TYR C 304 10.62 -15.71 7.41
C TYR C 304 9.27 -15.29 7.98
N ASN C 305 8.59 -14.39 7.26
CA ASN C 305 7.26 -13.96 7.64
C ASN C 305 6.22 -15.00 7.23
N LYS C 306 6.04 -16.00 8.09
CA LYS C 306 5.16 -17.13 7.83
C LYS C 306 3.71 -16.72 7.54
N ASP C 307 3.28 -15.63 8.16
CA ASP C 307 1.89 -15.22 8.07
C ASP C 307 1.73 -13.90 7.30
N GLY C 308 2.85 -13.25 7.01
CA GLY C 308 2.84 -11.99 6.28
C GLY C 308 3.87 -11.01 6.82
N PRO C 309 4.17 -9.96 6.04
CA PRO C 309 5.13 -8.93 6.45
C PRO C 309 4.54 -8.00 7.50
N GLU C 310 3.21 -8.05 7.63
CA GLU C 310 2.51 -7.30 8.65
C GLU C 310 2.77 -7.88 10.04
N ASN C 311 2.71 -9.20 10.12
CA ASN C 311 2.90 -9.91 11.38
C ASN C 311 4.37 -10.07 11.75
N GLN C 312 4.65 -10.89 12.76
CA GLN C 312 6.01 -11.11 13.22
C GLN C 312 6.74 -12.15 12.37
N PRO C 313 8.07 -12.13 12.41
CA PRO C 313 8.90 -13.11 11.68
C PRO C 313 9.24 -14.32 12.53
N ILE C 314 9.31 -15.49 11.91
CA ILE C 314 9.78 -16.69 12.60
C ILE C 314 11.16 -17.06 12.08
N GLU C 315 12.02 -17.56 12.96
CA GLU C 315 13.36 -17.98 12.57
C GLU C 315 13.39 -19.47 12.21
N ILE C 316 13.77 -19.77 10.97
CA ILE C 316 13.90 -21.14 10.52
C ILE C 316 15.37 -21.58 10.55
N ASP C 317 15.66 -22.59 11.34
CA ASP C 317 17.03 -23.10 11.48
C ASP C 317 17.26 -24.27 10.52
N PHE C 318 18.18 -24.09 9.59
CA PHE C 318 18.49 -25.14 8.62
C PHE C 318 19.70 -25.96 9.07
N THR C 319 20.05 -25.82 10.34
CA THR C 319 21.14 -26.60 10.90
C THR C 319 20.77 -28.08 10.93
N PRO C 320 21.59 -28.93 10.31
CA PRO C 320 21.37 -30.37 10.31
C PRO C 320 21.76 -30.99 11.65
N PRO C 321 21.17 -32.14 11.99
CA PRO C 321 20.17 -32.87 11.19
C PRO C 321 18.76 -32.34 11.37
N TYR C 322 17.84 -32.80 10.52
CA TYR C 322 16.44 -32.40 10.61
C TYR C 322 15.61 -33.55 11.16
N PRO C 323 14.51 -33.22 11.85
CA PRO C 323 13.61 -34.21 12.44
C PRO C 323 13.01 -35.14 11.40
N LYS C 324 12.99 -36.44 11.69
CA LYS C 324 12.31 -37.40 10.84
C LYS C 324 11.00 -37.83 11.49
N VAL C 325 9.89 -37.58 10.82
CA VAL C 325 8.58 -37.90 11.36
C VAL C 325 7.86 -38.92 10.50
N SER C 326 7.41 -40.00 11.11
CA SER C 326 6.72 -41.07 10.39
C SER C 326 5.22 -40.80 10.30
N ILE C 327 4.70 -40.73 9.08
CA ILE C 327 3.33 -40.31 8.82
C ILE C 327 2.25 -41.15 9.50
N VAL C 328 2.35 -42.47 9.39
CA VAL C 328 1.32 -43.33 9.97
C VAL C 328 1.47 -43.43 11.48
N GLU C 329 2.70 -43.55 11.94
CA GLU C 329 2.99 -43.71 13.37
C GLU C 329 2.62 -42.46 14.16
N GLU C 330 2.74 -41.30 13.54
CA GLU C 330 2.47 -40.03 14.22
C GLU C 330 0.97 -39.73 14.23
N ILE C 331 0.28 -40.10 13.16
CA ILE C 331 -1.18 -39.93 13.09
C ILE C 331 -1.87 -40.78 14.15
N GLU C 332 -1.22 -41.88 14.55
CA GLU C 332 -1.73 -42.71 15.62
C GLU C 332 -1.44 -42.09 16.97
N LYS C 333 -0.22 -41.60 17.15
CA LYS C 333 0.22 -40.99 18.39
C LYS C 333 -0.58 -39.73 18.72
N VAL C 334 -1.02 -39.02 17.68
CA VAL C 334 -1.76 -37.78 17.86
C VAL C 334 -3.27 -38.02 17.90
N THR C 335 -3.81 -38.69 16.89
CA THR C 335 -5.24 -38.94 16.83
C THR C 335 -5.64 -40.14 17.70
N ASN C 336 -4.73 -40.53 18.59
CA ASN C 336 -4.95 -41.63 19.54
C ASN C 336 -5.70 -42.84 18.99
N THR C 337 -5.48 -43.13 17.71
CA THR C 337 -6.16 -44.24 17.04
C THR C 337 -5.14 -45.24 16.49
N ILE C 338 -5.60 -46.45 16.19
CA ILE C 338 -4.72 -47.48 15.64
C ILE C 338 -5.13 -47.84 14.21
N LEU C 339 -4.38 -47.34 13.24
CA LEU C 339 -4.64 -47.63 11.84
C LEU C 339 -3.57 -48.57 11.27
N GLU C 340 -3.96 -49.80 10.96
CA GLU C 340 -3.01 -50.80 10.51
C GLU C 340 -3.30 -51.28 9.09
N GLN C 341 -2.27 -51.83 8.44
CA GLN C 341 -2.40 -52.34 7.08
C GLN C 341 -3.12 -53.68 7.05
N PRO C 342 -3.76 -54.00 5.92
CA PRO C 342 -3.87 -53.13 4.74
C PRO C 342 -4.75 -51.90 5.00
N PHE C 343 -4.41 -50.79 4.35
CA PHE C 343 -5.17 -49.54 4.48
C PHE C 343 -6.31 -49.49 3.48
N ASP C 344 -6.28 -50.38 2.48
CA ASP C 344 -7.32 -50.43 1.47
C ASP C 344 -8.57 -51.15 1.99
N SER C 345 -8.50 -51.59 3.24
CA SER C 345 -9.61 -52.29 3.88
C SER C 345 -10.82 -51.39 4.07
N ASN C 346 -12.02 -51.96 3.94
CA ASN C 346 -13.26 -51.20 4.05
C ASN C 346 -13.49 -50.68 5.47
N GLU C 347 -12.89 -51.34 6.45
CA GLU C 347 -13.02 -50.95 7.85
C GLU C 347 -12.17 -49.73 8.17
N THR C 348 -10.91 -49.77 7.74
CA THR C 348 -9.98 -48.67 7.98
C THR C 348 -10.42 -47.40 7.24
N ILE C 349 -11.05 -47.57 6.07
CA ILE C 349 -11.50 -46.45 5.26
C ILE C 349 -12.61 -45.65 5.97
N GLU C 350 -13.63 -46.36 6.45
CA GLU C 350 -14.70 -45.72 7.20
C GLU C 350 -14.17 -45.23 8.55
N LYS C 351 -13.19 -45.95 9.09
CA LYS C 351 -12.56 -45.58 10.36
C LYS C 351 -11.87 -44.22 10.26
N MET C 352 -11.32 -43.92 9.09
CA MET C 352 -10.62 -42.65 8.88
C MET C 352 -11.61 -41.53 8.52
N ILE C 353 -12.78 -41.90 8.00
CA ILE C 353 -13.77 -40.92 7.57
C ILE C 353 -14.43 -40.21 8.75
N ASN C 354 -14.94 -40.98 9.70
CA ASN C 354 -15.53 -40.38 10.90
C ASN C 354 -14.43 -39.86 11.82
N ILE C 355 -13.19 -40.18 11.50
CA ILE C 355 -12.04 -39.59 12.16
C ILE C 355 -11.81 -38.20 11.57
N ILE C 356 -12.37 -37.97 10.39
CA ILE C 356 -12.27 -36.68 9.70
C ILE C 356 -13.36 -35.72 10.16
N LYS C 357 -14.51 -36.27 10.56
CA LYS C 357 -15.64 -35.44 10.97
C LYS C 357 -15.67 -35.25 12.49
N GLU C 358 -15.02 -36.16 13.23
CA GLU C 358 -14.95 -36.03 14.68
C GLU C 358 -14.00 -34.91 15.08
N HIS C 359 -12.91 -34.77 14.35
CA HIS C 359 -11.95 -33.70 14.60
C HIS C 359 -12.27 -32.46 13.77
N PRO C 366 -14.08 -37.74 -3.41
CA PRO C 366 -13.84 -39.19 -3.49
C PRO C 366 -13.11 -39.70 -2.24
N PRO C 367 -13.83 -40.45 -1.41
CA PRO C 367 -13.24 -41.00 -0.18
C PRO C 367 -12.37 -42.23 -0.43
N THR C 368 -11.16 -42.01 -0.94
CA THR C 368 -10.21 -43.10 -1.11
C THR C 368 -9.20 -43.09 0.04
N ALA C 369 -8.60 -44.24 0.31
CA ALA C 369 -7.65 -44.37 1.41
C ALA C 369 -6.49 -43.41 1.24
N ALA C 370 -6.08 -43.19 -0.01
CA ALA C 370 -4.98 -42.28 -0.32
C ALA C 370 -5.32 -40.86 0.08
N LYS C 371 -6.41 -40.32 -0.46
CA LYS C 371 -6.82 -38.96 -0.19
C LYS C 371 -7.18 -38.74 1.28
N LEU C 372 -7.76 -39.76 1.91
CA LEU C 372 -8.06 -39.69 3.33
C LEU C 372 -6.78 -39.59 4.14
N LEU C 373 -5.77 -40.36 3.72
CA LEU C 373 -4.46 -40.36 4.37
C LEU C 373 -3.76 -39.03 4.22
N ASP C 374 -3.85 -38.44 3.03
CA ASP C 374 -3.18 -37.17 2.76
C ASP C 374 -3.81 -36.06 3.58
N GLN C 375 -5.13 -36.08 3.70
CA GLN C 375 -5.85 -35.06 4.46
C GLN C 375 -5.50 -35.14 5.94
N LEU C 376 -5.40 -36.37 6.46
CA LEU C 376 -5.01 -36.56 7.86
C LEU C 376 -3.61 -36.03 8.12
N ALA C 377 -2.70 -36.28 7.18
CA ALA C 377 -1.35 -35.78 7.28
C ALA C 377 -1.35 -34.25 7.22
N SER C 378 -2.19 -33.71 6.36
CA SER C 378 -2.30 -32.26 6.19
C SER C 378 -2.71 -31.56 7.48
N HIS C 379 -3.64 -32.16 8.21
CA HIS C 379 -4.18 -31.54 9.42
C HIS C 379 -3.31 -31.80 10.66
N PHE C 380 -2.81 -33.02 10.79
CA PHE C 380 -2.20 -33.46 12.04
C PHE C 380 -0.68 -33.42 12.10
N ILE C 381 -0.01 -33.43 10.94
CA ILE C 381 1.44 -33.54 10.97
C ILE C 381 2.18 -32.50 10.11
N GLU C 382 1.63 -32.19 8.94
CA GLU C 382 2.32 -31.32 7.98
C GLU C 382 2.76 -29.98 8.56
N ASN C 383 2.08 -29.52 9.61
CA ASN C 383 2.44 -28.28 10.27
C ASN C 383 2.99 -28.52 11.68
N LYS C 384 3.71 -29.61 11.86
CA LYS C 384 4.27 -29.97 13.16
C LYS C 384 5.42 -29.03 13.55
N TYR C 385 6.37 -28.87 12.64
CA TYR C 385 7.52 -28.00 12.88
C TYR C 385 7.46 -26.74 12.03
N ASN C 386 8.10 -25.68 12.51
CA ASN C 386 8.18 -24.42 11.78
C ASN C 386 9.53 -23.75 11.94
N ASP C 387 10.21 -24.04 13.05
CA ASP C 387 11.52 -23.44 13.31
C ASP C 387 12.63 -24.18 12.56
N LYS C 388 12.28 -25.31 11.95
CA LYS C 388 13.20 -26.06 11.10
C LYS C 388 12.43 -26.79 10.03
N PRO C 389 13.13 -27.27 8.99
CA PRO C 389 12.53 -28.19 8.03
C PRO C 389 12.49 -29.59 8.62
N PHE C 390 11.53 -30.41 8.21
CA PHE C 390 11.43 -31.77 8.75
C PHE C 390 10.89 -32.71 7.68
N PHE C 391 11.19 -34.01 7.81
CA PHE C 391 10.73 -35.00 6.85
C PHE C 391 9.50 -35.75 7.34
N ILE C 392 8.56 -35.98 6.43
CA ILE C 392 7.51 -36.96 6.65
C ILE C 392 7.90 -38.23 5.91
N VAL C 393 8.21 -39.28 6.65
CA VAL C 393 8.84 -40.46 6.06
C VAL C 393 7.94 -41.71 6.09
N GLU C 394 8.38 -42.74 5.37
CA GLU C 394 7.77 -44.06 5.44
C GLU C 394 6.30 -44.03 5.07
N HIS C 395 5.99 -43.41 3.93
CA HIS C 395 4.62 -43.30 3.45
C HIS C 395 4.06 -44.64 3.02
N PRO C 396 2.80 -44.91 3.40
CA PRO C 396 2.05 -46.08 2.93
C PRO C 396 2.15 -46.27 1.42
N GLN C 397 2.25 -47.51 0.98
CA GLN C 397 2.42 -47.82 -0.43
C GLN C 397 1.26 -47.33 -1.29
N ILE C 398 0.09 -47.20 -0.68
CA ILE C 398 -1.10 -46.82 -1.44
C ILE C 398 -1.01 -45.35 -1.86
N MET C 399 -0.11 -44.61 -1.22
CA MET C 399 0.14 -43.22 -1.58
C MET C 399 1.33 -43.10 -2.52
N SER C 400 2.09 -44.16 -2.70
CA SER C 400 3.35 -44.11 -3.40
C SER C 400 3.58 -45.29 -4.30
N PRO C 401 2.86 -45.34 -5.40
CA PRO C 401 2.86 -46.44 -6.37
C PRO C 401 4.20 -46.65 -7.10
N LEU C 402 5.16 -45.77 -6.88
CA LEU C 402 6.44 -45.87 -7.56
C LEU C 402 7.60 -45.98 -6.57
N ALA C 403 7.29 -45.90 -5.29
CA ALA C 403 8.29 -46.03 -4.24
C ALA C 403 8.48 -47.51 -3.87
N LYS C 404 9.73 -47.90 -3.62
CA LYS C 404 10.02 -49.28 -3.27
C LYS C 404 9.52 -49.58 -1.87
N TYR C 405 8.98 -50.79 -1.68
CA TYR C 405 8.40 -51.17 -0.38
C TYR C 405 9.43 -51.12 0.74
N HIS C 406 8.97 -50.74 1.94
CA HIS C 406 9.84 -50.66 3.11
C HIS C 406 10.37 -52.04 3.46
N ARG C 407 11.67 -52.14 3.73
CA ARG C 407 12.34 -53.44 3.84
C ARG C 407 12.07 -54.16 5.15
N THR C 408 11.37 -53.51 6.08
CA THR C 408 11.03 -54.16 7.34
C THR C 408 9.60 -53.83 7.79
N LYS C 409 9.07 -52.69 7.36
CA LYS C 409 7.75 -52.28 7.79
C LYS C 409 6.70 -52.54 6.69
N PRO C 410 5.84 -53.55 6.91
CA PRO C 410 4.85 -53.97 5.92
C PRO C 410 3.85 -52.87 5.58
N GLY C 411 3.59 -52.70 4.29
CA GLY C 411 2.62 -51.74 3.83
C GLY C 411 3.19 -50.35 3.55
N LEU C 412 4.40 -50.10 4.04
CA LEU C 412 5.01 -48.78 3.88
C LEU C 412 6.09 -48.78 2.79
N THR C 413 6.52 -47.58 2.42
CA THR C 413 7.60 -47.41 1.45
C THR C 413 8.75 -46.67 2.10
N GLU C 414 9.86 -46.53 1.37
CA GLU C 414 11.02 -45.82 1.90
C GLU C 414 11.07 -44.41 1.34
N ARG C 415 9.96 -43.70 1.50
CA ARG C 415 9.76 -42.38 0.91
C ARG C 415 10.02 -41.26 1.92
N LEU C 416 10.25 -40.06 1.43
CA LEU C 416 10.45 -38.92 2.27
C LEU C 416 9.98 -37.65 1.63
N GLU C 417 9.29 -36.81 2.38
CA GLU C 417 8.92 -35.46 1.96
C GLU C 417 9.51 -34.48 2.97
N MET C 418 10.27 -33.50 2.49
CA MET C 418 10.74 -32.46 3.39
C MET C 418 9.73 -31.32 3.38
N PHE C 419 9.46 -30.77 4.56
CA PHE C 419 8.52 -29.68 4.70
C PHE C 419 9.16 -28.45 5.32
N ILE C 420 8.82 -27.30 4.78
CA ILE C 420 9.24 -26.01 5.33
C ILE C 420 8.00 -25.15 5.57
N CYS C 421 7.71 -24.88 6.84
CA CYS C 421 6.51 -24.15 7.23
C CYS C 421 5.25 -24.79 6.63
N GLY C 422 5.12 -26.11 6.82
CA GLY C 422 3.94 -26.82 6.39
C GLY C 422 3.80 -26.92 4.89
N LYS C 423 4.87 -26.58 4.17
CA LYS C 423 4.86 -26.68 2.72
C LYS C 423 5.82 -27.74 2.21
N GLU C 424 5.37 -28.49 1.20
CA GLU C 424 6.16 -29.55 0.60
C GLU C 424 7.15 -29.00 -0.43
N VAL C 425 8.44 -29.15 -0.15
CA VAL C 425 9.47 -28.65 -1.05
C VAL C 425 10.30 -29.78 -1.65
N LEU C 426 10.23 -30.97 -1.03
CA LEU C 426 11.05 -32.09 -1.47
C LEU C 426 10.28 -33.41 -1.42
N ASN C 427 10.46 -34.22 -2.44
CA ASN C 427 9.83 -35.54 -2.52
C ASN C 427 10.81 -36.57 -3.08
N ALA C 428 11.14 -37.58 -2.27
CA ALA C 428 12.12 -38.56 -2.69
C ALA C 428 11.81 -39.96 -2.14
N TYR C 429 12.40 -40.97 -2.77
CA TYR C 429 12.27 -42.33 -2.26
C TYR C 429 13.17 -43.33 -2.97
N THR C 430 13.29 -44.51 -2.37
CA THR C 430 13.89 -45.65 -3.03
C THR C 430 12.98 -46.09 -4.16
N GLU C 431 13.51 -46.11 -5.38
CA GLU C 431 12.69 -46.45 -6.52
C GLU C 431 12.28 -47.92 -6.53
N LEU C 432 10.99 -48.16 -6.69
CA LEU C 432 10.50 -49.49 -6.99
C LEU C 432 11.13 -49.92 -8.32
N ASN C 433 11.82 -51.07 -8.32
CA ASN C 433 12.49 -51.50 -9.54
C ASN C 433 12.15 -52.94 -9.93
N ASP C 434 11.37 -53.60 -9.08
CA ASP C 434 10.82 -54.92 -9.40
C ASP C 434 9.58 -54.75 -10.28
N PRO C 435 9.71 -55.05 -11.57
CA PRO C 435 8.63 -54.83 -12.53
C PRO C 435 7.32 -55.54 -12.14
N PHE C 436 7.44 -56.72 -11.56
CA PHE C 436 6.27 -57.51 -11.21
C PHE C 436 5.53 -56.93 -10.01
N LYS C 437 6.24 -56.18 -9.18
CA LYS C 437 5.63 -55.53 -8.02
C LYS C 437 5.03 -54.17 -8.40
N GLN C 438 5.31 -53.75 -9.63
CA GLN C 438 4.71 -52.53 -10.16
C GLN C 438 3.34 -52.86 -10.73
N LYS C 439 2.32 -52.71 -9.89
CA LYS C 439 0.96 -53.14 -10.21
C LYS C 439 0.43 -52.53 -11.50
N GLU C 440 0.75 -51.26 -11.74
CA GLU C 440 0.28 -50.55 -12.92
C GLU C 440 0.81 -51.16 -14.22
N CYS C 441 2.03 -51.68 -14.19
CA CYS C 441 2.66 -52.23 -15.39
C CYS C 441 2.01 -53.54 -15.82
N PHE C 442 1.78 -54.44 -14.86
CA PHE C 442 1.18 -55.74 -15.15
C PHE C 442 -0.24 -55.60 -15.68
N LEU C 459 0.73 -44.88 -16.27
CA LEU C 459 2.01 -45.32 -16.81
C LEU C 459 1.93 -45.65 -18.30
N ASP C 460 3.07 -45.58 -18.96
CA ASP C 460 3.18 -45.97 -20.36
C ASP C 460 3.84 -47.34 -20.45
N SER C 461 3.64 -48.02 -21.57
CA SER C 461 4.28 -49.31 -21.79
C SER C 461 5.80 -49.13 -21.84
N ALA C 462 6.23 -48.00 -22.40
CA ALA C 462 7.64 -47.71 -22.60
C ALA C 462 8.42 -47.77 -21.30
N PHE C 463 7.85 -47.22 -20.24
CA PHE C 463 8.50 -47.25 -18.94
C PHE C 463 8.51 -48.67 -18.36
N CYS C 464 7.45 -49.43 -18.64
CA CYS C 464 7.32 -50.78 -18.12
C CYS C 464 8.30 -51.74 -18.79
N THR C 465 8.44 -51.60 -20.11
CA THR C 465 9.43 -52.37 -20.84
C THR C 465 10.83 -51.99 -20.34
N SER C 466 11.00 -50.70 -20.06
CA SER C 466 12.24 -50.18 -19.53
C SER C 466 12.66 -50.93 -18.26
N LEU C 467 11.75 -51.01 -17.29
CA LEU C 467 12.04 -51.72 -16.04
C LEU C 467 12.43 -53.18 -16.27
N GLU C 468 11.80 -53.82 -17.26
CA GLU C 468 12.05 -55.23 -17.52
C GLU C 468 13.47 -55.50 -18.04
N TYR C 469 14.18 -54.43 -18.40
CA TYR C 469 15.55 -54.58 -18.89
C TYR C 469 16.55 -54.42 -17.74
N GLY C 470 16.04 -54.10 -16.56
CA GLY C 470 16.87 -54.02 -15.38
C GLY C 470 17.13 -52.60 -14.90
N LEU C 471 16.32 -52.17 -13.93
CA LEU C 471 16.59 -50.94 -13.20
C LEU C 471 17.33 -51.28 -11.91
N PRO C 472 18.59 -50.84 -11.81
CA PRO C 472 19.34 -51.11 -10.57
C PRO C 472 18.67 -50.45 -9.38
N PRO C 473 19.02 -50.87 -8.15
CA PRO C 473 18.52 -50.17 -6.98
C PRO C 473 18.89 -48.68 -7.05
N THR C 474 17.90 -47.81 -6.89
CA THR C 474 18.10 -46.39 -7.15
C THR C 474 17.37 -45.49 -6.14
N GLY C 475 18.00 -44.38 -5.81
CA GLY C 475 17.36 -43.35 -5.02
C GLY C 475 16.99 -42.17 -5.91
N GLY C 476 15.73 -41.77 -5.85
CA GLY C 476 15.25 -40.64 -6.63
C GLY C 476 14.83 -39.49 -5.74
N LEU C 477 14.85 -38.28 -6.28
CA LEU C 477 14.47 -37.09 -5.52
C LEU C 477 13.98 -35.95 -6.40
N GLY C 478 13.00 -35.20 -5.90
CA GLY C 478 12.49 -34.04 -6.59
C GLY C 478 12.53 -32.79 -5.72
N LEU C 479 12.81 -31.65 -6.33
CA LEU C 479 12.81 -30.38 -5.63
C LEU C 479 11.78 -29.42 -6.19
N GLY C 480 10.97 -28.84 -5.31
CA GLY C 480 10.12 -27.72 -5.68
C GLY C 480 10.95 -26.44 -5.63
N ILE C 481 11.47 -26.04 -6.78
CA ILE C 481 12.40 -24.91 -6.85
C ILE C 481 11.76 -23.57 -6.46
N ASP C 482 10.62 -23.26 -7.06
CA ASP C 482 9.91 -22.02 -6.76
C ASP C 482 9.63 -21.89 -5.27
N ARG C 483 9.15 -22.97 -4.66
CA ARG C 483 8.81 -22.98 -3.25
C ARG C 483 10.04 -22.81 -2.38
N ILE C 484 11.18 -23.31 -2.85
CA ILE C 484 12.42 -23.16 -2.12
C ILE C 484 12.85 -21.70 -2.14
N THR C 485 12.68 -21.06 -3.28
CA THR C 485 13.05 -19.66 -3.45
C THR C 485 12.19 -18.77 -2.54
N MET C 486 10.90 -19.09 -2.47
CA MET C 486 9.95 -18.37 -1.62
C MET C 486 10.47 -18.22 -0.18
N PHE C 487 10.85 -19.33 0.43
CA PHE C 487 11.31 -19.31 1.81
C PHE C 487 12.70 -18.69 1.95
N LEU C 488 13.39 -18.53 0.84
CA LEU C 488 14.73 -17.94 0.87
C LEU C 488 14.71 -16.50 0.39
N THR C 489 13.53 -16.02 0.02
CA THR C 489 13.35 -14.64 -0.40
C THR C 489 12.17 -13.99 0.35
N ASN C 490 11.74 -14.66 1.42
CA ASN C 490 10.72 -14.12 2.32
C ASN C 490 9.40 -13.76 1.62
N LYS C 491 8.86 -14.69 0.85
CA LYS C 491 7.60 -14.47 0.14
C LYS C 491 6.52 -15.45 0.59
N ASN C 492 5.27 -15.14 0.27
CA ASN C 492 4.14 -15.94 0.72
C ASN C 492 3.28 -16.39 -0.45
N SER C 493 3.66 -15.95 -1.64
CA SER C 493 2.98 -16.37 -2.86
C SER C 493 4.00 -16.76 -3.92
N ILE C 494 3.68 -17.79 -4.69
CA ILE C 494 4.57 -18.26 -5.73
C ILE C 494 4.68 -17.22 -6.86
N LYS C 495 3.74 -16.28 -6.88
CA LYS C 495 3.76 -15.20 -7.87
C LYS C 495 4.97 -14.29 -7.69
N ASP C 496 5.43 -14.14 -6.45
CA ASP C 496 6.53 -13.23 -6.14
C ASP C 496 7.90 -13.82 -6.48
N VAL C 497 7.91 -15.05 -7.00
CA VAL C 497 9.18 -15.70 -7.34
C VAL C 497 9.16 -16.20 -8.78
N ILE C 498 8.12 -15.81 -9.52
CA ILE C 498 8.03 -16.10 -10.94
C ILE C 498 7.87 -14.80 -11.70
N LEU C 499 8.80 -14.54 -12.63
CA LEU C 499 8.82 -13.27 -13.36
C LEU C 499 7.46 -12.96 -14.01
N PHE C 500 6.97 -13.89 -14.82
CA PHE C 500 5.71 -13.68 -15.52
C PHE C 500 4.69 -14.76 -15.19
N PRO C 501 4.19 -14.74 -13.95
CA PRO C 501 3.21 -15.73 -13.48
C PRO C 501 1.96 -15.76 -14.35
N THR C 502 1.15 -16.81 -14.20
CA THR C 502 -0.07 -16.95 -15.00
C THR C 502 -1.19 -16.07 -14.44
N MET C 503 -1.70 -15.17 -15.27
CA MET C 503 -2.74 -14.26 -14.83
C MET C 503 -3.99 -14.33 -15.71
N ARG C 504 -5.14 -14.06 -15.09
CA ARG C 504 -6.39 -13.96 -15.84
C ARG C 504 -6.47 -12.57 -16.46
N PRO C 505 -6.52 -12.51 -17.81
CA PRO C 505 -6.49 -11.25 -18.55
C PRO C 505 -7.56 -10.25 -18.10
N PRO D 4 13.55 -64.92 -29.11
CA PRO D 4 12.10 -65.09 -29.02
C PRO D 4 11.52 -64.60 -27.69
N ARG D 5 10.24 -64.28 -27.69
CA ARG D 5 9.56 -63.79 -26.48
C ARG D 5 9.54 -64.83 -25.37
N LEU D 6 9.74 -66.09 -25.73
CA LEU D 6 9.80 -67.17 -24.76
C LEU D 6 10.87 -66.90 -23.71
N TYR D 7 11.92 -66.19 -24.10
CA TYR D 7 12.99 -65.79 -23.20
C TYR D 7 12.47 -65.00 -22.00
N PHE D 8 11.56 -64.06 -22.27
CA PHE D 8 11.00 -63.25 -21.20
C PHE D 8 10.17 -64.09 -20.22
N GLU D 9 9.41 -65.04 -20.76
CA GLU D 9 8.57 -65.89 -19.92
C GLU D 9 9.42 -66.75 -18.98
N ASN D 10 10.57 -67.20 -19.49
CA ASN D 10 11.49 -67.99 -18.69
C ASN D 10 12.12 -67.18 -17.56
N ARG D 11 12.61 -65.98 -17.89
CA ARG D 11 13.24 -65.13 -16.90
C ARG D 11 12.24 -64.67 -15.85
N SER D 12 11.00 -64.43 -16.27
CA SER D 12 9.95 -64.02 -15.36
C SER D 12 9.67 -65.15 -14.36
N LYS D 13 9.64 -66.38 -14.87
CA LYS D 13 9.43 -67.57 -14.06
C LYS D 13 10.60 -67.77 -13.11
N PHE D 14 11.81 -67.56 -13.63
CA PHE D 14 13.03 -67.62 -12.83
C PHE D 14 12.94 -66.69 -11.62
N ILE D 15 12.52 -65.45 -11.85
CA ILE D 15 12.40 -64.46 -10.79
C ILE D 15 11.38 -64.88 -9.72
N GLN D 16 10.30 -65.51 -10.15
CA GLN D 16 9.29 -65.99 -9.20
C GLN D 16 9.82 -67.20 -8.43
N ASP D 17 10.52 -68.09 -9.14
CA ASP D 17 11.12 -69.26 -8.52
C ASP D 17 12.09 -68.84 -7.43
N GLN D 18 12.82 -67.77 -7.69
CA GLN D 18 13.80 -67.26 -6.73
C GLN D 18 13.11 -66.76 -5.46
N LYS D 19 12.02 -66.01 -5.63
CA LYS D 19 11.29 -65.46 -4.49
C LYS D 19 10.72 -66.57 -3.62
N ASP D 20 10.19 -67.61 -4.25
CA ASP D 20 9.63 -68.75 -3.54
C ASP D 20 10.69 -69.40 -2.64
N LYS D 21 11.93 -69.42 -3.12
CA LYS D 21 13.04 -69.95 -2.33
C LYS D 21 13.51 -68.96 -1.27
N GLY D 22 12.78 -67.85 -1.12
CA GLY D 22 13.09 -66.84 -0.13
C GLY D 22 14.28 -65.97 -0.50
N ILE D 23 14.63 -65.94 -1.78
CA ILE D 23 15.70 -65.10 -2.28
C ILE D 23 15.15 -63.82 -2.90
N ASN D 24 15.76 -62.69 -2.58
CA ASN D 24 15.35 -61.41 -3.15
C ASN D 24 16.20 -61.06 -4.37
N PRO D 25 15.64 -61.26 -5.58
CA PRO D 25 16.36 -60.89 -6.81
C PRO D 25 16.41 -59.38 -7.00
N TYR D 26 15.65 -58.63 -6.19
CA TYR D 26 15.70 -57.18 -6.24
C TYR D 26 15.97 -56.60 -4.85
N PRO D 27 17.17 -56.88 -4.31
CA PRO D 27 17.54 -56.41 -2.97
C PRO D 27 17.44 -54.89 -2.87
N HIS D 28 17.38 -54.37 -1.65
CA HIS D 28 17.15 -52.94 -1.43
C HIS D 28 18.41 -52.11 -1.65
N LYS D 29 19.49 -52.48 -0.98
CA LYS D 29 20.70 -51.68 -0.99
C LYS D 29 21.97 -52.53 -1.04
N PHE D 30 22.89 -52.13 -1.91
CA PHE D 30 24.20 -52.74 -2.03
C PHE D 30 25.23 -51.63 -1.99
N GLU D 31 25.97 -51.54 -0.89
CA GLU D 31 26.92 -50.45 -0.72
C GLU D 31 28.24 -50.76 -1.40
N ARG D 32 28.46 -50.15 -2.56
CA ARG D 32 29.70 -50.34 -3.29
C ARG D 32 30.74 -49.35 -2.81
N THR D 33 32.01 -49.70 -2.98
CA THR D 33 33.09 -48.90 -2.42
C THR D 33 33.93 -48.24 -3.49
N ILE D 34 33.54 -48.43 -4.75
CA ILE D 34 34.27 -47.84 -5.87
C ILE D 34 33.50 -48.02 -7.19
N SER D 35 33.52 -47.00 -8.03
CA SER D 35 32.90 -47.12 -9.35
C SER D 35 33.82 -47.88 -10.29
N ILE D 36 33.32 -48.23 -11.47
CA ILE D 36 34.12 -48.95 -12.44
C ILE D 36 35.22 -48.07 -13.06
N PRO D 37 34.88 -46.81 -13.39
CA PRO D 37 35.94 -45.90 -13.88
C PRO D 37 36.98 -45.62 -12.80
N GLU D 38 36.55 -45.50 -11.55
CA GLU D 38 37.49 -45.31 -10.46
C GLU D 38 38.36 -46.56 -10.33
N PHE D 39 37.74 -47.72 -10.47
CA PHE D 39 38.44 -49.01 -10.49
C PHE D 39 39.52 -49.04 -11.56
N ILE D 40 39.13 -48.71 -12.79
CA ILE D 40 40.05 -48.73 -13.92
C ILE D 40 41.22 -47.78 -13.72
N GLU D 41 40.92 -46.55 -13.30
CA GLU D 41 41.95 -45.54 -13.10
C GLU D 41 42.95 -45.94 -12.02
N LYS D 42 42.46 -46.68 -11.03
CA LYS D 42 43.26 -46.98 -9.84
C LYS D 42 44.17 -48.21 -10.02
N TYR D 43 43.76 -49.14 -10.88
CA TYR D 43 44.46 -50.42 -10.99
C TYR D 43 44.91 -50.78 -12.40
N LYS D 44 44.80 -49.85 -13.35
CA LYS D 44 45.14 -50.14 -14.74
C LYS D 44 46.62 -50.46 -14.92
N ASP D 45 47.46 -49.97 -14.01
CA ASP D 45 48.90 -50.12 -14.16
C ASP D 45 49.48 -51.33 -13.43
N LEU D 46 48.62 -52.23 -12.98
CA LEU D 46 49.08 -53.48 -12.39
C LEU D 46 49.82 -54.29 -13.45
N GLY D 47 50.86 -55.01 -13.03
CA GLY D 47 51.54 -55.92 -13.93
C GLY D 47 50.66 -57.12 -14.21
N ASN D 48 50.88 -57.78 -15.35
CA ASN D 48 50.09 -58.95 -15.69
C ASN D 48 50.14 -60.03 -14.62
N GLY D 49 49.01 -60.66 -14.36
CA GLY D 49 48.93 -61.73 -13.39
C GLY D 49 49.00 -61.27 -11.94
N GLU D 50 49.26 -59.97 -11.75
CA GLU D 50 49.36 -59.42 -10.40
C GLU D 50 48.02 -59.36 -9.70
N HIS D 51 47.99 -59.76 -8.43
CA HIS D 51 46.79 -59.66 -7.62
C HIS D 51 46.99 -58.69 -6.46
N LEU D 52 45.88 -58.15 -5.95
CA LEU D 52 45.89 -57.35 -4.74
C LEU D 52 45.01 -58.04 -3.71
N GLU D 53 45.42 -59.24 -3.33
CA GLU D 53 44.61 -60.15 -2.53
C GLU D 53 44.30 -59.63 -1.12
N ASP D 54 44.96 -58.53 -0.74
CA ASP D 54 44.71 -57.94 0.57
C ASP D 54 43.63 -56.87 0.49
N THR D 55 43.13 -56.65 -0.72
CA THR D 55 42.16 -55.58 -0.97
C THR D 55 40.78 -56.13 -1.31
N ILE D 56 39.81 -55.88 -0.45
CA ILE D 56 38.43 -56.32 -0.71
C ILE D 56 37.60 -55.14 -1.21
N LEU D 57 36.91 -55.36 -2.33
CA LEU D 57 36.11 -54.31 -2.94
C LEU D 57 34.68 -54.74 -3.18
N ASN D 58 33.75 -53.81 -2.96
CA ASN D 58 32.37 -53.99 -3.38
C ASN D 58 32.16 -53.21 -4.66
N ILE D 59 31.81 -53.89 -5.74
CA ILE D 59 31.64 -53.21 -7.01
C ILE D 59 30.37 -53.67 -7.69
N THR D 60 29.73 -52.78 -8.43
CA THR D 60 28.51 -53.12 -9.14
C THR D 60 28.65 -52.79 -10.63
N GLY D 61 27.73 -53.32 -11.43
CA GLY D 61 27.73 -53.05 -12.85
C GLY D 61 26.72 -53.91 -13.59
N ARG D 62 26.67 -53.75 -14.91
CA ARG D 62 25.80 -54.58 -15.73
C ARG D 62 26.65 -55.60 -16.48
N ILE D 63 26.22 -56.86 -16.46
CA ILE D 63 26.88 -57.91 -17.20
C ILE D 63 26.58 -57.78 -18.70
N MET D 64 27.63 -57.66 -19.51
CA MET D 64 27.44 -57.46 -20.94
C MET D 64 28.01 -58.58 -21.79
N ARG D 65 28.79 -59.48 -21.18
CA ARG D 65 29.28 -60.65 -21.89
C ARG D 65 29.46 -61.83 -20.94
N VAL D 66 28.96 -62.98 -21.37
CA VAL D 66 29.09 -64.22 -20.60
C VAL D 66 29.89 -65.26 -21.39
N SER D 67 31.10 -65.54 -20.92
CA SER D 67 31.97 -66.50 -21.59
C SER D 67 31.44 -67.92 -21.47
N ALA D 68 32.05 -68.83 -22.22
CA ALA D 68 31.80 -70.25 -22.01
C ALA D 68 32.34 -70.63 -20.64
N SER D 69 31.51 -71.30 -19.85
CA SER D 69 31.89 -71.64 -18.49
C SER D 69 32.75 -72.90 -18.46
N GLY D 70 33.85 -72.82 -17.72
CA GLY D 70 34.68 -73.99 -17.46
C GLY D 70 34.25 -74.65 -16.16
N GLN D 71 34.98 -75.68 -15.74
CA GLN D 71 34.69 -76.35 -14.47
C GLN D 71 35.08 -75.47 -13.30
N LYS D 72 36.16 -74.71 -13.48
CA LYS D 72 36.70 -73.89 -12.40
C LYS D 72 36.83 -72.40 -12.76
N LEU D 73 36.60 -72.05 -14.02
CA LEU D 73 36.78 -70.68 -14.46
C LEU D 73 35.57 -70.13 -15.22
N ARG D 74 35.21 -68.88 -14.93
CA ARG D 74 34.10 -68.21 -15.60
C ARG D 74 34.40 -66.72 -15.82
N PHE D 75 34.13 -66.25 -17.02
CA PHE D 75 34.47 -64.89 -17.40
C PHE D 75 33.24 -64.05 -17.75
N PHE D 76 33.24 -62.79 -17.33
CA PHE D 76 32.17 -61.87 -17.66
C PHE D 76 32.74 -60.51 -18.01
N ASP D 77 32.02 -59.75 -18.81
CA ASP D 77 32.31 -58.34 -19.00
C ASP D 77 31.29 -57.52 -18.22
N LEU D 78 31.78 -56.61 -17.40
CA LEU D 78 30.94 -55.80 -16.52
C LEU D 78 31.11 -54.33 -16.84
N VAL D 79 30.03 -53.66 -17.23
CA VAL D 79 30.14 -52.24 -17.58
C VAL D 79 29.40 -51.34 -16.62
N GLY D 80 29.90 -50.13 -16.50
CA GLY D 80 29.30 -49.09 -15.67
C GLY D 80 29.87 -47.78 -16.11
N ASP D 81 29.00 -46.78 -16.25
CA ASP D 81 29.41 -45.44 -16.66
C ASP D 81 30.18 -45.44 -17.97
N GLY D 82 29.81 -46.35 -18.87
CA GLY D 82 30.37 -46.39 -20.20
C GLY D 82 31.71 -47.06 -20.29
N GLU D 83 32.24 -47.50 -19.16
CA GLU D 83 33.54 -48.18 -19.14
C GLU D 83 33.39 -49.64 -18.71
N LYS D 84 34.44 -50.43 -18.91
CA LYS D 84 34.32 -51.88 -18.79
C LYS D 84 35.53 -52.55 -18.12
N ILE D 85 35.25 -53.48 -17.22
CA ILE D 85 36.30 -54.35 -16.67
C ILE D 85 35.85 -55.79 -16.80
N GLN D 86 36.77 -56.71 -16.53
CA GLN D 86 36.43 -58.12 -16.64
C GLN D 86 36.11 -58.68 -15.27
N VAL D 87 35.12 -59.57 -15.23
CA VAL D 87 34.86 -60.35 -14.03
C VAL D 87 35.45 -61.73 -14.24
N LEU D 88 36.42 -62.08 -13.40
CA LEU D 88 37.10 -63.37 -13.50
C LEU D 88 36.71 -64.25 -12.31
N ALA D 89 35.70 -65.08 -12.49
CA ALA D 89 35.22 -65.95 -11.42
C ALA D 89 36.03 -67.23 -11.36
N ASN D 90 36.76 -67.40 -10.26
CA ASN D 90 37.60 -68.58 -10.04
C ASN D 90 37.06 -69.40 -8.88
N TYR D 91 36.76 -70.67 -9.14
CA TYR D 91 36.21 -71.59 -8.14
C TYR D 91 36.95 -71.56 -6.81
N SER D 92 38.28 -71.44 -6.88
CA SER D 92 39.11 -71.45 -5.68
C SER D 92 38.86 -70.23 -4.80
N PHE D 93 38.32 -69.17 -5.40
CA PHE D 93 38.10 -67.92 -4.69
C PHE D 93 36.64 -67.76 -4.26
N HIS D 94 35.82 -68.74 -4.62
CA HIS D 94 34.37 -68.66 -4.37
C HIS D 94 33.99 -69.07 -2.95
N ASN D 95 33.28 -68.18 -2.26
CA ASN D 95 32.72 -68.48 -0.94
C ASN D 95 31.64 -69.54 -1.07
N HIS D 96 32.03 -70.79 -0.86
CA HIS D 96 31.13 -71.92 -1.10
C HIS D 96 29.96 -71.97 -0.13
N GLU D 97 30.07 -71.23 0.97
CA GLU D 97 28.99 -71.19 1.96
C GLU D 97 27.75 -70.49 1.42
N LYS D 98 27.97 -69.56 0.49
CA LYS D 98 26.88 -68.79 -0.10
C LYS D 98 26.13 -69.60 -1.16
N GLY D 99 26.71 -70.74 -1.54
CA GLY D 99 26.07 -71.62 -2.50
C GLY D 99 27.06 -72.28 -3.44
N ASN D 100 26.57 -73.18 -4.27
CA ASN D 100 27.42 -73.88 -5.23
C ASN D 100 27.91 -72.94 -6.33
N PHE D 101 29.21 -72.96 -6.55
CA PHE D 101 29.86 -72.13 -7.56
C PHE D 101 29.16 -72.20 -8.92
N ALA D 102 28.98 -73.42 -9.43
CA ALA D 102 28.36 -73.62 -10.74
C ALA D 102 26.86 -73.29 -10.71
N GLU D 103 26.20 -73.67 -9.62
CA GLU D 103 24.79 -73.36 -9.46
C GLU D 103 24.57 -71.85 -9.51
N CYS D 104 25.39 -71.13 -8.76
CA CYS D 104 25.26 -69.68 -8.63
C CYS D 104 25.46 -68.95 -9.96
N TYR D 105 26.59 -69.19 -10.62
CA TYR D 105 26.92 -68.42 -11.81
C TYR D 105 26.11 -68.83 -13.04
N ASP D 106 25.60 -70.05 -13.06
CA ASP D 106 24.74 -70.48 -14.16
C ASP D 106 23.45 -69.66 -14.19
N LYS D 107 23.11 -69.04 -13.06
CA LYS D 107 21.90 -68.24 -12.97
C LYS D 107 22.04 -66.91 -13.73
N ILE D 108 23.26 -66.41 -13.82
CA ILE D 108 23.51 -65.09 -14.40
C ILE D 108 23.28 -65.04 -15.91
N ARG D 109 22.60 -63.98 -16.35
CA ARG D 109 22.36 -63.75 -17.77
C ARG D 109 22.94 -62.41 -18.22
N ARG D 110 23.32 -62.34 -19.49
CA ARG D 110 23.72 -61.08 -20.09
C ARG D 110 22.64 -60.04 -19.86
N GLY D 111 23.03 -58.85 -19.43
CA GLY D 111 22.08 -57.79 -19.12
C GLY D 111 21.84 -57.63 -17.63
N ASP D 112 22.09 -58.69 -16.87
CA ASP D 112 21.89 -58.65 -15.43
C ASP D 112 22.77 -57.61 -14.75
N ILE D 113 22.16 -56.85 -13.84
CA ILE D 113 22.90 -55.93 -12.99
C ILE D 113 23.28 -56.63 -11.69
N VAL D 114 24.56 -56.70 -11.40
CA VAL D 114 25.03 -57.48 -10.27
C VAL D 114 25.88 -56.66 -9.31
N GLY D 115 26.05 -57.19 -8.11
CA GLY D 115 26.93 -56.62 -7.11
C GLY D 115 27.98 -57.64 -6.73
N ILE D 116 29.25 -57.24 -6.81
CA ILE D 116 30.34 -58.18 -6.62
C ILE D 116 31.26 -57.82 -5.47
N VAL D 117 31.58 -58.82 -4.66
CA VAL D 117 32.57 -58.67 -3.59
C VAL D 117 33.81 -59.49 -3.95
N GLY D 118 34.93 -58.80 -4.15
CA GLY D 118 36.15 -59.49 -4.55
C GLY D 118 37.38 -58.60 -4.44
N PHE D 119 38.48 -59.07 -5.00
CA PHE D 119 39.71 -58.28 -5.04
C PHE D 119 40.11 -57.95 -6.48
N PRO D 120 40.90 -56.89 -6.65
CA PRO D 120 41.37 -56.39 -7.94
C PRO D 120 42.65 -57.08 -8.42
N GLY D 121 42.82 -57.16 -9.73
CA GLY D 121 44.02 -57.74 -10.32
C GLY D 121 43.93 -57.86 -11.82
N LYS D 122 45.04 -58.25 -12.45
CA LYS D 122 45.04 -58.53 -13.88
C LYS D 122 45.16 -60.03 -14.13
N SER D 123 44.56 -60.49 -15.22
CA SER D 123 44.69 -61.88 -15.61
C SER D 123 46.10 -62.15 -16.12
N LYS D 124 46.41 -63.40 -16.42
CA LYS D 124 47.73 -63.75 -16.93
C LYS D 124 47.96 -63.12 -18.30
N LYS D 125 46.87 -62.85 -19.03
CA LYS D 125 46.95 -62.22 -20.34
C LYS D 125 47.10 -60.70 -20.24
N GLY D 126 46.72 -60.13 -19.10
CA GLY D 126 46.86 -58.69 -18.89
C GLY D 126 45.55 -57.94 -18.74
N GLU D 127 44.45 -58.68 -18.78
CA GLU D 127 43.12 -58.08 -18.70
C GLU D 127 42.78 -57.69 -17.27
N LEU D 128 42.56 -56.39 -17.05
CA LEU D 128 42.20 -55.90 -15.72
C LEU D 128 40.87 -56.49 -15.27
N SER D 129 40.87 -57.12 -14.09
CA SER D 129 39.71 -57.90 -13.67
C SER D 129 39.36 -57.72 -12.20
N ILE D 130 38.14 -58.07 -11.87
CA ILE D 130 37.72 -58.19 -10.48
C ILE D 130 37.52 -59.67 -10.17
N PHE D 131 38.12 -60.13 -9.09
CA PHE D 131 38.02 -61.54 -8.70
C PHE D 131 37.05 -61.71 -7.55
N PRO D 132 35.79 -62.05 -7.86
CA PRO D 132 34.75 -62.18 -6.83
C PRO D 132 34.96 -63.35 -5.88
N LYS D 133 34.41 -63.23 -4.67
CA LYS D 133 34.20 -64.39 -3.81
C LYS D 133 32.70 -64.58 -3.69
N GLU D 134 31.97 -63.57 -4.16
CA GLU D 134 30.52 -63.59 -4.15
C GLU D 134 29.97 -62.66 -5.25
N THR D 135 28.98 -63.15 -5.99
CA THR D 135 28.28 -62.33 -6.96
C THR D 135 26.80 -62.33 -6.64
N ILE D 136 26.24 -61.14 -6.42
CA ILE D 136 24.84 -61.01 -6.07
C ILE D 136 24.03 -60.39 -7.20
N LEU D 137 22.84 -60.93 -7.46
CA LEU D 137 21.93 -60.33 -8.42
C LEU D 137 21.23 -59.12 -7.81
N LEU D 138 21.38 -57.95 -8.45
CA LEU D 138 20.76 -56.72 -7.97
C LEU D 138 19.50 -56.37 -8.76
N SER D 139 19.54 -56.61 -10.06
CA SER D 139 18.39 -56.36 -10.92
C SER D 139 18.54 -57.12 -12.22
N ALA D 140 17.57 -58.00 -12.51
CA ALA D 140 17.69 -58.90 -13.64
C ALA D 140 17.22 -58.25 -14.94
N CYS D 141 17.89 -58.61 -16.02
CA CYS D 141 17.49 -58.20 -17.36
C CYS D 141 16.62 -59.30 -17.97
N LEU D 142 15.31 -59.07 -17.98
CA LEU D 142 14.35 -60.10 -18.35
C LEU D 142 14.22 -60.30 -19.86
N HIS D 143 14.62 -59.30 -20.64
CA HIS D 143 14.60 -59.41 -22.09
C HIS D 143 15.99 -59.71 -22.62
N MET D 144 16.07 -60.09 -23.89
CA MET D 144 17.35 -60.34 -24.52
C MET D 144 17.86 -59.07 -25.18
N LEU D 145 19.04 -58.63 -24.76
CA LEU D 145 19.62 -57.41 -25.31
C LEU D 145 20.15 -57.63 -26.72
N PRO D 146 20.16 -56.57 -27.54
CA PRO D 146 20.76 -56.63 -28.87
C PRO D 146 22.24 -56.95 -28.79
N MET D 147 22.80 -57.56 -29.83
CA MET D 147 24.24 -57.79 -29.88
C MET D 147 24.97 -56.49 -30.20
N LYS D 148 26.29 -56.48 -30.01
CA LYS D 148 27.06 -55.23 -30.02
C LYS D 148 26.96 -54.43 -31.32
N TYR D 149 26.55 -55.08 -32.41
CA TYR D 149 26.34 -54.38 -33.67
C TYR D 149 24.97 -54.68 -34.24
N GLY D 150 24.07 -55.13 -33.41
CA GLY D 150 22.76 -55.46 -33.89
C GLY D 150 21.78 -54.39 -33.58
N LEU D 151 22.25 -53.22 -33.18
CA LEU D 151 21.36 -52.11 -32.98
C LEU D 151 21.71 -51.03 -33.97
N THR D 154 17.73 -49.46 -36.51
CA THR D 154 16.32 -49.54 -36.22
C THR D 154 15.86 -48.24 -35.56
N GLU D 155 14.57 -47.97 -35.65
CA GLU D 155 13.94 -46.87 -34.91
C GLU D 155 14.03 -47.12 -33.41
N ILE D 156 14.63 -48.23 -33.02
CA ILE D 156 14.76 -48.59 -31.62
C ILE D 156 15.57 -47.57 -30.83
N ARG D 157 16.67 -47.12 -31.42
CA ARG D 157 17.54 -46.13 -30.79
C ARG D 157 16.79 -44.90 -30.30
N TYR D 158 15.74 -44.53 -31.02
CA TYR D 158 15.01 -43.29 -30.72
C TYR D 158 13.86 -43.50 -29.75
N ARG D 159 13.23 -44.67 -29.79
CA ARG D 159 12.13 -44.97 -28.89
C ARG D 159 12.66 -45.54 -27.57
N GLN D 160 13.50 -46.56 -27.68
CA GLN D 160 14.17 -47.13 -26.51
C GLN D 160 15.62 -46.66 -26.43
N ARG D 161 15.80 -45.39 -26.10
CA ARG D 161 17.12 -44.79 -26.09
C ARG D 161 18.06 -45.46 -25.10
N TYR D 162 17.51 -46.07 -24.06
CA TYR D 162 18.33 -46.71 -23.04
C TYR D 162 19.13 -47.89 -23.62
N LEU D 163 18.58 -48.56 -24.62
CA LEU D 163 19.30 -49.65 -25.29
C LEU D 163 20.46 -49.11 -26.08
N ASP D 164 20.19 -48.07 -26.88
CA ASP D 164 21.21 -47.38 -27.65
C ASP D 164 22.37 -46.95 -26.76
N LEU D 165 22.04 -46.41 -25.59
CA LEU D 165 23.04 -45.95 -24.63
C LEU D 165 23.88 -47.09 -24.08
N LEU D 166 23.25 -48.24 -23.88
CA LEU D 166 23.92 -49.40 -23.31
C LEU D 166 24.87 -50.08 -24.30
N ILE D 167 24.52 -50.04 -25.58
CA ILE D 167 25.16 -50.89 -26.57
C ILE D 167 25.97 -50.13 -27.62
N ASN D 168 25.62 -48.87 -27.82
CA ASN D 168 26.38 -48.02 -28.74
C ASN D 168 27.19 -46.97 -27.97
N GLU D 169 28.51 -47.14 -27.96
CA GLU D 169 29.39 -46.28 -27.19
CA GLU D 169 29.40 -46.27 -27.21
C GLU D 169 29.32 -44.83 -27.66
N SER D 170 29.28 -44.63 -28.98
CA SER D 170 29.23 -43.29 -29.54
C SER D 170 28.03 -42.51 -28.99
N SER D 171 26.95 -43.22 -28.72
CA SER D 171 25.71 -42.60 -28.23
C SER D 171 25.94 -41.83 -26.92
N ARG D 172 26.65 -42.46 -26.00
CA ARG D 172 26.98 -41.80 -24.75
C ARG D 172 27.85 -40.56 -25.01
N HIS D 173 28.84 -40.73 -25.88
CA HIS D 173 29.75 -39.64 -26.23
CA HIS D 173 29.75 -39.63 -26.23
C HIS D 173 29.01 -38.44 -26.81
N THR D 174 27.94 -38.70 -27.55
CA THR D 174 27.17 -37.65 -28.17
C THR D 174 26.48 -36.77 -27.12
N PHE D 175 25.68 -37.40 -26.27
CA PHE D 175 24.90 -36.66 -25.28
C PHE D 175 25.78 -36.07 -24.19
N VAL D 176 26.98 -36.61 -24.01
CA VAL D 176 27.97 -35.98 -23.14
C VAL D 176 28.42 -34.67 -23.78
N THR D 177 28.63 -34.71 -25.09
CA THR D 177 29.09 -33.56 -25.83
C THR D 177 28.06 -32.44 -25.77
N ARG D 178 26.80 -32.81 -25.98
CA ARG D 178 25.69 -31.86 -25.84
C ARG D 178 25.71 -31.11 -24.52
N THR D 179 25.90 -31.85 -23.42
CA THR D 179 25.87 -31.22 -22.11
C THR D 179 27.10 -30.31 -21.91
N LYS D 180 28.26 -30.72 -22.43
CA LYS D 180 29.44 -29.87 -22.37
C LYS D 180 29.21 -28.56 -23.12
N ILE D 181 28.53 -28.65 -24.25
CA ILE D 181 28.17 -27.48 -25.05
C ILE D 181 27.28 -26.50 -24.27
N ILE D 182 26.16 -27.01 -23.73
CA ILE D 182 25.25 -26.17 -22.97
C ILE D 182 25.93 -25.62 -21.73
N ASN D 183 26.76 -26.43 -21.07
CA ASN D 183 27.56 -25.97 -19.95
C ASN D 183 28.47 -24.81 -20.37
N PHE D 184 29.16 -24.99 -21.49
CA PHE D 184 30.10 -24.00 -21.98
C PHE D 184 29.39 -22.69 -22.32
N LEU D 185 28.27 -22.80 -23.03
CA LEU D 185 27.48 -21.63 -23.40
C LEU D 185 27.01 -20.89 -22.15
N ARG D 186 26.67 -21.64 -21.11
CA ARG D 186 26.17 -21.03 -19.89
C ARG D 186 27.28 -20.28 -19.15
N ASN D 187 28.48 -20.86 -19.14
CA ASN D 187 29.60 -20.19 -18.48
C ASN D 187 30.12 -19.04 -19.32
N PHE D 188 30.01 -19.19 -20.63
CA PHE D 188 30.42 -18.14 -21.57
C PHE D 188 29.63 -16.88 -21.28
N LEU D 189 28.31 -17.04 -21.17
CA LEU D 189 27.42 -15.92 -20.90
C LEU D 189 27.60 -15.37 -19.47
N ASN D 190 27.67 -16.26 -18.49
CA ASN D 190 27.76 -15.83 -17.10
C ASN D 190 29.09 -15.12 -16.80
N GLU D 191 30.15 -15.54 -17.47
CA GLU D 191 31.45 -14.88 -17.34
C GLU D 191 31.41 -13.46 -17.89
N ARG D 192 30.41 -13.19 -18.73
CA ARG D 192 30.29 -11.88 -19.38
C ARG D 192 29.19 -11.04 -18.76
N GLY D 193 28.81 -11.38 -17.52
CA GLY D 193 27.88 -10.57 -16.76
C GLY D 193 26.42 -10.73 -17.13
N PHE D 194 26.10 -11.78 -17.87
CA PHE D 194 24.71 -12.04 -18.23
C PHE D 194 23.96 -12.73 -17.09
N PHE D 195 22.64 -12.53 -17.07
CA PHE D 195 21.79 -13.02 -16.00
C PHE D 195 20.72 -13.96 -16.57
N GLU D 196 20.74 -15.21 -16.13
CA GLU D 196 19.84 -16.24 -16.64
CA GLU D 196 19.83 -16.22 -16.67
C GLU D 196 18.50 -16.25 -15.92
N VAL D 197 17.42 -16.47 -16.67
CA VAL D 197 16.08 -16.43 -16.12
C VAL D 197 15.16 -17.47 -16.75
N GLU D 198 13.93 -17.54 -16.26
CA GLU D 198 12.91 -18.38 -16.86
C GLU D 198 11.70 -17.53 -17.20
N THR D 199 11.24 -17.61 -18.44
CA THR D 199 10.01 -16.93 -18.84
C THR D 199 8.94 -17.97 -19.11
N PRO D 200 7.67 -17.58 -18.98
CA PRO D 200 6.57 -18.52 -19.15
C PRO D 200 6.61 -19.21 -20.50
N MET D 201 6.27 -20.50 -20.53
CA MET D 201 6.24 -21.26 -21.77
C MET D 201 4.84 -21.31 -22.35
N MET D 202 3.85 -20.95 -21.52
CA MET D 202 2.48 -20.82 -21.96
C MET D 202 2.06 -19.36 -21.89
N ASN D 203 1.57 -18.83 -23.01
CA ASN D 203 1.16 -17.43 -23.07
C ASN D 203 -0.18 -17.26 -23.77
N LEU D 204 -0.72 -16.05 -23.71
CA LEU D 204 -1.98 -15.75 -24.39
C LEU D 204 -1.76 -15.61 -25.88
N ILE D 205 -0.52 -15.34 -26.28
CA ILE D 205 -0.13 -15.29 -27.69
C ILE D 205 1.16 -16.07 -27.89
N ALA D 206 1.58 -16.22 -29.15
CA ALA D 206 2.74 -17.03 -29.47
C ALA D 206 3.80 -16.30 -30.29
N GLY D 207 4.81 -15.76 -29.60
CA GLY D 207 6.01 -15.23 -30.22
C GLY D 207 5.81 -14.05 -31.16
N GLY D 208 6.92 -13.57 -31.72
CA GLY D 208 8.22 -14.12 -31.42
C GLY D 208 8.94 -14.68 -32.63
N ALA D 209 8.16 -15.22 -33.57
CA ALA D 209 8.72 -15.82 -34.79
C ALA D 209 7.60 -16.24 -35.74
N ASN D 210 7.97 -16.83 -36.87
CA ASN D 210 6.99 -17.26 -37.86
C ASN D 210 6.82 -18.77 -37.87
N ALA D 211 5.86 -19.26 -37.08
CA ALA D 211 5.62 -20.70 -36.97
C ALA D 211 4.30 -21.00 -36.25
N ARG D 212 3.55 -21.95 -36.80
CA ARG D 212 2.28 -22.36 -36.20
C ARG D 212 2.52 -22.95 -34.81
N PRO D 213 1.83 -22.40 -33.80
CA PRO D 213 2.03 -22.76 -32.39
C PRO D 213 1.25 -23.98 -31.92
N PHE D 214 1.57 -24.45 -30.73
CA PHE D 214 0.82 -25.50 -30.07
C PHE D 214 -0.29 -24.88 -29.22
N ILE D 215 -1.50 -25.42 -29.34
CA ILE D 215 -2.60 -24.92 -28.52
C ILE D 215 -2.87 -25.86 -27.36
N THR D 216 -3.05 -25.28 -26.18
CA THR D 216 -3.40 -26.03 -24.99
C THR D 216 -4.43 -25.26 -24.18
N HIS D 217 -5.19 -25.97 -23.35
CA HIS D 217 -6.24 -25.33 -22.56
C HIS D 217 -6.00 -25.50 -21.06
N HIS D 218 -6.15 -24.40 -20.33
CA HIS D 218 -6.11 -24.43 -18.87
C HIS D 218 -7.53 -24.53 -18.32
N ASN D 219 -7.77 -25.51 -17.46
CA ASN D 219 -9.13 -25.79 -16.98
C ASN D 219 -9.66 -24.75 -16.00
N ASP D 220 -9.00 -24.61 -14.86
CA ASP D 220 -9.49 -23.72 -13.80
C ASP D 220 -9.55 -22.26 -14.24
N LEU D 221 -8.86 -21.93 -15.31
CA LEU D 221 -8.84 -20.57 -15.80
C LEU D 221 -9.70 -20.43 -17.03
N ASP D 222 -10.21 -21.54 -17.52
CA ASP D 222 -11.01 -21.55 -18.74
C ASP D 222 -10.36 -20.69 -19.81
N LEU D 223 -9.11 -21.01 -20.13
CA LEU D 223 -8.30 -20.16 -20.99
C LEU D 223 -7.47 -20.97 -22.00
N ASP D 224 -7.49 -20.54 -23.25
CA ASP D 224 -6.65 -21.16 -24.27
C ASP D 224 -5.25 -20.57 -24.25
N LEU D 225 -4.27 -21.37 -23.85
CA LEU D 225 -2.89 -20.92 -23.82
C LEU D 225 -2.10 -21.47 -24.99
N TYR D 226 -1.10 -20.71 -25.42
CA TYR D 226 -0.23 -21.11 -26.51
C TYR D 226 1.16 -21.46 -26.00
N LEU D 227 1.73 -22.53 -26.54
CA LEU D 227 3.12 -22.89 -26.23
C LEU D 227 4.09 -21.98 -26.95
N ARG D 228 4.99 -21.36 -26.20
CA ARG D 228 5.94 -20.39 -26.76
C ARG D 228 6.71 -20.94 -27.96
N ILE D 229 6.86 -20.13 -28.98
CA ILE D 229 7.63 -20.48 -30.16
C ILE D 229 9.01 -19.85 -30.08
N ALA D 230 9.20 -18.98 -29.10
CA ALA D 230 10.45 -18.27 -28.87
C ALA D 230 10.45 -17.57 -27.51
N THR D 231 11.58 -17.01 -27.12
CA THR D 231 11.68 -16.33 -25.82
C THR D 231 11.96 -14.83 -26.00
N GLU D 232 11.91 -14.38 -27.25
CA GLU D 232 12.22 -13.00 -27.61
C GLU D 232 11.45 -11.93 -26.81
N LEU D 233 10.12 -11.97 -26.89
CA LEU D 233 9.31 -10.89 -26.34
C LEU D 233 9.53 -10.66 -24.84
N PRO D 234 9.29 -11.71 -24.02
CA PRO D 234 9.46 -11.57 -22.57
C PRO D 234 10.86 -11.13 -22.17
N LEU D 235 11.88 -11.60 -22.91
CA LEU D 235 13.25 -11.22 -22.61
C LEU D 235 13.48 -9.72 -22.85
N LYS D 236 12.91 -9.19 -23.92
CA LYS D 236 12.99 -7.75 -24.16
C LYS D 236 12.30 -6.97 -23.05
N MET D 237 11.16 -7.49 -22.59
CA MET D 237 10.44 -6.86 -21.49
C MET D 237 11.30 -6.82 -20.24
N LEU D 238 12.16 -7.82 -20.08
CA LEU D 238 13.09 -7.85 -18.96
C LEU D 238 14.18 -6.80 -19.15
N ILE D 239 14.55 -6.57 -20.41
CA ILE D 239 15.47 -5.48 -20.73
C ILE D 239 14.88 -4.17 -20.23
N VAL D 240 13.64 -3.88 -20.64
CA VAL D 240 12.93 -2.71 -20.17
C VAL D 240 12.90 -2.66 -18.65
N GLY D 241 12.90 -3.84 -18.02
CA GLY D 241 12.86 -3.92 -16.57
C GLY D 241 14.19 -3.54 -15.94
N GLY D 242 15.20 -3.30 -16.76
CA GLY D 242 16.49 -2.86 -16.27
C GLY D 242 17.50 -3.98 -16.09
N ILE D 243 17.20 -5.15 -16.62
CA ILE D 243 18.15 -6.26 -16.65
C ILE D 243 18.86 -6.22 -17.99
N ASP D 244 19.93 -5.44 -18.06
CA ASP D 244 20.57 -5.09 -19.32
C ASP D 244 21.30 -6.27 -19.98
N LYS D 245 21.67 -7.27 -19.18
CA LYS D 245 22.22 -8.51 -19.73
C LYS D 245 21.40 -9.70 -19.23
N VAL D 246 20.61 -10.30 -20.13
CA VAL D 246 19.73 -11.38 -19.73
C VAL D 246 19.70 -12.48 -20.79
N TYR D 247 19.50 -13.73 -20.35
CA TYR D 247 19.34 -14.84 -21.28
C TYR D 247 18.53 -15.98 -20.69
N GLU D 248 18.14 -16.90 -21.57
CA GLU D 248 17.42 -18.10 -21.17
C GLU D 248 17.82 -19.27 -22.06
N ILE D 249 18.13 -20.40 -21.45
CA ILE D 249 18.33 -21.64 -22.21
C ILE D 249 17.21 -22.59 -21.84
N GLY D 250 16.34 -22.87 -22.81
CA GLY D 250 15.22 -23.75 -22.55
C GLY D 250 14.56 -24.24 -23.82
N LYS D 251 13.48 -24.98 -23.65
CA LYS D 251 12.74 -25.50 -24.79
C LYS D 251 11.85 -24.43 -25.41
N VAL D 252 11.67 -24.52 -26.71
CA VAL D 252 10.62 -23.77 -27.40
C VAL D 252 9.89 -24.74 -28.32
N PHE D 253 8.63 -24.42 -28.62
CA PHE D 253 7.77 -25.35 -29.32
C PHE D 253 7.19 -24.74 -30.59
N ARG D 254 7.35 -25.44 -31.69
CA ARG D 254 6.79 -25.00 -32.97
C ARG D 254 6.08 -26.16 -33.64
N ASN D 255 4.81 -25.96 -33.99
CA ASN D 255 3.98 -27.02 -34.54
C ASN D 255 4.08 -27.08 -36.07
N GLU D 256 5.25 -27.40 -36.59
CA GLU D 256 5.49 -27.46 -38.03
CA GLU D 256 5.45 -27.47 -38.03
C GLU D 256 5.85 -28.87 -38.48
N GLY D 257 6.57 -28.94 -39.59
CA GLY D 257 7.00 -30.22 -40.14
C GLY D 257 8.15 -30.84 -39.36
N ILE D 258 8.31 -32.15 -39.51
CA ILE D 258 9.39 -32.88 -38.84
C ILE D 258 10.34 -33.49 -39.86
N ASP D 259 11.63 -33.13 -39.76
CA ASP D 259 12.64 -33.74 -40.60
C ASP D 259 14.01 -33.71 -39.90
N ASN D 260 15.06 -34.05 -40.64
CA ASN D 260 16.40 -34.19 -40.07
C ASN D 260 16.89 -32.99 -39.28
N THR D 261 16.29 -31.83 -39.50
CA THR D 261 16.72 -30.60 -38.85
C THR D 261 15.59 -29.92 -38.08
N HIS D 262 14.45 -30.60 -37.99
CA HIS D 262 13.31 -30.05 -37.25
C HIS D 262 12.70 -31.06 -36.30
N ASN D 263 12.61 -30.67 -35.04
CA ASN D 263 11.86 -31.41 -34.05
C ASN D 263 10.91 -30.45 -33.35
N PRO D 264 9.61 -30.81 -33.31
CA PRO D 264 8.52 -30.03 -32.73
C PRO D 264 8.94 -29.23 -31.49
N GLU D 265 9.65 -29.89 -30.58
CA GLU D 265 10.24 -29.19 -29.44
C GLU D 265 11.75 -29.27 -29.55
N PHE D 266 12.40 -28.13 -29.40
CA PHE D 266 13.85 -28.08 -29.46
C PHE D 266 14.40 -27.08 -28.45
N THR D 267 15.70 -27.14 -28.23
CA THR D 267 16.34 -26.30 -27.23
C THR D 267 16.98 -25.08 -27.85
N SER D 268 16.61 -23.91 -27.35
CA SER D 268 17.16 -22.67 -27.87
C SER D 268 17.83 -21.91 -26.75
N CYS D 269 18.78 -21.06 -27.12
CA CYS D 269 19.28 -20.05 -26.21
C CYS D 269 19.06 -18.68 -26.84
N GLU D 270 18.51 -17.76 -26.06
CA GLU D 270 18.36 -16.38 -26.51
C GLU D 270 18.85 -15.46 -25.41
N PHE D 271 19.81 -14.61 -25.74
CA PHE D 271 20.23 -13.57 -24.83
C PHE D 271 19.94 -12.21 -25.42
N TYR D 272 19.80 -11.22 -24.55
CA TYR D 272 19.60 -9.85 -25.00
C TYR D 272 20.58 -8.95 -24.27
N TRP D 273 21.28 -8.16 -25.06
CA TRP D 273 22.44 -7.40 -24.63
C TRP D 273 22.20 -5.91 -24.83
N ALA D 274 22.03 -5.19 -23.73
CA ALA D 274 21.70 -3.77 -23.80
C ALA D 274 22.89 -2.94 -24.27
N TYR D 275 22.61 -1.94 -25.10
CA TYR D 275 23.62 -1.02 -25.62
C TYR D 275 24.61 -1.75 -26.52
N ALA D 276 24.15 -2.86 -27.07
CA ALA D 276 24.93 -3.63 -28.05
C ALA D 276 24.18 -3.60 -29.37
N ASP D 277 24.88 -3.90 -30.47
CA ASP D 277 24.23 -3.86 -31.77
C ASP D 277 24.84 -4.85 -32.74
N TYR D 278 24.34 -4.81 -33.97
CA TYR D 278 24.75 -5.67 -35.08
C TYR D 278 26.23 -6.08 -35.02
N ASN D 279 27.11 -5.12 -34.74
CA ASN D 279 28.54 -5.39 -34.77
C ASN D 279 29.03 -6.18 -33.56
N ASP D 280 28.43 -5.93 -32.40
CA ASP D 280 28.76 -6.67 -31.20
C ASP D 280 28.32 -8.13 -31.33
N LEU D 281 27.20 -8.33 -32.01
CA LEU D 281 26.62 -9.66 -32.20
C LEU D 281 27.46 -10.52 -33.15
N ILE D 282 28.03 -9.89 -34.17
CA ILE D 282 28.92 -10.60 -35.08
C ILE D 282 30.17 -11.03 -34.32
N LYS D 283 30.74 -10.10 -33.55
CA LYS D 283 31.93 -10.37 -32.75
C LYS D 283 31.67 -11.54 -31.79
N TRP D 284 30.57 -11.43 -31.04
CA TRP D 284 30.18 -12.45 -30.07
C TRP D 284 30.03 -13.83 -30.72
N SER D 285 29.34 -13.85 -31.87
CA SER D 285 29.12 -15.09 -32.60
C SER D 285 30.44 -15.76 -33.01
N GLU D 286 31.40 -14.95 -33.44
CA GLU D 286 32.68 -15.47 -33.88
C GLU D 286 33.52 -15.95 -32.69
N ASP D 287 33.48 -15.19 -31.60
CA ASP D 287 34.21 -15.56 -30.40
C ASP D 287 33.67 -16.87 -29.82
N PHE D 288 32.35 -16.95 -29.72
CA PHE D 288 31.70 -18.11 -29.11
C PHE D 288 31.95 -19.40 -29.88
N PHE D 289 31.65 -19.39 -31.17
CA PHE D 289 31.76 -20.60 -31.97
C PHE D 289 33.21 -21.07 -32.09
N SER D 290 34.14 -20.12 -32.13
CA SER D 290 35.54 -20.47 -32.27
C SER D 290 36.08 -21.07 -30.96
N GLN D 291 35.75 -20.45 -29.83
CA GLN D 291 36.24 -20.94 -28.54
C GLN D 291 35.56 -22.25 -28.16
N LEU D 292 34.30 -22.42 -28.54
CA LEU D 292 33.57 -23.65 -28.26
C LEU D 292 34.19 -24.82 -29.00
N VAL D 293 34.37 -24.66 -30.31
CA VAL D 293 34.98 -25.70 -31.14
C VAL D 293 36.37 -26.05 -30.62
N TYR D 294 37.10 -25.06 -30.12
CA TYR D 294 38.43 -25.30 -29.60
C TYR D 294 38.36 -25.99 -28.24
N HIS D 295 37.38 -25.58 -27.44
CA HIS D 295 37.14 -26.16 -26.13
C HIS D 295 36.87 -27.66 -26.23
N LEU D 296 36.28 -28.08 -27.33
CA LEU D 296 35.89 -29.47 -27.52
C LEU D 296 36.97 -30.32 -28.22
N PHE D 297 37.70 -29.72 -29.15
CA PHE D 297 38.59 -30.49 -30.02
C PHE D 297 40.06 -30.11 -29.96
N GLY D 298 40.38 -28.97 -29.34
CA GLY D 298 41.75 -28.49 -29.32
C GLY D 298 42.22 -28.05 -30.70
N THR D 299 41.28 -27.74 -31.57
CA THR D 299 41.57 -27.30 -32.92
C THR D 299 40.36 -26.52 -33.38
N TYR D 300 40.49 -25.62 -34.36
CA TYR D 300 39.35 -24.86 -34.90
C TYR D 300 38.73 -25.57 -36.11
N LYS D 301 39.35 -26.64 -36.56
CA LYS D 301 38.86 -27.39 -37.72
C LYS D 301 38.24 -28.72 -37.29
N ILE D 302 37.07 -29.02 -37.83
CA ILE D 302 36.37 -30.26 -37.50
C ILE D 302 35.94 -31.01 -38.76
N SER D 303 35.67 -32.30 -38.61
CA SER D 303 35.22 -33.12 -39.72
C SER D 303 33.73 -33.40 -39.61
N TYR D 304 33.01 -33.23 -40.72
CA TYR D 304 31.57 -33.47 -40.74
C TYR D 304 31.15 -34.22 -41.99
N ASN D 305 30.25 -35.18 -41.82
CA ASN D 305 29.75 -35.94 -42.94
C ASN D 305 28.46 -35.33 -43.47
N LYS D 306 28.59 -34.20 -44.14
CA LYS D 306 27.45 -33.47 -44.68
C LYS D 306 26.57 -34.37 -45.56
N ASP D 307 27.20 -35.30 -46.26
CA ASP D 307 26.47 -36.18 -47.18
C ASP D 307 26.19 -37.55 -46.56
N GLY D 308 26.54 -37.71 -45.29
CA GLY D 308 26.31 -38.97 -44.59
C GLY D 308 27.57 -39.77 -44.33
N PRO D 309 27.44 -40.84 -43.54
CA PRO D 309 28.56 -41.69 -43.12
C PRO D 309 29.21 -42.45 -44.26
N GLU D 310 28.44 -42.71 -45.32
CA GLU D 310 28.91 -43.50 -46.46
C GLU D 310 29.76 -42.68 -47.42
N ASN D 311 29.60 -41.36 -47.38
CA ASN D 311 30.32 -40.47 -48.28
C ASN D 311 31.52 -39.79 -47.62
N GLN D 312 32.40 -39.20 -48.44
CA GLN D 312 33.55 -38.47 -47.94
C GLN D 312 33.11 -37.24 -47.16
N PRO D 313 33.63 -37.08 -45.94
CA PRO D 313 33.31 -35.93 -45.08
C PRO D 313 33.96 -34.65 -45.58
N ILE D 314 33.51 -33.50 -45.06
CA ILE D 314 34.13 -32.21 -45.41
C ILE D 314 34.70 -31.54 -44.16
N GLU D 315 35.76 -30.76 -44.36
CA GLU D 315 36.40 -30.05 -43.26
C GLU D 315 35.81 -28.67 -43.05
N ILE D 316 35.32 -28.40 -41.85
CA ILE D 316 34.76 -27.09 -41.52
C ILE D 316 35.72 -26.30 -40.64
N ASP D 317 36.12 -25.12 -41.12
CA ASP D 317 37.08 -24.27 -40.42
C ASP D 317 36.35 -23.22 -39.61
N PHE D 318 36.45 -23.30 -38.29
CA PHE D 318 35.81 -22.33 -37.41
C PHE D 318 36.75 -21.21 -36.97
N THR D 319 37.82 -21.01 -37.75
CA THR D 319 38.75 -19.92 -37.48
C THR D 319 38.15 -18.59 -37.93
N PRO D 320 37.97 -17.66 -36.99
CA PRO D 320 37.41 -16.35 -37.32
C PRO D 320 38.39 -15.48 -38.12
N PRO D 321 37.89 -14.47 -38.83
CA PRO D 321 36.47 -14.10 -38.88
C PRO D 321 35.69 -14.91 -39.92
N TYR D 322 34.37 -14.76 -39.92
CA TYR D 322 33.52 -15.47 -40.88
C TYR D 322 32.98 -14.50 -41.92
N PRO D 323 32.81 -14.98 -43.16
CA PRO D 323 32.33 -14.18 -44.29
C PRO D 323 30.94 -13.60 -44.07
N LYS D 324 30.72 -12.37 -44.53
CA LYS D 324 29.41 -11.74 -44.46
C LYS D 324 28.83 -11.55 -45.87
N VAL D 325 27.69 -12.19 -46.12
CA VAL D 325 27.04 -12.11 -47.42
C VAL D 325 25.69 -11.40 -47.30
N SER D 326 25.59 -10.23 -47.92
CA SER D 326 24.34 -9.47 -47.89
C SER D 326 23.31 -10.14 -48.81
N ILE D 327 22.17 -10.51 -48.22
CA ILE D 327 21.23 -11.42 -48.87
C ILE D 327 20.66 -10.89 -50.18
N VAL D 328 20.19 -9.65 -50.18
CA VAL D 328 19.62 -9.06 -51.38
C VAL D 328 20.69 -8.84 -52.44
N GLU D 329 21.77 -8.18 -52.04
CA GLU D 329 22.87 -7.88 -52.94
C GLU D 329 23.44 -9.13 -53.61
N GLU D 330 23.50 -10.23 -52.86
CA GLU D 330 24.04 -11.49 -53.39
C GLU D 330 23.03 -12.20 -54.28
N ILE D 331 21.75 -12.12 -53.94
CA ILE D 331 20.70 -12.72 -54.76
C ILE D 331 20.67 -12.08 -56.14
N GLU D 332 20.80 -10.76 -56.18
CA GLU D 332 20.83 -10.01 -57.44
C GLU D 332 22.03 -10.38 -58.28
N LYS D 333 23.21 -10.43 -57.66
CA LYS D 333 24.45 -10.72 -58.35
C LYS D 333 24.44 -12.12 -58.98
N VAL D 334 23.92 -13.09 -58.24
CA VAL D 334 23.87 -14.47 -58.72
C VAL D 334 22.89 -14.62 -59.88
N THR D 335 21.71 -14.02 -59.75
CA THR D 335 20.67 -14.13 -60.77
C THR D 335 20.78 -13.03 -61.82
N ASN D 336 21.69 -12.08 -61.59
CA ASN D 336 21.87 -10.94 -62.49
C ASN D 336 20.57 -10.18 -62.69
N THR D 337 19.83 -10.01 -61.60
CA THR D 337 18.54 -9.33 -61.62
C THR D 337 18.56 -8.14 -60.69
N ILE D 338 17.48 -7.35 -60.69
CA ILE D 338 17.39 -6.20 -59.80
C ILE D 338 16.06 -6.19 -59.05
N LEU D 339 16.13 -6.35 -57.74
CA LEU D 339 14.94 -6.34 -56.90
C LEU D 339 14.73 -4.97 -56.29
N GLU D 340 13.74 -4.24 -56.81
CA GLU D 340 13.48 -2.88 -56.35
C GLU D 340 12.46 -2.87 -55.21
N GLN D 341 12.54 -1.89 -54.33
CA GLN D 341 11.61 -1.76 -53.24
C GLN D 341 10.35 -1.01 -53.65
N PRO D 342 9.26 -1.18 -52.93
CA PRO D 342 9.20 -2.19 -51.85
C PRO D 342 9.26 -3.60 -52.42
N PHE D 343 9.69 -4.56 -51.60
CA PHE D 343 9.81 -5.95 -52.04
C PHE D 343 8.45 -6.62 -52.15
N ASP D 344 7.45 -6.05 -51.48
CA ASP D 344 6.10 -6.61 -51.50
C ASP D 344 5.24 -5.98 -52.61
N SER D 345 5.90 -5.35 -53.57
CA SER D 345 5.21 -4.80 -54.74
C SER D 345 4.95 -5.90 -55.75
N ASN D 346 3.88 -5.76 -56.53
CA ASN D 346 3.49 -6.77 -57.50
C ASN D 346 4.57 -7.00 -58.56
N GLU D 347 5.38 -5.97 -58.82
CA GLU D 347 6.45 -6.06 -59.80
C GLU D 347 7.63 -6.88 -59.28
N THR D 348 8.11 -6.52 -58.10
CA THR D 348 9.23 -7.24 -57.47
C THR D 348 8.87 -8.70 -57.23
N ILE D 349 7.70 -8.92 -56.61
CA ILE D 349 7.22 -10.27 -56.35
C ILE D 349 7.14 -11.09 -57.62
N GLU D 350 6.41 -10.58 -58.61
CA GLU D 350 6.23 -11.28 -59.88
C GLU D 350 7.56 -11.56 -60.55
N LYS D 351 8.53 -10.68 -60.32
CA LYS D 351 9.86 -10.87 -60.87
C LYS D 351 10.56 -12.05 -60.19
N MET D 352 10.49 -12.09 -58.87
CA MET D 352 11.13 -13.15 -58.08
C MET D 352 10.55 -14.50 -58.42
N ILE D 353 9.24 -14.58 -58.57
CA ILE D 353 8.57 -15.82 -58.90
C ILE D 353 9.10 -16.41 -60.21
N ASN D 354 9.29 -15.54 -61.20
CA ASN D 354 9.85 -15.96 -62.47
C ASN D 354 11.29 -16.43 -62.32
N ILE D 355 12.02 -15.80 -61.41
CA ILE D 355 13.36 -16.25 -61.05
C ILE D 355 13.31 -17.71 -60.61
N ILE D 356 12.30 -18.01 -59.80
CA ILE D 356 12.10 -19.36 -59.28
C ILE D 356 11.73 -20.34 -60.40
N LYS D 357 10.77 -19.94 -61.23
CA LYS D 357 10.30 -20.78 -62.31
C LYS D 357 11.39 -21.06 -63.33
N GLU D 358 12.32 -20.12 -63.48
CA GLU D 358 13.41 -20.27 -64.44
C GLU D 358 14.37 -21.40 -64.05
N HIS D 359 14.74 -21.44 -62.77
CA HIS D 359 15.74 -22.39 -62.30
C HIS D 359 15.11 -23.66 -61.76
N LYS D 360 13.80 -23.78 -61.92
CA LYS D 360 13.05 -24.98 -61.53
C LYS D 360 13.06 -25.20 -60.01
N ILE D 361 12.93 -24.12 -59.26
CA ILE D 361 12.76 -24.22 -57.82
C ILE D 361 11.26 -24.30 -57.51
N GLU D 362 10.90 -24.83 -56.35
CA GLU D 362 9.50 -24.94 -55.98
C GLU D 362 8.99 -23.70 -55.24
N LEU D 363 7.70 -23.41 -55.42
CA LEU D 363 7.11 -22.25 -54.80
C LEU D 363 6.83 -22.48 -53.32
N PRO D 364 7.27 -21.53 -52.52
CA PRO D 364 7.03 -21.52 -51.09
C PRO D 364 5.59 -21.16 -50.68
N ASN D 365 4.64 -22.07 -50.81
CA ASN D 365 3.28 -21.79 -50.37
C ASN D 365 3.27 -21.37 -48.91
N PRO D 366 2.82 -20.15 -48.65
CA PRO D 366 2.33 -19.28 -49.72
C PRO D 366 3.47 -18.46 -50.30
N PRO D 367 3.36 -18.00 -51.55
CA PRO D 367 4.53 -17.26 -52.07
C PRO D 367 4.65 -15.81 -51.63
N THR D 368 4.68 -15.63 -50.33
CA THR D 368 4.80 -14.32 -49.71
C THR D 368 6.15 -13.72 -50.09
N ALA D 369 6.27 -12.41 -49.94
CA ALA D 369 7.52 -11.72 -50.27
C ALA D 369 8.68 -12.31 -49.48
N ALA D 370 8.54 -12.33 -48.17
CA ALA D 370 9.58 -12.83 -47.27
C ALA D 370 9.97 -14.27 -47.61
N LYS D 371 8.97 -15.14 -47.78
CA LYS D 371 9.22 -16.54 -48.08
C LYS D 371 9.81 -16.73 -49.46
N LEU D 372 9.51 -15.82 -50.38
CA LEU D 372 10.13 -15.85 -51.70
C LEU D 372 11.61 -15.54 -51.57
N LEU D 373 11.91 -14.43 -50.91
CA LEU D 373 13.28 -14.05 -50.58
C LEU D 373 14.04 -15.22 -49.95
N ASP D 374 13.49 -15.72 -48.85
CA ASP D 374 14.11 -16.80 -48.08
C ASP D 374 14.43 -17.99 -48.96
N GLN D 375 13.47 -18.38 -49.79
CA GLN D 375 13.64 -19.50 -50.71
C GLN D 375 14.76 -19.24 -51.70
N LEU D 376 14.91 -17.97 -52.10
CA LEU D 376 15.96 -17.60 -53.04
C LEU D 376 17.33 -17.66 -52.38
N ALA D 377 17.43 -17.11 -51.17
CA ALA D 377 18.65 -17.19 -50.38
C ALA D 377 19.06 -18.65 -50.21
N SER D 378 18.07 -19.49 -49.90
CA SER D 378 18.30 -20.91 -49.70
C SER D 378 18.90 -21.57 -50.93
N HIS D 379 18.39 -21.20 -52.10
CA HIS D 379 18.80 -21.87 -53.33
C HIS D 379 20.13 -21.37 -53.85
N PHE D 380 20.38 -20.07 -53.73
CA PHE D 380 21.54 -19.46 -54.36
C PHE D 380 22.65 -19.06 -53.39
N ILE D 381 22.30 -18.90 -52.12
CA ILE D 381 23.27 -18.39 -51.15
C ILE D 381 23.63 -19.39 -50.05
N GLU D 382 22.61 -19.92 -49.39
CA GLU D 382 22.81 -20.68 -48.15
C GLU D 382 23.72 -21.90 -48.29
N ASN D 383 23.99 -22.32 -49.52
CA ASN D 383 24.90 -23.43 -49.77
C ASN D 383 26.22 -22.95 -50.37
N LYS D 384 26.45 -21.64 -50.30
CA LYS D 384 27.66 -21.02 -50.84
C LYS D 384 28.92 -21.58 -50.19
N TYR D 385 29.06 -21.37 -48.88
CA TYR D 385 30.20 -21.87 -48.13
C TYR D 385 29.82 -23.10 -47.31
N ASN D 386 30.68 -24.10 -47.31
CA ASN D 386 30.49 -25.29 -46.50
C ASN D 386 31.71 -25.58 -45.64
N ASP D 387 32.85 -25.04 -46.06
CA ASP D 387 34.11 -25.25 -45.37
C ASP D 387 34.27 -24.29 -44.19
N LYS D 388 33.37 -23.33 -44.10
CA LYS D 388 33.39 -22.37 -42.98
C LYS D 388 31.97 -21.98 -42.60
N PRO D 389 31.76 -21.63 -41.33
CA PRO D 389 30.50 -20.98 -40.98
C PRO D 389 30.48 -19.59 -41.61
N PHE D 390 29.31 -19.12 -42.03
CA PHE D 390 29.22 -17.78 -42.58
C PHE D 390 27.88 -17.13 -42.27
N PHE D 391 27.86 -15.80 -42.27
CA PHE D 391 26.65 -15.06 -41.96
C PHE D 391 25.94 -14.61 -43.22
N ILE D 392 24.62 -14.62 -43.18
CA ILE D 392 23.82 -13.93 -44.17
C ILE D 392 23.24 -12.71 -43.46
N VAL D 393 23.52 -11.52 -43.98
CA VAL D 393 23.22 -10.29 -43.26
C VAL D 393 22.34 -9.31 -44.03
N GLU D 394 21.83 -8.32 -43.30
CA GLU D 394 21.08 -7.22 -43.89
C GLU D 394 19.82 -7.67 -44.61
N HIS D 395 19.04 -8.52 -43.93
CA HIS D 395 17.75 -8.95 -44.44
C HIS D 395 16.83 -7.75 -44.63
N PRO D 396 15.93 -7.83 -45.63
CA PRO D 396 14.90 -6.82 -45.82
C PRO D 396 13.96 -6.74 -44.61
N GLN D 397 13.37 -5.57 -44.38
CA GLN D 397 12.56 -5.32 -43.19
C GLN D 397 11.31 -6.20 -43.11
N ILE D 398 10.78 -6.59 -44.27
CA ILE D 398 9.56 -7.40 -44.29
C ILE D 398 9.86 -8.86 -43.95
N MET D 399 11.14 -9.21 -43.89
CA MET D 399 11.54 -10.52 -43.39
C MET D 399 11.74 -10.44 -41.89
N SER D 400 11.89 -9.22 -41.39
CA SER D 400 12.35 -9.01 -40.03
C SER D 400 11.54 -7.95 -39.30
N PRO D 401 10.29 -8.28 -38.94
CA PRO D 401 9.35 -7.39 -38.27
C PRO D 401 9.80 -6.94 -36.88
N LEU D 402 10.88 -7.53 -36.36
CA LEU D 402 11.34 -7.19 -35.02
C LEU D 402 12.77 -6.64 -35.03
N ALA D 403 13.41 -6.69 -36.19
CA ALA D 403 14.76 -6.16 -36.35
C ALA D 403 14.73 -4.67 -36.64
N LYS D 404 15.68 -3.93 -36.06
CA LYS D 404 15.79 -2.50 -36.27
C LYS D 404 16.23 -2.18 -37.69
N TYR D 405 15.76 -1.04 -38.20
CA TYR D 405 16.08 -0.64 -39.58
C TYR D 405 17.57 -0.33 -39.72
N HIS D 406 18.13 -0.73 -40.87
CA HIS D 406 19.53 -0.49 -41.18
C HIS D 406 19.84 1.00 -41.16
N ARG D 407 20.93 1.38 -40.52
CA ARG D 407 21.26 2.78 -40.29
C ARG D 407 21.69 3.54 -41.55
N THR D 408 21.93 2.82 -42.64
CA THR D 408 22.33 3.46 -43.89
C THR D 408 21.71 2.87 -45.16
N LYS D 409 21.24 1.63 -45.06
CA LYS D 409 20.56 0.98 -46.18
C LYS D 409 19.06 0.88 -45.90
N PRO D 410 18.28 1.81 -46.45
CA PRO D 410 16.82 1.80 -46.26
C PRO D 410 16.20 0.54 -46.84
N GLY D 411 15.11 0.07 -46.22
CA GLY D 411 14.45 -1.12 -46.68
C GLY D 411 15.04 -2.40 -46.10
N LEU D 412 16.23 -2.30 -45.54
CA LEU D 412 16.90 -3.45 -44.95
C LEU D 412 16.94 -3.34 -43.42
N THR D 413 17.48 -4.37 -42.78
CA THR D 413 17.62 -4.39 -41.32
C THR D 413 19.01 -4.88 -40.91
N GLU D 414 19.34 -4.72 -39.64
CA GLU D 414 20.65 -5.14 -39.12
C GLU D 414 20.59 -6.52 -38.47
N ARG D 415 20.36 -7.55 -39.29
CA ARG D 415 20.09 -8.90 -38.81
C ARG D 415 21.14 -9.90 -39.33
N LEU D 416 21.51 -10.85 -38.48
CA LEU D 416 22.48 -11.87 -38.87
C LEU D 416 21.99 -13.30 -38.64
N GLU D 417 22.13 -14.14 -39.67
CA GLU D 417 21.80 -15.55 -39.57
C GLU D 417 23.05 -16.34 -39.93
N MET D 418 23.60 -17.08 -38.97
CA MET D 418 24.79 -17.86 -39.24
C MET D 418 24.42 -19.24 -39.75
N PHE D 419 25.18 -19.70 -40.75
CA PHE D 419 24.94 -21.01 -41.32
C PHE D 419 26.15 -21.92 -41.17
N ILE D 420 25.88 -23.18 -40.86
CA ILE D 420 26.88 -24.23 -40.92
C ILE D 420 26.34 -25.31 -41.85
N CYS D 421 27.08 -25.60 -42.91
CA CYS D 421 26.64 -26.57 -43.90
C CYS D 421 25.23 -26.29 -44.39
N GLY D 422 24.95 -25.02 -44.67
CA GLY D 422 23.65 -24.64 -45.19
C GLY D 422 22.52 -24.83 -44.20
N LYS D 423 22.86 -24.85 -42.92
CA LYS D 423 21.86 -24.97 -41.86
C LYS D 423 21.96 -23.80 -40.90
N GLU D 424 20.83 -23.12 -40.69
CA GLU D 424 20.79 -21.96 -39.81
C GLU D 424 20.92 -22.37 -38.34
N VAL D 425 21.97 -21.89 -37.67
CA VAL D 425 22.20 -22.22 -36.27
C VAL D 425 22.14 -20.98 -35.37
N LEU D 426 22.18 -19.81 -35.97
CA LEU D 426 22.18 -18.56 -35.20
C LEU D 426 21.39 -17.48 -35.93
N ASN D 427 20.62 -16.71 -35.17
CA ASN D 427 19.82 -15.62 -35.72
C ASN D 427 19.80 -14.43 -34.76
N ALA D 428 20.46 -13.35 -35.14
CA ALA D 428 20.53 -12.19 -34.27
C ALA D 428 20.36 -10.89 -35.04
N TYR D 429 20.10 -9.80 -34.30
CA TYR D 429 19.97 -8.48 -34.90
C TYR D 429 19.81 -7.39 -33.87
N THR D 430 20.02 -6.15 -34.30
CA THR D 430 19.74 -5.00 -33.47
C THR D 430 18.23 -4.93 -33.25
N GLU D 431 17.82 -4.76 -32.00
CA GLU D 431 16.41 -4.81 -31.67
C GLU D 431 15.69 -3.52 -32.04
N LEU D 432 14.58 -3.67 -32.76
CA LEU D 432 13.67 -2.55 -32.99
C LEU D 432 13.16 -2.06 -31.63
N ASN D 433 13.46 -0.82 -31.30
CA ASN D 433 13.08 -0.29 -30.00
C ASN D 433 12.15 0.92 -30.08
N ASP D 434 11.86 1.36 -31.30
CA ASP D 434 10.95 2.48 -31.50
C ASP D 434 9.52 1.98 -31.70
N PRO D 435 8.69 2.13 -30.66
CA PRO D 435 7.33 1.58 -30.64
C PRO D 435 6.51 2.06 -31.84
N PHE D 436 6.81 3.25 -32.32
CA PHE D 436 6.11 3.82 -33.46
C PHE D 436 6.45 3.08 -34.75
N LYS D 437 7.70 2.63 -34.88
CA LYS D 437 8.13 1.95 -36.10
C LYS D 437 7.62 0.52 -36.18
N GLN D 438 7.17 -0.02 -35.05
CA GLN D 438 6.56 -1.34 -35.04
C GLN D 438 5.10 -1.23 -35.48
N LYS D 439 4.89 -1.27 -36.79
CA LYS D 439 3.59 -0.97 -37.38
C LYS D 439 2.49 -1.93 -36.90
N GLU D 440 2.88 -3.11 -36.43
CA GLU D 440 1.93 -4.06 -35.90
C GLU D 440 1.37 -3.56 -34.56
N CYS D 441 2.10 -2.64 -33.92
CA CYS D 441 1.64 -2.01 -32.69
C CYS D 441 0.72 -0.83 -32.99
N PHE D 442 0.69 -0.42 -34.26
CA PHE D 442 -0.16 0.67 -34.70
C PHE D 442 -1.56 0.17 -35.06
N LEU D 459 2.35 -10.86 -32.14
CA LEU D 459 2.62 -9.87 -31.09
C LEU D 459 1.36 -9.55 -30.30
N ASP D 460 1.54 -9.14 -29.05
CA ASP D 460 0.42 -8.84 -28.18
C ASP D 460 0.54 -7.43 -27.59
N SER D 461 -0.53 -6.98 -26.95
CA SER D 461 -0.56 -5.64 -26.36
C SER D 461 0.49 -5.47 -25.26
N ALA D 462 0.66 -6.50 -24.44
CA ALA D 462 1.52 -6.43 -23.27
C ALA D 462 2.97 -6.10 -23.61
N PHE D 463 3.44 -6.66 -24.73
CA PHE D 463 4.79 -6.41 -25.18
C PHE D 463 4.92 -4.98 -25.72
N CYS D 464 4.01 -4.62 -26.62
CA CYS D 464 4.00 -3.28 -27.20
C CYS D 464 3.99 -2.21 -26.11
N THR D 465 3.13 -2.39 -25.12
CA THR D 465 3.07 -1.46 -24.00
C THR D 465 4.42 -1.36 -23.31
N SER D 466 5.11 -2.49 -23.20
CA SER D 466 6.42 -2.52 -22.55
C SER D 466 7.40 -1.61 -23.29
N LEU D 467 7.39 -1.68 -24.62
CA LEU D 467 8.22 -0.81 -25.44
C LEU D 467 7.93 0.66 -25.14
N GLU D 468 6.64 1.00 -25.09
CA GLU D 468 6.22 2.37 -24.83
C GLU D 468 6.72 2.88 -23.48
N TYR D 469 7.38 2.01 -22.73
CA TYR D 469 8.03 2.42 -21.47
C TYR D 469 9.52 2.60 -21.71
N GLY D 470 9.95 2.30 -22.93
CA GLY D 470 11.33 2.53 -23.31
C GLY D 470 12.20 1.30 -23.29
N LEU D 471 12.42 0.74 -24.47
CA LEU D 471 13.40 -0.32 -24.65
C LEU D 471 14.71 0.32 -25.10
N PRO D 472 15.73 0.28 -24.22
CA PRO D 472 17.04 0.85 -24.58
C PRO D 472 17.60 0.17 -25.81
N PRO D 473 18.53 0.83 -26.52
CA PRO D 473 19.15 0.21 -27.69
C PRO D 473 19.75 -1.14 -27.32
N THR D 474 19.33 -2.20 -28.00
CA THR D 474 19.66 -3.54 -27.59
C THR D 474 20.00 -4.45 -28.76
N GLY D 475 20.91 -5.39 -28.52
CA GLY D 475 21.21 -6.44 -29.47
C GLY D 475 20.76 -7.76 -28.90
N GLY D 476 20.07 -8.56 -29.71
CA GLY D 476 19.55 -9.83 -29.25
C GLY D 476 19.98 -10.97 -30.17
N LEU D 477 20.10 -12.16 -29.61
CA LEU D 477 20.62 -13.29 -30.37
C LEU D 477 20.00 -14.62 -29.93
N GLY D 478 19.80 -15.51 -30.90
CA GLY D 478 19.25 -16.82 -30.63
C GLY D 478 20.07 -17.95 -31.27
N LEU D 479 20.23 -19.04 -30.53
CA LEU D 479 21.01 -20.18 -31.01
C LEU D 479 20.19 -21.46 -31.13
N GLY D 480 20.40 -22.19 -32.22
CA GLY D 480 19.79 -23.50 -32.38
C GLY D 480 20.68 -24.57 -31.76
N ILE D 481 20.50 -24.80 -30.46
CA ILE D 481 21.35 -25.72 -29.70
C ILE D 481 21.46 -27.12 -30.30
N ASP D 482 20.31 -27.73 -30.60
CA ASP D 482 20.29 -29.07 -31.16
C ASP D 482 21.07 -29.15 -32.47
N ARG D 483 20.88 -28.16 -33.34
CA ARG D 483 21.55 -28.14 -34.63
C ARG D 483 23.06 -28.01 -34.48
N ILE D 484 23.48 -27.16 -33.55
CA ILE D 484 24.90 -26.98 -33.29
C ILE D 484 25.53 -28.27 -32.79
N THR D 485 24.83 -28.95 -31.90
CA THR D 485 25.29 -30.22 -31.36
C THR D 485 25.49 -31.25 -32.48
N MET D 486 24.56 -31.27 -33.42
CA MET D 486 24.64 -32.14 -34.59
C MET D 486 25.98 -32.01 -35.32
N PHE D 487 26.42 -30.78 -35.53
CA PHE D 487 27.67 -30.54 -36.24
C PHE D 487 28.89 -30.87 -35.39
N LEU D 488 28.75 -30.70 -34.07
CA LEU D 488 29.88 -30.93 -33.19
C LEU D 488 29.96 -32.38 -32.73
N THR D 489 28.99 -33.19 -33.15
CA THR D 489 28.99 -34.62 -32.85
C THR D 489 28.82 -35.44 -34.13
N ASN D 490 28.93 -34.75 -35.28
CA ASN D 490 28.86 -35.38 -36.59
C ASN D 490 27.60 -36.20 -36.79
N LYS D 491 26.45 -35.57 -36.63
CA LYS D 491 25.18 -36.25 -36.84
C LYS D 491 24.40 -35.57 -37.97
N ASN D 492 23.64 -36.38 -38.71
CA ASN D 492 22.88 -35.87 -39.84
C ASN D 492 21.41 -35.64 -39.51
N SER D 493 20.97 -36.20 -38.38
CA SER D 493 19.60 -36.03 -37.95
C SER D 493 19.53 -35.40 -36.56
N ILE D 494 18.58 -34.49 -36.38
CA ILE D 494 18.37 -33.86 -35.10
C ILE D 494 17.90 -34.89 -34.06
N LYS D 495 17.30 -35.98 -34.55
CA LYS D 495 16.89 -37.08 -33.68
C LYS D 495 18.07 -37.77 -33.02
N ASP D 496 19.26 -37.60 -33.59
CA ASP D 496 20.47 -38.23 -33.05
C ASP D 496 21.04 -37.49 -31.84
N VAL D 497 20.64 -36.23 -31.65
CA VAL D 497 21.17 -35.42 -30.56
C VAL D 497 20.11 -35.10 -29.51
N ILE D 498 18.91 -35.63 -29.71
CA ILE D 498 17.84 -35.53 -28.73
C ILE D 498 17.57 -36.91 -28.13
N LEU D 499 17.57 -37.01 -26.81
CA LEU D 499 17.40 -38.30 -26.13
C LEU D 499 16.10 -39.00 -26.53
N PHE D 500 14.97 -38.34 -26.35
CA PHE D 500 13.68 -38.94 -26.70
C PHE D 500 12.94 -38.10 -27.73
N PRO D 501 13.41 -38.11 -28.97
CA PRO D 501 12.76 -37.37 -30.05
C PRO D 501 11.31 -37.82 -30.20
N THR D 502 10.42 -36.89 -30.54
CA THR D 502 9.01 -37.22 -30.69
C THR D 502 8.81 -38.13 -31.89
N MET D 503 8.16 -39.26 -31.67
CA MET D 503 8.00 -40.27 -32.71
C MET D 503 6.53 -40.59 -32.96
N ARG D 504 6.25 -41.09 -34.17
CA ARG D 504 4.95 -41.68 -34.46
C ARG D 504 4.90 -43.06 -33.83
N PRO D 505 3.81 -43.37 -33.10
CA PRO D 505 3.68 -44.64 -32.36
C PRO D 505 3.89 -45.87 -33.22
N LYS E . -25.83 13.37 25.21
CA LYS E . -26.31 13.48 26.57
C LYS E . -27.39 14.55 26.70
O LYS E . -27.60 15.28 25.67
CB LYS E . -25.15 13.79 27.52
CG LYS E . -24.15 12.66 27.67
CD LYS E . -24.65 11.58 28.63
CE LYS E . -23.62 10.49 28.84
NZ LYS E . -23.41 9.68 27.60
OXT LYS E . -27.99 14.64 27.82
O4 KRS F . -29.39 24.52 27.88
C8 KRS F . -29.88 23.43 27.78
C9 KRS F . -31.03 23.14 26.97
C5 KRS F . -31.56 21.86 26.93
C4 KRS F . -32.66 21.61 26.14
C3 KRS F . -33.20 22.64 25.38
O2 KRS F . -34.28 22.35 24.61
C2 KRS F . -32.68 23.89 25.41
C1 KRS F . -31.61 24.15 26.19
O1 KRS F . -31.12 25.41 26.19
O3 KRS F . -29.41 22.48 28.60
C7 KRS F . -29.55 21.07 28.24
C6 KRS F . -30.95 20.77 27.76
C10 KRS F . -29.17 20.28 29.46
C11 KRS F . -27.72 20.38 29.84
O5 KRS F . -26.88 20.06 28.74
C12 KRS F . -26.89 18.68 28.38
C16 KRS F . -25.96 18.55 27.20
C13 KRS F . -26.46 17.83 29.54
C14 KRS F . -27.34 18.08 30.72
C15 KRS F . -27.37 19.54 31.05
H1 KRS F . -33.02 20.76 26.11
H2 KRS F . -34.81 22.97 24.65
H3 KRS F . -33.06 24.57 24.89
H4 KRS F . -31.70 25.93 26.41
H5 KRS F . -28.92 20.86 27.51
H6 KRS F . -30.93 19.95 27.24
H7 KRS F . -31.51 20.61 28.53
H8 KRS F . -29.70 20.60 30.21
H9 KRS F . -29.39 19.35 29.32
H10 KRS F . -27.55 21.31 30.06
H11 KRS F . -27.79 18.43 28.10
H12 KRS F . -26.48 18.51 26.39
H13 KRS F . -25.45 17.75 27.29
H14 KRS F . -25.38 19.31 27.17
H15 KRS F . -26.50 16.90 29.29
H16 KRS F . -25.55 18.04 29.78
H17 KRS F . -27.02 17.57 31.49
H18 KRS F . -28.24 17.77 30.53
H19 KRS F . -26.50 19.81 31.39
H20 KRS F . -28.02 19.71 31.76
N LYS G . -17.78 35.42 4.88
CA LYS G . -16.62 35.25 4.01
C LYS G . -16.69 33.91 3.26
O LYS G . -15.77 33.69 2.41
CB LYS G . -15.33 35.34 4.82
CG LYS G . -15.06 36.72 5.40
CD LYS G . -14.67 37.71 4.33
CE LYS G . -14.27 39.05 4.92
NZ LYS G . -15.43 39.74 5.54
OXT LYS G . -17.65 33.12 3.55
O4 KRS H . -14.64 23.98 2.31
C8 KRS H . -15.20 24.91 1.77
C9 KRS H . -16.51 24.79 1.18
C5 KRS H . -17.08 25.89 0.57
C4 KRS H . -18.34 25.77 0.01
C3 KRS H . -18.99 24.56 0.07
O2 KRS H . -20.22 24.47 -0.48
C2 KRS H . -18.43 23.47 0.68
C1 KRS H . -17.21 23.60 1.23
O1 KRS H . -16.68 22.49 1.84
O3 KRS H . -14.51 26.03 1.63
C7 KRS H . -15.20 27.32 1.50
C6 KRS H . -16.34 27.20 0.50
C10 KRS H . -14.16 28.31 1.08
C11 KRS H . -13.09 28.56 2.11
O5 KRS H . -13.65 28.85 3.38
C12 KRS H . -14.29 30.11 3.48
C16 KRS H . -14.82 30.21 4.87
C13 KRS H . -13.31 31.21 3.14
C14 KRS H . -12.72 31.01 1.78
C15 KRS H . -12.11 29.64 1.69
H1 KRS H . -18.73 26.49 -0.41
H2 KRS H . -20.30 23.74 -0.86
H3 KRS H . -18.89 22.66 0.72
H4 KRS H . -16.45 21.95 1.26
H5 KRS H . -15.56 27.58 2.36
H6 KRS H . -16.96 27.92 0.66
H7 KRS H . -15.98 27.31 -0.38
H8 KRS H . -13.74 28.01 0.26
H9 KRS H . -14.60 29.16 0.89
H10 KRS H . -12.59 27.73 2.20
H11 KRS H . -15.03 30.15 2.85
H12 KRS H . -15.77 30.05 4.86
H13 KRS H . -14.65 31.09 5.22
H14 KRS H . -14.39 29.56 5.43
H15 KRS H . -13.77 32.07 3.17
H16 KRS H . -12.60 31.22 3.81
H17 KRS H . -12.05 31.68 1.61
H18 KRS H . -13.42 31.10 1.11
H19 KRS H . -11.33 29.60 2.26
H20 KRS H . -11.82 29.48 0.78
N LYS I . 8.29 -37.15 -9.66
CA LYS I . 8.15 -36.79 -8.24
C LYS I . 7.13 -35.68 -8.06
O LYS I . 6.33 -35.45 -9.03
CB LYS I . 9.50 -36.38 -7.65
CG LYS I . 10.53 -37.50 -7.59
CD LYS I . 10.13 -38.54 -6.55
CE LYS I . 11.11 -39.71 -6.55
NZ LYS I . 11.02 -40.52 -7.78
OXT LYS I . 7.15 -35.06 -6.94
O4 KRS J . 5.21 -25.53 -6.52
C8 KRS J . 4.80 -26.67 -6.64
C9 KRS J . 3.64 -27.04 -7.41
C5 KRS J . 3.08 -28.29 -7.29
C4 KRS J . 1.97 -28.63 -8.02
C3 KRS J . 1.42 -27.71 -8.89
O2 KRS J . 0.33 -28.06 -9.61
C2 KRS J . 1.97 -26.47 -9.03
C1 KRS J . 3.06 -26.14 -8.31
O1 KRS J . 3.55 -24.88 -8.49
O3 KRS J . 5.37 -27.58 -5.86
C7 KRS J . 5.17 -28.98 -6.19
C6 KRS J . 3.71 -29.25 -6.33
C10 KRS J . 5.86 -29.78 -5.10
C11 KRS J . 7.35 -29.76 -5.17
O5 KRS J . 7.85 -30.13 -6.45
C12 KRS J . 7.77 -31.53 -6.75
C16 KRS J . 8.30 -31.69 -8.13
C13 KRS J . 8.53 -32.31 -5.73
C14 KRS J . 7.98 -32.06 -4.36
C15 KRS J . 8.02 -30.58 -4.07
H1 KRS J . 1.59 -29.48 -7.93
H2 KRS J . -0.24 -28.37 -9.10
H3 KRS J . 1.59 -25.85 -9.62
H4 KRS J . 3.28 -24.40 -7.90
H5 KRS J . 5.61 -29.18 -7.05
H6 KRS J . 3.57 -30.17 -6.65
H7 KRS J . 3.28 -29.17 -5.45
H8 KRS J . 5.58 -29.42 -4.25
H9 KRS J . 5.56 -30.69 -5.16
H10 KRS J . 7.64 -28.83 -5.03
H11 KRS J . 6.83 -31.80 -6.73
H12 KRS J . 7.58 -31.58 -8.76
H13 KRS J . 8.67 -32.57 -8.22
H14 KRS J . 8.98 -31.04 -8.29
H15 KRS J . 8.49 -33.25 -5.93
H16 KRS J . 9.47 -32.04 -5.76
H17 KRS J . 8.51 -32.54 -3.71
H18 KRS J . 7.07 -32.38 -4.33
H19 KRS J . 8.94 -30.31 -3.96
H20 KRS J . 7.56 -30.42 -3.23
N LYS K . 13.49 -15.57 -31.69
CA LYS K . 14.38 -15.61 -32.85
C LYS K . 14.16 -16.87 -33.67
O LYS K . 14.87 -17.02 -34.72
CB LYS K . 15.84 -15.54 -32.39
CG LYS K . 16.23 -14.19 -31.80
CD LYS K . 16.27 -13.11 -32.86
CE LYS K . 16.94 -11.84 -32.33
NZ LYS K . 16.08 -11.14 -31.33
OXT LYS K . 13.27 -17.69 -33.24
O4 KRS L . 16.13 -26.68 -34.42
C8 KRS L . 15.48 -25.73 -34.84
C9 KRS L . 14.10 -25.82 -35.21
C5 KRS L . 13.44 -24.70 -35.70
C4 KRS L . 12.11 -24.81 -36.05
C3 KRS L . 11.47 -26.01 -35.89
O2 KRS L . 10.16 -26.08 -36.24
C2 KRS L . 12.10 -27.12 -35.41
C1 KRS L . 13.40 -27.03 -35.06
O1 KRS L . 14.02 -28.14 -34.58
O3 KRS L . 16.15 -24.61 -35.07
C7 KRS L . 15.46 -23.32 -35.06
C6 KRS L . 14.19 -23.41 -35.85
C10 KRS L . 16.43 -22.32 -35.62
C11 KRS L . 17.63 -22.08 -34.76
O5 KRS L . 17.25 -21.71 -33.43
C12 KRS L . 16.68 -20.41 -33.32
C16 KRS L . 16.33 -20.23 -31.88
C13 KRS L . 17.63 -19.37 -33.83
C14 KRS L . 18.03 -19.65 -35.25
C15 KRS L . 18.58 -21.04 -35.36
H1 KRS L . 11.66 -24.08 -36.38
H2 KRS L . 10.06 -25.79 -37.00
H3 KRS L . 11.65 -27.92 -35.31
H4 KRS L . 14.63 -28.35 -35.08
H5 KRS L . 15.25 -23.08 -34.14
H6 KRS L . 13.60 -22.68 -35.57
H7 KRS L . 14.39 -23.28 -36.79
H8 KRS L . 16.74 -22.63 -36.49
H9 KRS L . 15.97 -21.48 -35.76
H10 KRS L . 18.13 -22.92 -34.69
H11 KRS L . 15.86 -20.39 -33.85
H12 KRS L . 15.40 -20.43 -31.75
H13 KRS L . 16.52 -19.32 -31.62
H14 KRS L . 16.86 -20.83 -31.35
H15 KRS L . 17.21 -18.50 -33.78
H16 KRS L . 18.42 -19.36 -33.27
H17 KRS L . 18.70 -19.01 -35.53
H18 KRS L . 17.26 -19.56 -35.83
H19 KRS L . 19.44 -21.08 -34.89
H20 KRS L . 18.75 -21.25 -36.28
#